data_2B06
# 
_entry.id   2B06 
# 
_audit_conform.dict_name       mmcif_pdbx.dic 
_audit_conform.dict_version    5.387 
_audit_conform.dict_location   http://mmcif.pdb.org/dictionaries/ascii/mmcif_pdbx.dic 
# 
loop_
_database_2.database_id 
_database_2.database_code 
_database_2.pdbx_database_accession 
_database_2.pdbx_DOI 
PDB   2B06         pdb_00002b06 10.2210/pdb2b06/pdb 
RCSB  RCSB034510   ?            ?                   
WWPDB D_1000034510 ?            ?                   
# 
loop_
_pdbx_audit_revision_history.ordinal 
_pdbx_audit_revision_history.data_content_type 
_pdbx_audit_revision_history.major_revision 
_pdbx_audit_revision_history.minor_revision 
_pdbx_audit_revision_history.revision_date 
1 'Structure model' 1 0 2006-01-10 
2 'Structure model' 1 1 2008-05-01 
3 'Structure model' 1 2 2011-07-13 
4 'Structure model' 1 3 2024-02-14 
# 
_pdbx_audit_revision_details.ordinal             1 
_pdbx_audit_revision_details.revision_ordinal    1 
_pdbx_audit_revision_details.data_content_type   'Structure model' 
_pdbx_audit_revision_details.provider            repository 
_pdbx_audit_revision_details.type                'Initial release' 
_pdbx_audit_revision_details.description         ? 
_pdbx_audit_revision_details.details             ? 
# 
loop_
_pdbx_audit_revision_group.ordinal 
_pdbx_audit_revision_group.revision_ordinal 
_pdbx_audit_revision_group.data_content_type 
_pdbx_audit_revision_group.group 
1 2 'Structure model' 'Version format compliance' 
2 3 'Structure model' Advisory                    
3 3 'Structure model' 'Version format compliance' 
4 4 'Structure model' 'Data collection'           
5 4 'Structure model' 'Database references'       
6 4 'Structure model' 'Derived calculations'      
# 
loop_
_pdbx_audit_revision_category.ordinal 
_pdbx_audit_revision_category.revision_ordinal 
_pdbx_audit_revision_category.data_content_type 
_pdbx_audit_revision_category.category 
1 4 'Structure model' chem_comp_atom               
2 4 'Structure model' chem_comp_bond               
3 4 'Structure model' database_2                   
4 4 'Structure model' pdbx_struct_conn_angle       
5 4 'Structure model' pdbx_struct_special_symmetry 
6 4 'Structure model' struct_conn                  
7 4 'Structure model' struct_site                  
# 
loop_
_pdbx_audit_revision_item.ordinal 
_pdbx_audit_revision_item.revision_ordinal 
_pdbx_audit_revision_item.data_content_type 
_pdbx_audit_revision_item.item 
1  4 'Structure model' '_database_2.pdbx_DOI'                        
2  4 'Structure model' '_database_2.pdbx_database_accession'         
3  4 'Structure model' '_pdbx_struct_conn_angle.ptnr1_auth_comp_id'  
4  4 'Structure model' '_pdbx_struct_conn_angle.ptnr1_auth_seq_id'   
5  4 'Structure model' '_pdbx_struct_conn_angle.ptnr1_label_asym_id' 
6  4 'Structure model' '_pdbx_struct_conn_angle.ptnr1_label_atom_id' 
7  4 'Structure model' '_pdbx_struct_conn_angle.ptnr1_label_comp_id' 
8  4 'Structure model' '_pdbx_struct_conn_angle.ptnr1_label_seq_id'  
9  4 'Structure model' '_pdbx_struct_conn_angle.ptnr3_auth_comp_id'  
10 4 'Structure model' '_pdbx_struct_conn_angle.ptnr3_auth_seq_id'   
11 4 'Structure model' '_pdbx_struct_conn_angle.ptnr3_label_asym_id' 
12 4 'Structure model' '_pdbx_struct_conn_angle.ptnr3_label_atom_id' 
13 4 'Structure model' '_pdbx_struct_conn_angle.ptnr3_label_comp_id' 
14 4 'Structure model' '_pdbx_struct_conn_angle.ptnr3_label_seq_id'  
15 4 'Structure model' '_pdbx_struct_conn_angle.value'               
16 4 'Structure model' '_struct_conn.pdbx_dist_value'                
17 4 'Structure model' '_struct_conn.ptnr1_auth_comp_id'             
18 4 'Structure model' '_struct_conn.ptnr1_auth_seq_id'              
19 4 'Structure model' '_struct_conn.ptnr1_label_asym_id'            
20 4 'Structure model' '_struct_conn.ptnr1_label_atom_id'            
21 4 'Structure model' '_struct_conn.ptnr1_label_comp_id'            
22 4 'Structure model' '_struct_conn.ptnr1_label_seq_id'             
23 4 'Structure model' '_struct_conn.ptnr2_auth_comp_id'             
24 4 'Structure model' '_struct_conn.ptnr2_auth_seq_id'              
25 4 'Structure model' '_struct_conn.ptnr2_label_asym_id'            
26 4 'Structure model' '_struct_conn.ptnr2_label_atom_id'            
27 4 'Structure model' '_struct_conn.ptnr2_label_comp_id'            
28 4 'Structure model' '_struct_conn.ptnr2_label_seq_id'             
29 4 'Structure model' '_struct_site.pdbx_auth_asym_id'              
30 4 'Structure model' '_struct_site.pdbx_auth_comp_id'              
31 4 'Structure model' '_struct_site.pdbx_auth_seq_id'               
# 
_pdbx_database_status.status_code                     REL 
_pdbx_database_status.entry_id                        2B06 
_pdbx_database_status.recvd_initial_deposition_date   2005-09-13 
_pdbx_database_status.deposit_site                    RCSB 
_pdbx_database_status.process_site                    RCSB 
_pdbx_database_status.status_code_sf                  REL 
_pdbx_database_status.status_code_mr                  ? 
_pdbx_database_status.SG_entry                        Y 
_pdbx_database_status.pdb_format_compatible           Y 
_pdbx_database_status.status_code_cs                  ? 
_pdbx_database_status.status_code_nmr_data            ? 
_pdbx_database_status.methods_development_category    ? 
# 
_pdbx_database_related.db_name        TargetDB 
_pdbx_database_related.db_id          APC80455 
_pdbx_database_related.details        . 
_pdbx_database_related.content_type   unspecified 
# 
loop_
_audit_author.name 
_audit_author.pdbx_ordinal 
'Zhang, R.'                                     1 
'Zhou, M.'                                      2 
'Abdullah, J.'                                  3 
'Collart, F.'                                   4 
'Joachimiak, A.'                                5 
'Midwest Center for Structural Genomics (MCSG)' 6 
# 
_citation.id                        primary 
_citation.title                     'The 1.4 A crystal structure of the MutT/nudix family protein from Streptococcus pneumoniae' 
_citation.journal_abbrev            'To be Published' 
_citation.journal_volume            ? 
_citation.page_first                ? 
_citation.page_last                 ? 
_citation.year                      ? 
_citation.journal_id_ASTM           ? 
_citation.country                   ? 
_citation.journal_id_ISSN           ? 
_citation.journal_id_CSD            0353 
_citation.book_publisher            ? 
_citation.pdbx_database_id_PubMed   ? 
_citation.pdbx_database_id_DOI      ? 
# 
loop_
_citation_author.citation_id 
_citation_author.name 
_citation_author.ordinal 
_citation_author.identifier_ORCID 
primary 'Zhang, R.'      1 ? 
primary 'Zhou, M.'       2 ? 
primary 'Abdullah, J.'   3 ? 
primary 'Collart, F.'    4 ? 
primary 'Joachimiak, A.' 5 ? 
# 
loop_
_entity.id 
_entity.type 
_entity.src_method 
_entity.pdbx_description 
_entity.formula_weight 
_entity.pdbx_number_of_molecules 
_entity.pdbx_ec 
_entity.pdbx_mutation 
_entity.pdbx_fragment 
_entity.details 
1 polymer     man 'MutT/nudix family protein' 18012.203 1   ? ? ? ? 
2 non-polymer syn 'MAGNESIUM ION'             24.305    1   ? ? ? ? 
3 water       nat water                       18.015    227 ? ? ? ? 
# 
_entity_poly.entity_id                      1 
_entity_poly.type                           'polypeptide(L)' 
_entity_poly.nstd_linkage                   no 
_entity_poly.nstd_monomer                   no 
_entity_poly.pdbx_seq_one_letter_code       
;MSRSQLTILTNICLIEDLETQRVVMQYRAPENNRWSGYAFPGGHVENDEAFAESVIREIYEETGLTIQNPQLVGIKNWPL
DTGGRYIVICYKATEFSGTLQSSEEGEVSWVQKDQIPNLNLAYDMLPLMEMMEAPDKSEFFYPRRTEDDWEKKIF
;
_entity_poly.pdbx_seq_one_letter_code_can   
;MSRSQLTILTNICLIEDLETQRVVMQYRAPENNRWSGYAFPGGHVENDEAFAESVIREIYEETGLTIQNPQLVGIKNWPL
DTGGRYIVICYKATEFSGTLQSSEEGEVSWVQKDQIPNLNLAYDMLPLMEMMEAPDKSEFFYPRRTEDDWEKKIF
;
_entity_poly.pdbx_strand_id                 A 
_entity_poly.pdbx_target_identifier         APC80455 
# 
loop_
_pdbx_entity_nonpoly.entity_id 
_pdbx_entity_nonpoly.name 
_pdbx_entity_nonpoly.comp_id 
2 'MAGNESIUM ION' MG  
3 water           HOH 
# 
loop_
_entity_poly_seq.entity_id 
_entity_poly_seq.num 
_entity_poly_seq.mon_id 
_entity_poly_seq.hetero 
1 1   MET n 
1 2   SER n 
1 3   ARG n 
1 4   SER n 
1 5   GLN n 
1 6   LEU n 
1 7   THR n 
1 8   ILE n 
1 9   LEU n 
1 10  THR n 
1 11  ASN n 
1 12  ILE n 
1 13  CYS n 
1 14  LEU n 
1 15  ILE n 
1 16  GLU n 
1 17  ASP n 
1 18  LEU n 
1 19  GLU n 
1 20  THR n 
1 21  GLN n 
1 22  ARG n 
1 23  VAL n 
1 24  VAL n 
1 25  MET n 
1 26  GLN n 
1 27  TYR n 
1 28  ARG n 
1 29  ALA n 
1 30  PRO n 
1 31  GLU n 
1 32  ASN n 
1 33  ASN n 
1 34  ARG n 
1 35  TRP n 
1 36  SER n 
1 37  GLY n 
1 38  TYR n 
1 39  ALA n 
1 40  PHE n 
1 41  PRO n 
1 42  GLY n 
1 43  GLY n 
1 44  HIS n 
1 45  VAL n 
1 46  GLU n 
1 47  ASN n 
1 48  ASP n 
1 49  GLU n 
1 50  ALA n 
1 51  PHE n 
1 52  ALA n 
1 53  GLU n 
1 54  SER n 
1 55  VAL n 
1 56  ILE n 
1 57  ARG n 
1 58  GLU n 
1 59  ILE n 
1 60  TYR n 
1 61  GLU n 
1 62  GLU n 
1 63  THR n 
1 64  GLY n 
1 65  LEU n 
1 66  THR n 
1 67  ILE n 
1 68  GLN n 
1 69  ASN n 
1 70  PRO n 
1 71  GLN n 
1 72  LEU n 
1 73  VAL n 
1 74  GLY n 
1 75  ILE n 
1 76  LYS n 
1 77  ASN n 
1 78  TRP n 
1 79  PRO n 
1 80  LEU n 
1 81  ASP n 
1 82  THR n 
1 83  GLY n 
1 84  GLY n 
1 85  ARG n 
1 86  TYR n 
1 87  ILE n 
1 88  VAL n 
1 89  ILE n 
1 90  CYS n 
1 91  TYR n 
1 92  LYS n 
1 93  ALA n 
1 94  THR n 
1 95  GLU n 
1 96  PHE n 
1 97  SER n 
1 98  GLY n 
1 99  THR n 
1 100 LEU n 
1 101 GLN n 
1 102 SER n 
1 103 SER n 
1 104 GLU n 
1 105 GLU n 
1 106 GLY n 
1 107 GLU n 
1 108 VAL n 
1 109 SER n 
1 110 TRP n 
1 111 VAL n 
1 112 GLN n 
1 113 LYS n 
1 114 ASP n 
1 115 GLN n 
1 116 ILE n 
1 117 PRO n 
1 118 ASN n 
1 119 LEU n 
1 120 ASN n 
1 121 LEU n 
1 122 ALA n 
1 123 TYR n 
1 124 ASP n 
1 125 MET n 
1 126 LEU n 
1 127 PRO n 
1 128 LEU n 
1 129 MET n 
1 130 GLU n 
1 131 MET n 
1 132 MET n 
1 133 GLU n 
1 134 ALA n 
1 135 PRO n 
1 136 ASP n 
1 137 LYS n 
1 138 SER n 
1 139 GLU n 
1 140 PHE n 
1 141 PHE n 
1 142 TYR n 
1 143 PRO n 
1 144 ARG n 
1 145 ARG n 
1 146 THR n 
1 147 GLU n 
1 148 ASP n 
1 149 ASP n 
1 150 TRP n 
1 151 GLU n 
1 152 LYS n 
1 153 LYS n 
1 154 ILE n 
1 155 PHE n 
# 
_entity_src_gen.entity_id                          1 
_entity_src_gen.pdbx_src_id                        1 
_entity_src_gen.pdbx_alt_source_flag               sample 
_entity_src_gen.pdbx_seq_type                      ? 
_entity_src_gen.pdbx_beg_seq_num                   ? 
_entity_src_gen.pdbx_end_seq_num                   ? 
_entity_src_gen.gene_src_common_name               ? 
_entity_src_gen.gene_src_genus                     Streptococcus 
_entity_src_gen.pdbx_gene_src_gene                 ? 
_entity_src_gen.gene_src_species                   ? 
_entity_src_gen.gene_src_strain                    ? 
_entity_src_gen.gene_src_tissue                    ? 
_entity_src_gen.gene_src_tissue_fraction           ? 
_entity_src_gen.gene_src_details                   ? 
_entity_src_gen.pdbx_gene_src_fragment             ? 
_entity_src_gen.pdbx_gene_src_scientific_name      'Streptococcus pneumoniae' 
_entity_src_gen.pdbx_gene_src_ncbi_taxonomy_id     1313 
_entity_src_gen.pdbx_gene_src_variant              ? 
_entity_src_gen.pdbx_gene_src_cell_line            ? 
_entity_src_gen.pdbx_gene_src_atcc                 ? 
_entity_src_gen.pdbx_gene_src_organ                ? 
_entity_src_gen.pdbx_gene_src_organelle            ? 
_entity_src_gen.pdbx_gene_src_cell                 ? 
_entity_src_gen.pdbx_gene_src_cellular_location    ? 
_entity_src_gen.host_org_common_name               ? 
_entity_src_gen.pdbx_host_org_scientific_name      'Escherichia coli BL21(DE3)' 
_entity_src_gen.pdbx_host_org_ncbi_taxonomy_id     469008 
_entity_src_gen.host_org_genus                     Escherichia 
_entity_src_gen.pdbx_host_org_gene                 ? 
_entity_src_gen.pdbx_host_org_organ                ? 
_entity_src_gen.host_org_species                   'Escherichia coli' 
_entity_src_gen.pdbx_host_org_tissue               ? 
_entity_src_gen.pdbx_host_org_tissue_fraction      ? 
_entity_src_gen.pdbx_host_org_strain               'BL21(DE3)' 
_entity_src_gen.pdbx_host_org_variant              ? 
_entity_src_gen.pdbx_host_org_cell_line            ? 
_entity_src_gen.pdbx_host_org_atcc                 ? 
_entity_src_gen.pdbx_host_org_culture_collection   ? 
_entity_src_gen.pdbx_host_org_cell                 ? 
_entity_src_gen.pdbx_host_org_organelle            ? 
_entity_src_gen.pdbx_host_org_cellular_location    ? 
_entity_src_gen.pdbx_host_org_vector_type          plasmid 
_entity_src_gen.pdbx_host_org_vector               ? 
_entity_src_gen.host_org_details                   ? 
_entity_src_gen.expression_system_id               ? 
_entity_src_gen.plasmid_name                       pET15b 
_entity_src_gen.plasmid_details                    ? 
_entity_src_gen.pdbx_description                   ? 
# 
loop_
_chem_comp.id 
_chem_comp.type 
_chem_comp.mon_nstd_flag 
_chem_comp.name 
_chem_comp.pdbx_synonyms 
_chem_comp.formula 
_chem_comp.formula_weight 
ALA 'L-peptide linking' y ALANINE         ? 'C3 H7 N O2'     89.093  
ARG 'L-peptide linking' y ARGININE        ? 'C6 H15 N4 O2 1' 175.209 
ASN 'L-peptide linking' y ASPARAGINE      ? 'C4 H8 N2 O3'    132.118 
ASP 'L-peptide linking' y 'ASPARTIC ACID' ? 'C4 H7 N O4'     133.103 
CYS 'L-peptide linking' y CYSTEINE        ? 'C3 H7 N O2 S'   121.158 
GLN 'L-peptide linking' y GLUTAMINE       ? 'C5 H10 N2 O3'   146.144 
GLU 'L-peptide linking' y 'GLUTAMIC ACID' ? 'C5 H9 N O4'     147.129 
GLY 'peptide linking'   y GLYCINE         ? 'C2 H5 N O2'     75.067  
HIS 'L-peptide linking' y HISTIDINE       ? 'C6 H10 N3 O2 1' 156.162 
HOH non-polymer         . WATER           ? 'H2 O'           18.015  
ILE 'L-peptide linking' y ISOLEUCINE      ? 'C6 H13 N O2'    131.173 
LEU 'L-peptide linking' y LEUCINE         ? 'C6 H13 N O2'    131.173 
LYS 'L-peptide linking' y LYSINE          ? 'C6 H15 N2 O2 1' 147.195 
MET 'L-peptide linking' y METHIONINE      ? 'C5 H11 N O2 S'  149.211 
MG  non-polymer         . 'MAGNESIUM ION' ? 'Mg 2'           24.305  
PHE 'L-peptide linking' y PHENYLALANINE   ? 'C9 H11 N O2'    165.189 
PRO 'L-peptide linking' y PROLINE         ? 'C5 H9 N O2'     115.130 
SER 'L-peptide linking' y SERINE          ? 'C3 H7 N O3'     105.093 
THR 'L-peptide linking' y THREONINE       ? 'C4 H9 N O3'     119.119 
TRP 'L-peptide linking' y TRYPTOPHAN      ? 'C11 H12 N2 O2'  204.225 
TYR 'L-peptide linking' y TYROSINE        ? 'C9 H11 N O3'    181.189 
VAL 'L-peptide linking' y VALINE          ? 'C5 H11 N O2'    117.146 
# 
loop_
_pdbx_poly_seq_scheme.asym_id 
_pdbx_poly_seq_scheme.entity_id 
_pdbx_poly_seq_scheme.seq_id 
_pdbx_poly_seq_scheme.mon_id 
_pdbx_poly_seq_scheme.ndb_seq_num 
_pdbx_poly_seq_scheme.pdb_seq_num 
_pdbx_poly_seq_scheme.auth_seq_num 
_pdbx_poly_seq_scheme.pdb_mon_id 
_pdbx_poly_seq_scheme.auth_mon_id 
_pdbx_poly_seq_scheme.pdb_strand_id 
_pdbx_poly_seq_scheme.pdb_ins_code 
_pdbx_poly_seq_scheme.hetero 
A 1 1   MET 1   1   1   MET MET A . n 
A 1 2   SER 2   2   2   SER SER A . n 
A 1 3   ARG 3   3   3   ARG ARG A . n 
A 1 4   SER 4   4   4   SER SER A . n 
A 1 5   GLN 5   5   5   GLN GLN A . n 
A 1 6   LEU 6   6   6   LEU LEU A . n 
A 1 7   THR 7   7   7   THR THR A . n 
A 1 8   ILE 8   8   8   ILE ILE A . n 
A 1 9   LEU 9   9   9   LEU LEU A . n 
A 1 10  THR 10  10  10  THR THR A . n 
A 1 11  ASN 11  11  11  ASN ASN A . n 
A 1 12  ILE 12  12  12  ILE ILE A . n 
A 1 13  CYS 13  13  13  CYS CYS A . n 
A 1 14  LEU 14  14  14  LEU LEU A . n 
A 1 15  ILE 15  15  15  ILE ILE A . n 
A 1 16  GLU 16  16  16  GLU GLU A . n 
A 1 17  ASP 17  17  17  ASP ASP A . n 
A 1 18  LEU 18  18  18  LEU LEU A . n 
A 1 19  GLU 19  19  19  GLU GLU A . n 
A 1 20  THR 20  20  20  THR THR A . n 
A 1 21  GLN 21  21  21  GLN GLN A . n 
A 1 22  ARG 22  22  22  ARG ARG A . n 
A 1 23  VAL 23  23  23  VAL VAL A . n 
A 1 24  VAL 24  24  24  VAL VAL A . n 
A 1 25  MET 25  25  25  MET MET A . n 
A 1 26  GLN 26  26  26  GLN GLN A . n 
A 1 27  TYR 27  27  27  TYR TYR A . n 
A 1 28  ARG 28  28  28  ARG ARG A . n 
A 1 29  ALA 29  29  29  ALA ALA A . n 
A 1 30  PRO 30  30  ?   ?   ?   A . n 
A 1 31  GLU 31  31  ?   ?   ?   A . n 
A 1 32  ASN 32  32  ?   ?   ?   A . n 
A 1 33  ASN 33  33  ?   ?   ?   A . n 
A 1 34  ARG 34  34  ?   ?   ?   A . n 
A 1 35  TRP 35  35  35  TRP TRP A . n 
A 1 36  SER 36  36  36  SER SER A . n 
A 1 37  GLY 37  37  37  GLY GLY A . n 
A 1 38  TYR 38  38  38  TYR TYR A . n 
A 1 39  ALA 39  39  39  ALA ALA A . n 
A 1 40  PHE 40  40  40  PHE PHE A . n 
A 1 41  PRO 41  41  41  PRO PRO A . n 
A 1 42  GLY 42  42  42  GLY GLY A . n 
A 1 43  GLY 43  43  43  GLY GLY A . n 
A 1 44  HIS 44  44  44  HIS HIS A . n 
A 1 45  VAL 45  45  45  VAL VAL A . n 
A 1 46  GLU 46  46  46  GLU GLU A . n 
A 1 47  ASN 47  47  47  ASN ASN A . n 
A 1 48  ASP 48  48  48  ASP ASP A . n 
A 1 49  GLU 49  49  49  GLU GLU A . n 
A 1 50  ALA 50  50  50  ALA ALA A . n 
A 1 51  PHE 51  51  51  PHE PHE A . n 
A 1 52  ALA 52  52  52  ALA ALA A . n 
A 1 53  GLU 53  53  53  GLU GLU A . n 
A 1 54  SER 54  54  54  SER SER A . n 
A 1 55  VAL 55  55  55  VAL VAL A . n 
A 1 56  ILE 56  56  56  ILE ILE A . n 
A 1 57  ARG 57  57  57  ARG ARG A . n 
A 1 58  GLU 58  58  58  GLU GLU A . n 
A 1 59  ILE 59  59  59  ILE ILE A . n 
A 1 60  TYR 60  60  60  TYR TYR A . n 
A 1 61  GLU 61  61  61  GLU GLU A . n 
A 1 62  GLU 62  62  62  GLU GLU A . n 
A 1 63  THR 63  63  63  THR THR A . n 
A 1 64  GLY 64  64  64  GLY GLY A . n 
A 1 65  LEU 65  65  65  LEU LEU A . n 
A 1 66  THR 66  66  66  THR THR A . n 
A 1 67  ILE 67  67  67  ILE ILE A . n 
A 1 68  GLN 68  68  68  GLN GLN A . n 
A 1 69  ASN 69  69  69  ASN ASN A . n 
A 1 70  PRO 70  70  70  PRO PRO A . n 
A 1 71  GLN 71  71  71  GLN GLN A . n 
A 1 72  LEU 72  72  72  LEU LEU A . n 
A 1 73  VAL 73  73  73  VAL VAL A . n 
A 1 74  GLY 74  74  74  GLY GLY A . n 
A 1 75  ILE 75  75  75  ILE ILE A . n 
A 1 76  LYS 76  76  76  LYS LYS A . n 
A 1 77  ASN 77  77  77  ASN ASN A . n 
A 1 78  TRP 78  78  78  TRP TRP A . n 
A 1 79  PRO 79  79  79  PRO PRO A . n 
A 1 80  LEU 80  80  80  LEU LEU A . n 
A 1 81  ASP 81  81  81  ASP ASP A . n 
A 1 82  THR 82  82  82  THR THR A . n 
A 1 83  GLY 83  83  83  GLY GLY A . n 
A 1 84  GLY 84  84  84  GLY GLY A . n 
A 1 85  ARG 85  85  85  ARG ARG A . n 
A 1 86  TYR 86  86  86  TYR TYR A . n 
A 1 87  ILE 87  87  87  ILE ILE A . n 
A 1 88  VAL 88  88  88  VAL VAL A . n 
A 1 89  ILE 89  89  89  ILE ILE A . n 
A 1 90  CYS 90  90  90  CYS CYS A . n 
A 1 91  TYR 91  91  91  TYR TYR A . n 
A 1 92  LYS 92  92  92  LYS LYS A . n 
A 1 93  ALA 93  93  93  ALA ALA A . n 
A 1 94  THR 94  94  94  THR THR A . n 
A 1 95  GLU 95  95  95  GLU GLU A . n 
A 1 96  PHE 96  96  96  PHE PHE A . n 
A 1 97  SER 97  97  97  SER SER A . n 
A 1 98  GLY 98  98  98  GLY GLY A . n 
A 1 99  THR 99  99  99  THR THR A . n 
A 1 100 LEU 100 100 100 LEU LEU A . n 
A 1 101 GLN 101 101 101 GLN GLN A . n 
A 1 102 SER 102 102 102 SER SER A . n 
A 1 103 SER 103 103 103 SER SER A . n 
A 1 104 GLU 104 104 104 GLU GLU A . n 
A 1 105 GLU 105 105 105 GLU GLU A . n 
A 1 106 GLY 106 106 106 GLY GLY A . n 
A 1 107 GLU 107 107 107 GLU GLU A . n 
A 1 108 VAL 108 108 108 VAL VAL A . n 
A 1 109 SER 109 109 109 SER SER A . n 
A 1 110 TRP 110 110 110 TRP TRP A . n 
A 1 111 VAL 111 111 111 VAL VAL A . n 
A 1 112 GLN 112 112 112 GLN GLN A . n 
A 1 113 LYS 113 113 113 LYS LYS A . n 
A 1 114 ASP 114 114 114 ASP ASP A . n 
A 1 115 GLN 115 115 115 GLN GLN A . n 
A 1 116 ILE 116 116 116 ILE ILE A . n 
A 1 117 PRO 117 117 117 PRO PRO A . n 
A 1 118 ASN 118 118 118 ASN ASN A . n 
A 1 119 LEU 119 119 119 LEU LEU A . n 
A 1 120 ASN 120 120 120 ASN ASN A . n 
A 1 121 LEU 121 121 121 LEU LEU A . n 
A 1 122 ALA 122 122 122 ALA ALA A . n 
A 1 123 TYR 123 123 123 TYR TYR A . n 
A 1 124 ASP 124 124 124 ASP ASP A . n 
A 1 125 MET 125 125 125 MET MET A . n 
A 1 126 LEU 126 126 126 LEU LEU A . n 
A 1 127 PRO 127 127 127 PRO PRO A . n 
A 1 128 LEU 128 128 128 LEU LEU A . n 
A 1 129 MET 129 129 129 MET MET A . n 
A 1 130 GLU 130 130 130 GLU GLU A . n 
A 1 131 MET 131 131 131 MET MET A . n 
A 1 132 MET 132 132 132 MET MET A . n 
A 1 133 GLU 133 133 133 GLU GLU A . n 
A 1 134 ALA 134 134 134 ALA ALA A . n 
A 1 135 PRO 135 135 135 PRO PRO A . n 
A 1 136 ASP 136 136 136 ASP ASP A . n 
A 1 137 LYS 137 137 137 LYS LYS A . n 
A 1 138 SER 138 138 138 SER SER A . n 
A 1 139 GLU 139 139 139 GLU GLU A . n 
A 1 140 PHE 140 140 140 PHE PHE A . n 
A 1 141 PHE 141 141 141 PHE PHE A . n 
A 1 142 TYR 142 142 142 TYR TYR A . n 
A 1 143 PRO 143 143 143 PRO PRO A . n 
A 1 144 ARG 144 144 144 ARG ARG A . n 
A 1 145 ARG 145 145 145 ARG ARG A . n 
A 1 146 THR 146 146 146 THR THR A . n 
A 1 147 GLU 147 147 147 GLU GLU A . n 
A 1 148 ASP 148 148 148 ASP ASP A . n 
A 1 149 ASP 149 149 149 ASP ASP A . n 
A 1 150 TRP 150 150 150 TRP TRP A . n 
A 1 151 GLU 151 151 151 GLU GLU A . n 
A 1 152 LYS 152 152 152 LYS LYS A . n 
A 1 153 LYS 153 153 153 LYS LYS A . n 
A 1 154 ILE 154 154 154 ILE ILE A . n 
A 1 155 PHE 155 155 155 PHE PHE A . n 
# 
loop_
_pdbx_nonpoly_scheme.asym_id 
_pdbx_nonpoly_scheme.entity_id 
_pdbx_nonpoly_scheme.mon_id 
_pdbx_nonpoly_scheme.ndb_seq_num 
_pdbx_nonpoly_scheme.pdb_seq_num 
_pdbx_nonpoly_scheme.auth_seq_num 
_pdbx_nonpoly_scheme.pdb_mon_id 
_pdbx_nonpoly_scheme.auth_mon_id 
_pdbx_nonpoly_scheme.pdb_strand_id 
_pdbx_nonpoly_scheme.pdb_ins_code 
B 2 MG  1   300 1   MG  MG  A . 
C 3 HOH 1   301 1   HOH HOH A . 
C 3 HOH 2   302 2   HOH HOH A . 
C 3 HOH 3   303 3   HOH HOH A . 
C 3 HOH 4   304 4   HOH HOH A . 
C 3 HOH 5   305 5   HOH HOH A . 
C 3 HOH 6   306 6   HOH HOH A . 
C 3 HOH 7   307 7   HOH HOH A . 
C 3 HOH 8   308 8   HOH HOH A . 
C 3 HOH 9   309 9   HOH HOH A . 
C 3 HOH 10  310 10  HOH HOH A . 
C 3 HOH 11  311 11  HOH HOH A . 
C 3 HOH 12  312 12  HOH HOH A . 
C 3 HOH 13  313 13  HOH HOH A . 
C 3 HOH 14  314 14  HOH HOH A . 
C 3 HOH 15  315 15  HOH HOH A . 
C 3 HOH 16  316 16  HOH HOH A . 
C 3 HOH 17  317 17  HOH HOH A . 
C 3 HOH 18  318 18  HOH HOH A . 
C 3 HOH 19  319 19  HOH HOH A . 
C 3 HOH 20  320 20  HOH HOH A . 
C 3 HOH 21  321 21  HOH HOH A . 
C 3 HOH 22  322 22  HOH HOH A . 
C 3 HOH 23  323 23  HOH HOH A . 
C 3 HOH 24  324 24  HOH HOH A . 
C 3 HOH 25  325 25  HOH HOH A . 
C 3 HOH 26  326 26  HOH HOH A . 
C 3 HOH 27  327 27  HOH HOH A . 
C 3 HOH 28  328 28  HOH HOH A . 
C 3 HOH 29  329 29  HOH HOH A . 
C 3 HOH 30  330 30  HOH HOH A . 
C 3 HOH 31  331 31  HOH HOH A . 
C 3 HOH 32  332 32  HOH HOH A . 
C 3 HOH 33  333 33  HOH HOH A . 
C 3 HOH 34  334 34  HOH HOH A . 
C 3 HOH 35  335 35  HOH HOH A . 
C 3 HOH 36  336 36  HOH HOH A . 
C 3 HOH 37  337 37  HOH HOH A . 
C 3 HOH 38  338 38  HOH HOH A . 
C 3 HOH 39  339 39  HOH HOH A . 
C 3 HOH 40  340 40  HOH HOH A . 
C 3 HOH 41  341 41  HOH HOH A . 
C 3 HOH 42  342 42  HOH HOH A . 
C 3 HOH 43  343 43  HOH HOH A . 
C 3 HOH 44  344 44  HOH HOH A . 
C 3 HOH 45  345 45  HOH HOH A . 
C 3 HOH 46  346 46  HOH HOH A . 
C 3 HOH 47  347 47  HOH HOH A . 
C 3 HOH 48  348 48  HOH HOH A . 
C 3 HOH 49  349 49  HOH HOH A . 
C 3 HOH 50  350 50  HOH HOH A . 
C 3 HOH 51  351 51  HOH HOH A . 
C 3 HOH 52  352 52  HOH HOH A . 
C 3 HOH 53  353 53  HOH HOH A . 
C 3 HOH 54  354 54  HOH HOH A . 
C 3 HOH 55  355 55  HOH HOH A . 
C 3 HOH 56  356 56  HOH HOH A . 
C 3 HOH 57  357 57  HOH HOH A . 
C 3 HOH 58  358 58  HOH HOH A . 
C 3 HOH 59  359 59  HOH HOH A . 
C 3 HOH 60  360 60  HOH HOH A . 
C 3 HOH 61  361 61  HOH HOH A . 
C 3 HOH 62  362 62  HOH HOH A . 
C 3 HOH 63  363 63  HOH HOH A . 
C 3 HOH 64  364 64  HOH HOH A . 
C 3 HOH 65  365 65  HOH HOH A . 
C 3 HOH 66  366 66  HOH HOH A . 
C 3 HOH 67  367 67  HOH HOH A . 
C 3 HOH 68  368 69  HOH HOH A . 
C 3 HOH 69  369 70  HOH HOH A . 
C 3 HOH 70  370 71  HOH HOH A . 
C 3 HOH 71  371 72  HOH HOH A . 
C 3 HOH 72  372 73  HOH HOH A . 
C 3 HOH 73  373 74  HOH HOH A . 
C 3 HOH 74  374 75  HOH HOH A . 
C 3 HOH 75  375 76  HOH HOH A . 
C 3 HOH 76  376 77  HOH HOH A . 
C 3 HOH 77  377 78  HOH HOH A . 
C 3 HOH 78  378 79  HOH HOH A . 
C 3 HOH 79  379 80  HOH HOH A . 
C 3 HOH 80  380 81  HOH HOH A . 
C 3 HOH 81  381 82  HOH HOH A . 
C 3 HOH 82  382 83  HOH HOH A . 
C 3 HOH 83  383 84  HOH HOH A . 
C 3 HOH 84  384 85  HOH HOH A . 
C 3 HOH 85  385 86  HOH HOH A . 
C 3 HOH 86  386 87  HOH HOH A . 
C 3 HOH 87  387 88  HOH HOH A . 
C 3 HOH 88  388 89  HOH HOH A . 
C 3 HOH 89  389 90  HOH HOH A . 
C 3 HOH 90  390 91  HOH HOH A . 
C 3 HOH 91  391 92  HOH HOH A . 
C 3 HOH 92  392 93  HOH HOH A . 
C 3 HOH 93  393 94  HOH HOH A . 
C 3 HOH 94  394 95  HOH HOH A . 
C 3 HOH 95  395 96  HOH HOH A . 
C 3 HOH 96  396 97  HOH HOH A . 
C 3 HOH 97  397 98  HOH HOH A . 
C 3 HOH 98  398 99  HOH HOH A . 
C 3 HOH 99  399 100 HOH HOH A . 
C 3 HOH 100 400 101 HOH HOH A . 
C 3 HOH 101 401 102 HOH HOH A . 
C 3 HOH 102 402 103 HOH HOH A . 
C 3 HOH 103 403 104 HOH HOH A . 
C 3 HOH 104 404 105 HOH HOH A . 
C 3 HOH 105 405 106 HOH HOH A . 
C 3 HOH 106 406 107 HOH HOH A . 
C 3 HOH 107 407 108 HOH HOH A . 
C 3 HOH 108 408 109 HOH HOH A . 
C 3 HOH 109 409 110 HOH HOH A . 
C 3 HOH 110 410 111 HOH HOH A . 
C 3 HOH 111 411 112 HOH HOH A . 
C 3 HOH 112 412 113 HOH HOH A . 
C 3 HOH 113 413 115 HOH HOH A . 
C 3 HOH 114 414 116 HOH HOH A . 
C 3 HOH 115 415 117 HOH HOH A . 
C 3 HOH 116 416 118 HOH HOH A . 
C 3 HOH 117 417 119 HOH HOH A . 
C 3 HOH 118 418 120 HOH HOH A . 
C 3 HOH 119 419 121 HOH HOH A . 
C 3 HOH 120 420 122 HOH HOH A . 
C 3 HOH 121 421 123 HOH HOH A . 
C 3 HOH 122 422 124 HOH HOH A . 
C 3 HOH 123 423 125 HOH HOH A . 
C 3 HOH 124 424 126 HOH HOH A . 
C 3 HOH 125 425 127 HOH HOH A . 
C 3 HOH 126 426 128 HOH HOH A . 
C 3 HOH 127 427 129 HOH HOH A . 
C 3 HOH 128 428 130 HOH HOH A . 
C 3 HOH 129 429 131 HOH HOH A . 
C 3 HOH 130 430 132 HOH HOH A . 
C 3 HOH 131 431 133 HOH HOH A . 
C 3 HOH 132 432 134 HOH HOH A . 
C 3 HOH 133 433 135 HOH HOH A . 
C 3 HOH 134 434 136 HOH HOH A . 
C 3 HOH 135 435 137 HOH HOH A . 
C 3 HOH 136 436 138 HOH HOH A . 
C 3 HOH 137 437 139 HOH HOH A . 
C 3 HOH 138 438 140 HOH HOH A . 
C 3 HOH 139 439 141 HOH HOH A . 
C 3 HOH 140 440 142 HOH HOH A . 
C 3 HOH 141 441 143 HOH HOH A . 
C 3 HOH 142 442 144 HOH HOH A . 
C 3 HOH 143 443 145 HOH HOH A . 
C 3 HOH 144 444 146 HOH HOH A . 
C 3 HOH 145 445 147 HOH HOH A . 
C 3 HOH 146 446 148 HOH HOH A . 
C 3 HOH 147 447 149 HOH HOH A . 
C 3 HOH 148 448 150 HOH HOH A . 
C 3 HOH 149 449 151 HOH HOH A . 
C 3 HOH 150 450 152 HOH HOH A . 
C 3 HOH 151 451 153 HOH HOH A . 
C 3 HOH 152 452 154 HOH HOH A . 
C 3 HOH 153 453 155 HOH HOH A . 
C 3 HOH 154 454 156 HOH HOH A . 
C 3 HOH 155 455 157 HOH HOH A . 
C 3 HOH 156 456 158 HOH HOH A . 
C 3 HOH 157 457 159 HOH HOH A . 
C 3 HOH 158 458 160 HOH HOH A . 
C 3 HOH 159 459 161 HOH HOH A . 
C 3 HOH 160 460 162 HOH HOH A . 
C 3 HOH 161 461 163 HOH HOH A . 
C 3 HOH 162 462 164 HOH HOH A . 
C 3 HOH 163 463 165 HOH HOH A . 
C 3 HOH 164 464 166 HOH HOH A . 
C 3 HOH 165 465 167 HOH HOH A . 
C 3 HOH 166 466 168 HOH HOH A . 
C 3 HOH 167 467 169 HOH HOH A . 
C 3 HOH 168 468 170 HOH HOH A . 
C 3 HOH 169 469 171 HOH HOH A . 
C 3 HOH 170 470 172 HOH HOH A . 
C 3 HOH 171 471 173 HOH HOH A . 
C 3 HOH 172 472 174 HOH HOH A . 
C 3 HOH 173 473 175 HOH HOH A . 
C 3 HOH 174 474 176 HOH HOH A . 
C 3 HOH 175 475 177 HOH HOH A . 
C 3 HOH 176 476 178 HOH HOH A . 
C 3 HOH 177 477 179 HOH HOH A . 
C 3 HOH 178 478 180 HOH HOH A . 
C 3 HOH 179 479 181 HOH HOH A . 
C 3 HOH 180 480 182 HOH HOH A . 
C 3 HOH 181 481 183 HOH HOH A . 
C 3 HOH 182 482 184 HOH HOH A . 
C 3 HOH 183 483 185 HOH HOH A . 
C 3 HOH 184 484 186 HOH HOH A . 
C 3 HOH 185 485 187 HOH HOH A . 
C 3 HOH 186 486 188 HOH HOH A . 
C 3 HOH 187 487 189 HOH HOH A . 
C 3 HOH 188 488 190 HOH HOH A . 
C 3 HOH 189 489 191 HOH HOH A . 
C 3 HOH 190 490 192 HOH HOH A . 
C 3 HOH 191 491 193 HOH HOH A . 
C 3 HOH 192 492 194 HOH HOH A . 
C 3 HOH 193 493 195 HOH HOH A . 
C 3 HOH 194 494 196 HOH HOH A . 
C 3 HOH 195 495 197 HOH HOH A . 
C 3 HOH 196 496 198 HOH HOH A . 
C 3 HOH 197 497 199 HOH HOH A . 
C 3 HOH 198 498 200 HOH HOH A . 
C 3 HOH 199 499 201 HOH HOH A . 
C 3 HOH 200 500 202 HOH HOH A . 
C 3 HOH 201 501 203 HOH HOH A . 
C 3 HOH 202 502 204 HOH HOH A . 
C 3 HOH 203 503 205 HOH HOH A . 
C 3 HOH 204 504 206 HOH HOH A . 
C 3 HOH 205 505 207 HOH HOH A . 
C 3 HOH 206 506 208 HOH HOH A . 
C 3 HOH 207 507 209 HOH HOH A . 
C 3 HOH 208 508 210 HOH HOH A . 
C 3 HOH 209 509 211 HOH HOH A . 
C 3 HOH 210 510 212 HOH HOH A . 
C 3 HOH 211 511 213 HOH HOH A . 
C 3 HOH 212 512 214 HOH HOH A . 
C 3 HOH 213 513 215 HOH HOH A . 
C 3 HOH 214 514 216 HOH HOH A . 
C 3 HOH 215 515 217 HOH HOH A . 
C 3 HOH 216 516 218 HOH HOH A . 
C 3 HOH 217 517 219 HOH HOH A . 
C 3 HOH 218 518 220 HOH HOH A . 
C 3 HOH 219 519 221 HOH HOH A . 
C 3 HOH 220 520 222 HOH HOH A . 
C 3 HOH 221 521 223 HOH HOH A . 
C 3 HOH 222 522 224 HOH HOH A . 
C 3 HOH 223 523 225 HOH HOH A . 
C 3 HOH 224 524 226 HOH HOH A . 
C 3 HOH 225 525 227 HOH HOH A . 
C 3 HOH 226 526 228 HOH HOH A . 
C 3 HOH 227 527 229 HOH HOH A . 
# 
loop_
_software.name 
_software.classification 
_software.version 
_software.citation_id 
_software.pdbx_ordinal 
REFMAC      refinement        5.2.0005 ? 1 
SBC-Collect 'data collection' .        ? 2 
HKL-2000    'data scaling'    .        ? 3 
HKL-3000    phasing           .        ? 4 
# 
_cell.entry_id           2B06 
_cell.length_a           65.850 
_cell.length_b           64.990 
_cell.length_c           41.779 
_cell.angle_alpha        90.00 
_cell.angle_beta         127.60 
_cell.angle_gamma        90.00 
_cell.Z_PDB              4 
_cell.pdbx_unique_axis   ? 
_cell.length_a_esd       ? 
_cell.length_b_esd       ? 
_cell.length_c_esd       ? 
_cell.angle_alpha_esd    ? 
_cell.angle_beta_esd     ? 
_cell.angle_gamma_esd    ? 
# 
_symmetry.entry_id                         2B06 
_symmetry.space_group_name_H-M             'C 1 2 1' 
_symmetry.pdbx_full_space_group_name_H-M   ? 
_symmetry.cell_setting                     ? 
_symmetry.Int_Tables_number                5 
_symmetry.space_group_name_Hall            ? 
# 
_exptl.entry_id          2B06 
_exptl.method            'X-RAY DIFFRACTION' 
_exptl.crystals_number   1 
# 
_exptl_crystal.id                    1 
_exptl_crystal.density_meas          ? 
_exptl_crystal.density_Matthews      1.94 
_exptl_crystal.density_percent_sol   36 
_exptl_crystal.description           ? 
_exptl_crystal.F_000                 ? 
_exptl_crystal.preparation           ? 
# 
_exptl_crystal_grow.crystal_id      1 
_exptl_crystal_grow.method          'VAPOR DIFFUSION, SITTING DROP' 
_exptl_crystal_grow.temp            298 
_exptl_crystal_grow.temp_details    ? 
_exptl_crystal_grow.pH              8.0 
_exptl_crystal_grow.pdbx_details    
'0.1M Tris/HCl, 0.2M MgSO4, 25% PEG3350, pH 8.0, VAPOR DIFFUSION, SITTING DROP, temperature 298K' 
_exptl_crystal_grow.pdbx_pH_range   . 
# 
_diffrn.id                     1 
_diffrn.ambient_temp           100 
_diffrn.ambient_temp_details   ? 
_diffrn.crystal_id             1 
# 
_diffrn_detector.diffrn_id              1 
_diffrn_detector.detector               CCD 
_diffrn_detector.type                   'ADSC QUANTUM 315' 
_diffrn_detector.pdbx_collection_date   2005-04-12 
_diffrn_detector.details                mirrors 
# 
_diffrn_radiation.diffrn_id                        1 
_diffrn_radiation.wavelength_id                    1 
_diffrn_radiation.pdbx_monochromatic_or_laue_m_l   M 
_diffrn_radiation.monochromator                    'Si 111 channel' 
_diffrn_radiation.pdbx_diffrn_protocol             'SINGLE WAVELENGTH' 
_diffrn_radiation.pdbx_scattering_type             x-ray 
# 
_diffrn_radiation_wavelength.id           1 
_diffrn_radiation_wavelength.wavelength   0.9798 
_diffrn_radiation_wavelength.wt           1.0 
# 
_diffrn_source.diffrn_id                   1 
_diffrn_source.source                      SYNCHROTRON 
_diffrn_source.type                        'APS BEAMLINE 19-ID' 
_diffrn_source.pdbx_synchrotron_site       APS 
_diffrn_source.pdbx_synchrotron_beamline   19-ID 
_diffrn_source.pdbx_wavelength             ? 
_diffrn_source.pdbx_wavelength_list        0.9798 
# 
_reflns.entry_id                     2B06 
_reflns.observed_criterion_sigma_F   2.0 
_reflns.observed_criterion_sigma_I   2.0 
_reflns.d_resolution_high            1.4 
_reflns.d_resolution_low             50 
_reflns.number_all                   ? 
_reflns.number_obs                   25116 
_reflns.percent_possible_obs         94.5 
_reflns.pdbx_Rmerge_I_obs            0.045 
_reflns.pdbx_Rsym_value              ? 
_reflns.pdbx_netI_over_sigmaI        22.8 
_reflns.B_iso_Wilson_estimate        22 
_reflns.pdbx_redundancy              2.4 
_reflns.R_free_details               ? 
_reflns.limit_h_max                  ? 
_reflns.limit_h_min                  ? 
_reflns.limit_k_max                  ? 
_reflns.limit_k_min                  ? 
_reflns.limit_l_max                  ? 
_reflns.limit_l_min                  ? 
_reflns.observed_criterion_F_max     ? 
_reflns.observed_criterion_F_min     ? 
_reflns.pdbx_chi_squared             ? 
_reflns.pdbx_scaling_rejects         ? 
_reflns.pdbx_ordinal                 1 
_reflns.pdbx_diffrn_id               1 
# 
_reflns_shell.d_res_high             1.4 
_reflns_shell.d_res_low              1.45 
_reflns_shell.percent_possible_all   79.5 
_reflns_shell.Rmerge_I_obs           0.157 
_reflns_shell.pdbx_Rsym_value        ? 
_reflns_shell.meanI_over_sigI_obs    3.3 
_reflns_shell.pdbx_redundancy        2.1 
_reflns_shell.percent_possible_obs   ? 
_reflns_shell.number_unique_all      5382 
_reflns_shell.number_measured_all    ? 
_reflns_shell.number_measured_obs    ? 
_reflns_shell.number_unique_obs      ? 
_reflns_shell.pdbx_chi_squared       ? 
_reflns_shell.pdbx_ordinal           1 
_reflns_shell.pdbx_diffrn_id         1 
# 
_refine.entry_id                                 2B06 
_refine.ls_number_reflns_obs                     25116 
_refine.ls_number_reflns_all                     26059 
_refine.pdbx_ls_sigma_I                          ? 
_refine.pdbx_ls_sigma_F                          0 
_refine.pdbx_data_cutoff_high_absF               ? 
_refine.pdbx_data_cutoff_low_absF                ? 
_refine.pdbx_data_cutoff_high_rms_absF           ? 
_refine.ls_d_res_low                             40.69 
_refine.ls_d_res_high                            1.40 
_refine.ls_percent_reflns_obs                    96.38 
_refine.ls_R_factor_obs                          0.19046 
_refine.ls_R_factor_all                          0.19046 
_refine.ls_R_factor_R_work                       0.1889 
_refine.ls_R_factor_R_free                       0.21923 
_refine.ls_R_factor_R_free_error                 ? 
_refine.ls_R_factor_R_free_error_details         ? 
_refine.ls_percent_reflns_R_free                 5.0 
_refine.ls_number_reflns_R_free                  1318 
_refine.ls_number_parameters                     ? 
_refine.ls_number_restraints                     ? 
_refine.occupancy_min                            ? 
_refine.occupancy_max                            ? 
_refine.correlation_coeff_Fo_to_Fc               0.954 
_refine.correlation_coeff_Fo_to_Fc_free          0.937 
_refine.B_iso_mean                               19.710 
_refine.aniso_B[1][1]                            -1.47 
_refine.aniso_B[2][2]                            1.29 
_refine.aniso_B[3][3]                            -1.05 
_refine.aniso_B[1][2]                            0.00 
_refine.aniso_B[1][3]                            -1.01 
_refine.aniso_B[2][3]                            0.00 
_refine.solvent_model_details                    MASK 
_refine.solvent_model_param_ksol                 ? 
_refine.solvent_model_param_bsol                 ? 
_refine.pdbx_solvent_vdw_probe_radii             1.20 
_refine.pdbx_solvent_ion_probe_radii             0.80 
_refine.pdbx_solvent_shrinkage_radii             0.80 
_refine.pdbx_ls_cross_valid_method               THROUGHOUT 
_refine.details                                  'HYDROGENS HAVE BEEN ADDED IN THE RIDING POSITIONS' 
_refine.pdbx_starting_model                      ? 
_refine.pdbx_method_to_determine_struct          SAD 
_refine.pdbx_isotropic_thermal_model             ? 
_refine.pdbx_stereochemistry_target_values       'MAXIMUM LIKELIHOOD WITH PHASES' 
_refine.pdbx_stereochem_target_val_spec_case     ? 
_refine.pdbx_R_Free_selection_details            RANDOM 
_refine.pdbx_overall_ESU_R                       0.075 
_refine.pdbx_overall_ESU_R_Free                  0.076 
_refine.overall_SU_ML                            0.045 
_refine.overall_SU_B                             2.151 
_refine.ls_redundancy_reflns_obs                 ? 
_refine.B_iso_min                                ? 
_refine.B_iso_max                                ? 
_refine.overall_SU_R_Cruickshank_DPI             ? 
_refine.overall_SU_R_free                        ? 
_refine.ls_wR_factor_R_free                      ? 
_refine.ls_wR_factor_R_work                      ? 
_refine.overall_FOM_free_R_set                   ? 
_refine.overall_FOM_work_R_set                   ? 
_refine.pdbx_refine_id                           'X-RAY DIFFRACTION' 
_refine.pdbx_TLS_residual_ADP_flag               'LIKELY RESIDUAL' 
_refine.pdbx_diffrn_id                           1 
_refine.pdbx_overall_phase_error                 ? 
_refine.pdbx_overall_SU_R_free_Cruickshank_DPI   ? 
_refine.pdbx_overall_SU_R_Blow_DPI               ? 
_refine.pdbx_overall_SU_R_free_Blow_DPI          ? 
# 
_refine_analyze.entry_id                        2B06 
_refine_analyze.Luzzati_coordinate_error_obs    0.028 
_refine_analyze.Luzzati_sigma_a_obs             0.28 
_refine_analyze.Luzzati_d_res_low_obs           6.0 
_refine_analyze.Luzzati_coordinate_error_free   0.035 
_refine_analyze.Luzzati_sigma_a_free            0.5 
_refine_analyze.Luzzati_d_res_low_free          ? 
_refine_analyze.number_disordered_residues      ? 
_refine_analyze.occupancy_sum_non_hydrogen      ? 
_refine_analyze.occupancy_sum_hydrogen          ? 
_refine_analyze.pdbx_Luzzati_d_res_high_obs     ? 
_refine_analyze.pdbx_refine_id                  'X-RAY DIFFRACTION' 
# 
_refine_hist.pdbx_refine_id                   'X-RAY DIFFRACTION' 
_refine_hist.cycle_id                         LAST 
_refine_hist.pdbx_number_atoms_protein        1222 
_refine_hist.pdbx_number_atoms_nucleic_acid   0 
_refine_hist.pdbx_number_atoms_ligand         1 
_refine_hist.number_atoms_solvent             227 
_refine_hist.number_atoms_total               1450 
_refine_hist.d_res_high                       1.40 
_refine_hist.d_res_low                        40.69 
# 
loop_
_refine_ls_restr.type 
_refine_ls_restr.dev_ideal 
_refine_ls_restr.dev_ideal_target 
_refine_ls_restr.weight 
_refine_ls_restr.number 
_refine_ls_restr.pdbx_refine_id 
_refine_ls_restr.pdbx_restraint_function 
r_bond_refined_d         0.008  0.022  ? 1268 'X-RAY DIFFRACTION' ? 
r_angle_refined_deg      1.215  1.959  ? 1722 'X-RAY DIFFRACTION' ? 
r_dihedral_angle_1_deg   5.627  5.000  ? 152  'X-RAY DIFFRACTION' ? 
r_dihedral_angle_2_deg   36.442 25.152 ? 66   'X-RAY DIFFRACTION' ? 
r_dihedral_angle_3_deg   12.660 15.000 ? 222  'X-RAY DIFFRACTION' ? 
r_dihedral_angle_4_deg   21.294 15.000 ? 7    'X-RAY DIFFRACTION' ? 
r_chiral_restr           0.082  0.200  ? 183  'X-RAY DIFFRACTION' ? 
r_gen_planes_refined     0.004  0.020  ? 987  'X-RAY DIFFRACTION' ? 
r_nbd_refined            0.198  0.200  ? 531  'X-RAY DIFFRACTION' ? 
r_nbtor_refined          0.312  0.200  ? 878  'X-RAY DIFFRACTION' ? 
r_xyhbond_nbd_refined    0.173  0.200  ? 182  'X-RAY DIFFRACTION' ? 
r_metal_ion_refined      0.011  0.200  ? 1    'X-RAY DIFFRACTION' ? 
r_symmetry_vdw_refined   0.196  0.200  ? 62   'X-RAY DIFFRACTION' ? 
r_symmetry_hbond_refined 0.143  0.200  ? 50   'X-RAY DIFFRACTION' ? 
r_mcbond_it              0.786  1.500  ? 784  'X-RAY DIFFRACTION' ? 
r_mcangle_it             1.245  2.000  ? 1234 'X-RAY DIFFRACTION' ? 
r_scbond_it              1.927  3.000  ? 565  'X-RAY DIFFRACTION' ? 
r_scangle_it             2.770  4.500  ? 488  'X-RAY DIFFRACTION' ? 
# 
_refine_ls_shell.pdbx_total_number_of_bins_used   20 
_refine_ls_shell.d_res_high                       1.401 
_refine_ls_shell.d_res_low                        1.437 
_refine_ls_shell.number_reflns_R_work             1597 
_refine_ls_shell.R_factor_R_work                  0.233 
_refine_ls_shell.percent_reflns_obs               83.53 
_refine_ls_shell.R_factor_R_free                  0.273 
_refine_ls_shell.R_factor_R_free_error            ? 
_refine_ls_shell.percent_reflns_R_free            ? 
_refine_ls_shell.number_reflns_R_free             71 
_refine_ls_shell.number_reflns_obs                ? 
_refine_ls_shell.redundancy_reflns_obs            ? 
_refine_ls_shell.number_reflns_all                ? 
_refine_ls_shell.R_factor_all                     ? 
_refine_ls_shell.pdbx_refine_id                   'X-RAY DIFFRACTION' 
# 
_struct.entry_id                  2B06 
_struct.title                     'Crystal structure of the MutT/nudix family protein from Streptococcus pneumoniae' 
_struct.pdbx_model_details        ? 
_struct.pdbx_CASP_flag            ? 
_struct.pdbx_model_type_details   ? 
# 
_struct_keywords.entry_id        2B06 
_struct_keywords.pdbx_keywords   'Structural Genomics/Unknown Function' 
_struct_keywords.text            
;MutT/nudix, Streptococcus pneumoniae, Structural genomics, PSI, Protein Structure Initiative, Midwest Center for Structural Genomics, MCSG, Structural Genomics-Unknown Function COMPLEX
;
# 
loop_
_struct_asym.id 
_struct_asym.pdbx_blank_PDB_chainid_flag 
_struct_asym.pdbx_modified 
_struct_asym.entity_id 
_struct_asym.details 
A N N 1 ? 
B N N 2 ? 
C N N 3 ? 
# 
_struct_ref.id                         1 
_struct_ref.db_name                    GB 
_struct_ref.db_code                    AAK75341 
_struct_ref.pdbx_db_accession          14972717 
_struct_ref.entity_id                  1 
_struct_ref.pdbx_seq_one_letter_code   
;MSRSQLTILTNICLIEDLETQRVVMQYRAPENNRWSGYAFPGGHVENDEAFAESVIREIYEETGLTIQNPQLVGIKNWPL
DTGGRYIVICYKATEFSGTLQSSEEGEVSWVQKDQIPNLNLAYDMLPLMEMMEAPDKSEFFYPRRTEDDWEKKIF
;
_struct_ref.pdbx_align_begin           1 
_struct_ref.pdbx_db_isoform            ? 
# 
_struct_ref_seq.align_id                      1 
_struct_ref_seq.ref_id                        1 
_struct_ref_seq.pdbx_PDB_id_code              2B06 
_struct_ref_seq.pdbx_strand_id                A 
_struct_ref_seq.seq_align_beg                 1 
_struct_ref_seq.pdbx_seq_align_beg_ins_code   ? 
_struct_ref_seq.seq_align_end                 155 
_struct_ref_seq.pdbx_seq_align_end_ins_code   ? 
_struct_ref_seq.pdbx_db_accession             14972717 
_struct_ref_seq.db_align_beg                  1 
_struct_ref_seq.pdbx_db_align_beg_ins_code    ? 
_struct_ref_seq.db_align_end                  155 
_struct_ref_seq.pdbx_db_align_end_ins_code    ? 
_struct_ref_seq.pdbx_auth_seq_align_beg       1 
_struct_ref_seq.pdbx_auth_seq_align_end       155 
# 
_pdbx_struct_assembly.id                   1 
_pdbx_struct_assembly.details              author_defined_assembly 
_pdbx_struct_assembly.method_details       ? 
_pdbx_struct_assembly.oligomeric_details   dimeric 
_pdbx_struct_assembly.oligomeric_count     2 
# 
_pdbx_struct_assembly_gen.assembly_id       1 
_pdbx_struct_assembly_gen.oper_expression   1,2 
_pdbx_struct_assembly_gen.asym_id_list      A,B,C 
# 
loop_
_pdbx_struct_oper_list.id 
_pdbx_struct_oper_list.type 
_pdbx_struct_oper_list.name 
_pdbx_struct_oper_list.symmetry_operation 
_pdbx_struct_oper_list.matrix[1][1] 
_pdbx_struct_oper_list.matrix[1][2] 
_pdbx_struct_oper_list.matrix[1][3] 
_pdbx_struct_oper_list.vector[1] 
_pdbx_struct_oper_list.matrix[2][1] 
_pdbx_struct_oper_list.matrix[2][2] 
_pdbx_struct_oper_list.matrix[2][3] 
_pdbx_struct_oper_list.vector[2] 
_pdbx_struct_oper_list.matrix[3][1] 
_pdbx_struct_oper_list.matrix[3][2] 
_pdbx_struct_oper_list.matrix[3][3] 
_pdbx_struct_oper_list.vector[3] 
1 'identity operation'         1_555 x,y,z   1.0000000000  0.0000000000 0.0000000000 0.0000000000  0.0000000000 1.0000000000  0.0000000000 0.0000000000 0.0000000000 0.0000000000 1.0000000000 0.0000000000   
2 'crystal symmetry operation' 2_555 -x,y,-z -0.1607368759 0.3604969015 0.9188066395 15.7358460264 0.3604969015 -0.8451522386 0.3946640059 8.1397449209 0.9188066395 0.3946640059 0.0058891145 -17.5672088396 
# 
_struct_biol.id                    1 
_struct_biol.details               
'This protein existed as dimer. The second molecule of the dimer is generated by the two fold axis: -x, y,-z' 
_struct_biol.pdbx_parent_biol_id   ? 
# 
loop_
_struct_conf.conf_type_id 
_struct_conf.id 
_struct_conf.pdbx_PDB_helix_id 
_struct_conf.beg_label_comp_id 
_struct_conf.beg_label_asym_id 
_struct_conf.beg_label_seq_id 
_struct_conf.pdbx_beg_PDB_ins_code 
_struct_conf.end_label_comp_id 
_struct_conf.end_label_asym_id 
_struct_conf.end_label_seq_id 
_struct_conf.pdbx_end_PDB_ins_code 
_struct_conf.beg_auth_comp_id 
_struct_conf.beg_auth_asym_id 
_struct_conf.beg_auth_seq_id 
_struct_conf.end_auth_comp_id 
_struct_conf.end_auth_asym_id 
_struct_conf.end_auth_seq_id 
_struct_conf.pdbx_PDB_helix_class 
_struct_conf.details 
_struct_conf.pdbx_PDB_helix_length 
HELX_P HELX_P1 1 SER A 2   ? GLN A 5   ? SER A 2   GLN A 5   5 ? 4  
HELX_P HELX_P2 2 ALA A 50  ? GLY A 64  ? ALA A 50  GLY A 64  1 ? 15 
HELX_P HELX_P3 3 ASP A 114 ? LEU A 119 ? ASP A 114 LEU A 119 5 ? 6  
HELX_P HELX_P4 4 ASP A 124 ? ALA A 134 ? ASP A 124 ALA A 134 1 ? 11 
# 
_struct_conf_type.id          HELX_P 
_struct_conf_type.criteria    ? 
_struct_conf_type.reference   ? 
# 
loop_
_struct_conn.id 
_struct_conn.conn_type_id 
_struct_conn.pdbx_leaving_atom_flag 
_struct_conn.pdbx_PDB_id 
_struct_conn.ptnr1_label_asym_id 
_struct_conn.ptnr1_label_comp_id 
_struct_conn.ptnr1_label_seq_id 
_struct_conn.ptnr1_label_atom_id 
_struct_conn.pdbx_ptnr1_label_alt_id 
_struct_conn.pdbx_ptnr1_PDB_ins_code 
_struct_conn.pdbx_ptnr1_standard_comp_id 
_struct_conn.ptnr1_symmetry 
_struct_conn.ptnr2_label_asym_id 
_struct_conn.ptnr2_label_comp_id 
_struct_conn.ptnr2_label_seq_id 
_struct_conn.ptnr2_label_atom_id 
_struct_conn.pdbx_ptnr2_label_alt_id 
_struct_conn.pdbx_ptnr2_PDB_ins_code 
_struct_conn.ptnr1_auth_asym_id 
_struct_conn.ptnr1_auth_comp_id 
_struct_conn.ptnr1_auth_seq_id 
_struct_conn.ptnr2_auth_asym_id 
_struct_conn.ptnr2_auth_comp_id 
_struct_conn.ptnr2_auth_seq_id 
_struct_conn.ptnr2_symmetry 
_struct_conn.pdbx_ptnr3_label_atom_id 
_struct_conn.pdbx_ptnr3_label_seq_id 
_struct_conn.pdbx_ptnr3_label_comp_id 
_struct_conn.pdbx_ptnr3_label_asym_id 
_struct_conn.pdbx_ptnr3_label_alt_id 
_struct_conn.pdbx_ptnr3_PDB_ins_code 
_struct_conn.details 
_struct_conn.pdbx_dist_value 
_struct_conn.pdbx_value_order 
_struct_conn.pdbx_role 
metalc1 metalc ? ? A GLY 42 O   ? ? ? 1_555 B MG  . MG ? ? A GLY 42  A MG  300 1_555 ? ? ? ? ? ? ? 1.978 ? ? 
metalc2 metalc ? ? A GLU 62 OE1 ? ? ? 1_555 B MG  . MG ? ? A GLU 62  A MG  300 1_555 ? ? ? ? ? ? ? 3.131 ? ? 
metalc3 metalc ? ? A GLU 62 OE2 ? ? ? 1_555 B MG  . MG ? ? A GLU 62  A MG  300 1_555 ? ? ? ? ? ? ? 2.004 ? ? 
metalc4 metalc ? ? B MG  .  MG  ? ? ? 1_555 C HOH . O  ? ? A MG  300 A HOH 304 1_555 ? ? ? ? ? ? ? 2.133 ? ? 
metalc5 metalc ? ? B MG  .  MG  ? ? ? 1_555 C HOH . O  ? ? A MG  300 A HOH 318 1_555 ? ? ? ? ? ? ? 2.100 ? ? 
metalc6 metalc ? ? B MG  .  MG  ? ? ? 1_555 C HOH . O  ? ? A MG  300 A HOH 463 1_555 ? ? ? ? ? ? ? 2.058 ? ? 
metalc7 metalc ? ? B MG  .  MG  ? ? ? 1_555 C HOH . O  ? ? A MG  300 A HOH 525 1_555 ? ? ? ? ? ? ? 2.147 ? ? 
# 
_struct_conn_type.id          metalc 
_struct_conn_type.criteria    ? 
_struct_conn_type.reference   ? 
# 
loop_
_pdbx_struct_conn_angle.id 
_pdbx_struct_conn_angle.ptnr1_label_atom_id 
_pdbx_struct_conn_angle.ptnr1_label_alt_id 
_pdbx_struct_conn_angle.ptnr1_label_asym_id 
_pdbx_struct_conn_angle.ptnr1_label_comp_id 
_pdbx_struct_conn_angle.ptnr1_label_seq_id 
_pdbx_struct_conn_angle.ptnr1_auth_atom_id 
_pdbx_struct_conn_angle.ptnr1_auth_asym_id 
_pdbx_struct_conn_angle.ptnr1_auth_comp_id 
_pdbx_struct_conn_angle.ptnr1_auth_seq_id 
_pdbx_struct_conn_angle.ptnr1_PDB_ins_code 
_pdbx_struct_conn_angle.ptnr1_symmetry 
_pdbx_struct_conn_angle.ptnr2_label_atom_id 
_pdbx_struct_conn_angle.ptnr2_label_alt_id 
_pdbx_struct_conn_angle.ptnr2_label_asym_id 
_pdbx_struct_conn_angle.ptnr2_label_comp_id 
_pdbx_struct_conn_angle.ptnr2_label_seq_id 
_pdbx_struct_conn_angle.ptnr2_auth_atom_id 
_pdbx_struct_conn_angle.ptnr2_auth_asym_id 
_pdbx_struct_conn_angle.ptnr2_auth_comp_id 
_pdbx_struct_conn_angle.ptnr2_auth_seq_id 
_pdbx_struct_conn_angle.ptnr2_PDB_ins_code 
_pdbx_struct_conn_angle.ptnr2_symmetry 
_pdbx_struct_conn_angle.ptnr3_label_atom_id 
_pdbx_struct_conn_angle.ptnr3_label_alt_id 
_pdbx_struct_conn_angle.ptnr3_label_asym_id 
_pdbx_struct_conn_angle.ptnr3_label_comp_id 
_pdbx_struct_conn_angle.ptnr3_label_seq_id 
_pdbx_struct_conn_angle.ptnr3_auth_atom_id 
_pdbx_struct_conn_angle.ptnr3_auth_asym_id 
_pdbx_struct_conn_angle.ptnr3_auth_comp_id 
_pdbx_struct_conn_angle.ptnr3_auth_seq_id 
_pdbx_struct_conn_angle.ptnr3_PDB_ins_code 
_pdbx_struct_conn_angle.ptnr3_symmetry 
_pdbx_struct_conn_angle.value 
_pdbx_struct_conn_angle.value_esd 
1  O   ? A GLY 42 ? A GLY 42  ? 1_555 MG ? B MG . ? A MG 300 ? 1_555 OE1 ? A GLU 62 ? A GLU 62  ? 1_555 71.1  ? 
2  O   ? A GLY 42 ? A GLY 42  ? 1_555 MG ? B MG . ? A MG 300 ? 1_555 OE2 ? A GLU 62 ? A GLU 62  ? 1_555 84.8  ? 
3  OE1 ? A GLU 62 ? A GLU 62  ? 1_555 MG ? B MG . ? A MG 300 ? 1_555 OE2 ? A GLU 62 ? A GLU 62  ? 1_555 43.8  ? 
4  O   ? A GLY 42 ? A GLY 42  ? 1_555 MG ? B MG . ? A MG 300 ? 1_555 O   ? C HOH .  ? A HOH 304 ? 1_555 88.6  ? 
5  OE1 ? A GLU 62 ? A GLU 62  ? 1_555 MG ? B MG . ? A MG 300 ? 1_555 O   ? C HOH .  ? A HOH 304 ? 1_555 64.9  ? 
6  OE2 ? A GLU 62 ? A GLU 62  ? 1_555 MG ? B MG . ? A MG 300 ? 1_555 O   ? C HOH .  ? A HOH 304 ? 1_555 106.3 ? 
7  O   ? A GLY 42 ? A GLY 42  ? 1_555 MG ? B MG . ? A MG 300 ? 1_555 O   ? C HOH .  ? A HOH 318 ? 1_555 100.3 ? 
8  OE1 ? A GLU 62 ? A GLU 62  ? 1_555 MG ? B MG . ? A MG 300 ? 1_555 O   ? C HOH .  ? A HOH 318 ? 1_555 123.6 ? 
9  OE2 ? A GLU 62 ? A GLU 62  ? 1_555 MG ? B MG . ? A MG 300 ? 1_555 O   ? C HOH .  ? A HOH 318 ? 1_555 80.6  ? 
10 O   ? C HOH .  ? A HOH 304 ? 1_555 MG ? B MG . ? A MG 300 ? 1_555 O   ? C HOH .  ? A HOH 318 ? 1_555 169.3 ? 
11 O   ? A GLY 42 ? A GLY 42  ? 1_555 MG ? B MG . ? A MG 300 ? 1_555 O   ? C HOH .  ? A HOH 463 ? 1_555 168.6 ? 
12 OE1 ? A GLU 62 ? A GLU 62  ? 1_555 MG ? B MG . ? A MG 300 ? 1_555 O   ? C HOH .  ? A HOH 463 ? 1_555 98.4  ? 
13 OE2 ? A GLU 62 ? A GLU 62  ? 1_555 MG ? B MG . ? A MG 300 ? 1_555 O   ? C HOH .  ? A HOH 463 ? 1_555 90.3  ? 
14 O   ? C HOH .  ? A HOH 304 ? 1_555 MG ? B MG . ? A MG 300 ? 1_555 O   ? C HOH .  ? A HOH 463 ? 1_555 82.8  ? 
15 O   ? C HOH .  ? A HOH 318 ? 1_555 MG ? B MG . ? A MG 300 ? 1_555 O   ? C HOH .  ? A HOH 463 ? 1_555 89.0  ? 
16 O   ? A GLY 42 ? A GLY 42  ? 1_555 MG ? B MG . ? A MG 300 ? 1_555 O   ? C HOH .  ? A HOH 525 ? 1_555 89.7  ? 
17 OE1 ? A GLU 62 ? A GLU 62  ? 1_555 MG ? B MG . ? A MG 300 ? 1_555 O   ? C HOH .  ? A HOH 525 ? 1_555 144.0 ? 
18 OE2 ? A GLU 62 ? A GLU 62  ? 1_555 MG ? B MG . ? A MG 300 ? 1_555 O   ? C HOH .  ? A HOH 525 ? 1_555 167.2 ? 
19 O   ? C HOH .  ? A HOH 304 ? 1_555 MG ? B MG . ? A MG 300 ? 1_555 O   ? C HOH .  ? A HOH 525 ? 1_555 85.1  ? 
20 O   ? C HOH .  ? A HOH 318 ? 1_555 MG ? B MG . ? A MG 300 ? 1_555 O   ? C HOH .  ? A HOH 525 ? 1_555 89.0  ? 
21 O   ? C HOH .  ? A HOH 463 ? 1_555 MG ? B MG . ? A MG 300 ? 1_555 O   ? C HOH .  ? A HOH 525 ? 1_555 97.0  ? 
# 
loop_
_struct_sheet.id 
_struct_sheet.type 
_struct_sheet.number_strands 
_struct_sheet.details 
A ? 3 ? 
B ? 7 ? 
C ? 2 ? 
# 
loop_
_struct_sheet_order.sheet_id 
_struct_sheet_order.range_id_1 
_struct_sheet_order.range_id_2 
_struct_sheet_order.offset 
_struct_sheet_order.sense 
A 1 2 ? anti-parallel 
A 2 3 ? anti-parallel 
B 1 2 ? anti-parallel 
B 2 3 ? anti-parallel 
B 3 4 ? parallel      
B 4 5 ? anti-parallel 
B 5 6 ? parallel      
B 6 7 ? anti-parallel 
C 1 2 ? anti-parallel 
# 
loop_
_struct_sheet_range.sheet_id 
_struct_sheet_range.id 
_struct_sheet_range.beg_label_comp_id 
_struct_sheet_range.beg_label_asym_id 
_struct_sheet_range.beg_label_seq_id 
_struct_sheet_range.pdbx_beg_PDB_ins_code 
_struct_sheet_range.end_label_comp_id 
_struct_sheet_range.end_label_asym_id 
_struct_sheet_range.end_label_seq_id 
_struct_sheet_range.pdbx_end_PDB_ins_code 
_struct_sheet_range.beg_auth_comp_id 
_struct_sheet_range.beg_auth_asym_id 
_struct_sheet_range.beg_auth_seq_id 
_struct_sheet_range.end_auth_comp_id 
_struct_sheet_range.end_auth_asym_id 
_struct_sheet_range.end_auth_seq_id 
A 1 GLY A 37  ? ALA A 39  ? GLY A 37  ALA A 39  
A 2 ARG A 22  ? ARG A 28  ? ARG A 22  ARG A 28  
A 3 GLU A 107 ? GLN A 112 ? GLU A 107 GLN A 112 
B 1 GLY A 37  ? ALA A 39  ? GLY A 37  ALA A 39  
B 2 ARG A 22  ? ARG A 28  ? ARG A 22  ARG A 28  
B 3 THR A 7   ? ASP A 17  ? THR A 7   ASP A 17  
B 4 ARG A 85  ? ALA A 93  ? ARG A 85  ALA A 93  
B 5 GLN A 71  ? PRO A 79  ? GLN A 71  PRO A 79  
B 6 GLU A 139 ? PHE A 141 ? GLU A 139 PHE A 141 
B 7 LYS A 153 ? PHE A 155 ? LYS A 153 PHE A 155 
C 1 LEU A 65  ? GLN A 68  ? LEU A 65  GLN A 68  
C 2 GLU A 95  ? GLY A 98  ? GLU A 95  GLY A 98  
# 
loop_
_pdbx_struct_sheet_hbond.sheet_id 
_pdbx_struct_sheet_hbond.range_id_1 
_pdbx_struct_sheet_hbond.range_id_2 
_pdbx_struct_sheet_hbond.range_1_label_atom_id 
_pdbx_struct_sheet_hbond.range_1_label_comp_id 
_pdbx_struct_sheet_hbond.range_1_label_asym_id 
_pdbx_struct_sheet_hbond.range_1_label_seq_id 
_pdbx_struct_sheet_hbond.range_1_PDB_ins_code 
_pdbx_struct_sheet_hbond.range_1_auth_atom_id 
_pdbx_struct_sheet_hbond.range_1_auth_comp_id 
_pdbx_struct_sheet_hbond.range_1_auth_asym_id 
_pdbx_struct_sheet_hbond.range_1_auth_seq_id 
_pdbx_struct_sheet_hbond.range_2_label_atom_id 
_pdbx_struct_sheet_hbond.range_2_label_comp_id 
_pdbx_struct_sheet_hbond.range_2_label_asym_id 
_pdbx_struct_sheet_hbond.range_2_label_seq_id 
_pdbx_struct_sheet_hbond.range_2_PDB_ins_code 
_pdbx_struct_sheet_hbond.range_2_auth_atom_id 
_pdbx_struct_sheet_hbond.range_2_auth_comp_id 
_pdbx_struct_sheet_hbond.range_2_auth_asym_id 
_pdbx_struct_sheet_hbond.range_2_auth_seq_id 
A 1 2 O ALA A 39  ? O ALA A 39  N GLN A 26  ? N GLN A 26  
A 2 3 N MET A 25  ? N MET A 25  O SER A 109 ? O SER A 109 
B 1 2 O ALA A 39  ? O ALA A 39  N GLN A 26  ? N GLN A 26  
B 2 3 O ARG A 22  ? O ARG A 22  N ASP A 17  ? N ASP A 17  
B 3 4 N THR A 10  ? N THR A 10  O ILE A 89  ? O ILE A 89  
B 4 5 O CYS A 90  ? O CYS A 90  N VAL A 73  ? N VAL A 73  
B 5 6 N ASN A 77  ? N ASN A 77  O PHE A 140 ? O PHE A 140 
B 6 7 N PHE A 141 ? N PHE A 141 O LYS A 153 ? O LYS A 153 
C 1 2 N GLN A 68  ? N GLN A 68  O GLU A 95  ? O GLU A 95  
# 
_struct_site.id                   AC1 
_struct_site.pdbx_evidence_code   Software 
_struct_site.pdbx_auth_asym_id    A 
_struct_site.pdbx_auth_comp_id    MG 
_struct_site.pdbx_auth_seq_id     300 
_struct_site.pdbx_auth_ins_code   ? 
_struct_site.pdbx_num_residues    8 
_struct_site.details              'BINDING SITE FOR RESIDUE MG A 300' 
# 
loop_
_struct_site_gen.id 
_struct_site_gen.site_id 
_struct_site_gen.pdbx_num_res 
_struct_site_gen.label_comp_id 
_struct_site_gen.label_asym_id 
_struct_site_gen.label_seq_id 
_struct_site_gen.pdbx_auth_ins_code 
_struct_site_gen.auth_comp_id 
_struct_site_gen.auth_asym_id 
_struct_site_gen.auth_seq_id 
_struct_site_gen.label_atom_id 
_struct_site_gen.label_alt_id 
_struct_site_gen.symmetry 
_struct_site_gen.details 
1 AC1 8 GLY A 42  ? GLY A 42  . ? 1_555 ? 
2 AC1 8 GLY A 43  ? GLY A 43  . ? 1_555 ? 
3 AC1 8 GLU A 62  ? GLU A 62  . ? 1_555 ? 
4 AC1 8 GLU A 105 ? GLU A 105 . ? 1_555 ? 
5 AC1 8 HOH C .   ? HOH A 304 . ? 1_555 ? 
6 AC1 8 HOH C .   ? HOH A 318 . ? 1_555 ? 
7 AC1 8 HOH C .   ? HOH A 463 . ? 1_555 ? 
8 AC1 8 HOH C .   ? HOH A 525 . ? 1_555 ? 
# 
loop_
_pdbx_validate_close_contact.id 
_pdbx_validate_close_contact.PDB_model_num 
_pdbx_validate_close_contact.auth_atom_id_1 
_pdbx_validate_close_contact.auth_asym_id_1 
_pdbx_validate_close_contact.auth_comp_id_1 
_pdbx_validate_close_contact.auth_seq_id_1 
_pdbx_validate_close_contact.PDB_ins_code_1 
_pdbx_validate_close_contact.label_alt_id_1 
_pdbx_validate_close_contact.auth_atom_id_2 
_pdbx_validate_close_contact.auth_asym_id_2 
_pdbx_validate_close_contact.auth_comp_id_2 
_pdbx_validate_close_contact.auth_seq_id_2 
_pdbx_validate_close_contact.PDB_ins_code_2 
_pdbx_validate_close_contact.label_alt_id_2 
_pdbx_validate_close_contact.dist 
1 1 O   A HOH 484 ? ? O A HOH 488 ? ? 2.06 
2 1 O   A HOH 488 ? ? O A HOH 508 ? ? 2.11 
3 1 OE2 A GLU 105 ? ? O A HOH 488 ? ? 2.13 
4 1 OE1 A GLU 58  ? ? O A HOH 488 ? ? 2.15 
5 1 OE2 A GLU 62  ? ? O A HOH 488 ? ? 2.18 
# 
_pdbx_SG_project.id                    1 
_pdbx_SG_project.project_name          'PSI, Protein Structure Initiative' 
_pdbx_SG_project.full_name_of_center   'Midwest Center for Structural Genomics' 
_pdbx_SG_project.initial_of_center     MCSG 
# 
loop_
_pdbx_struct_special_symmetry.id 
_pdbx_struct_special_symmetry.PDB_model_num 
_pdbx_struct_special_symmetry.auth_asym_id 
_pdbx_struct_special_symmetry.auth_comp_id 
_pdbx_struct_special_symmetry.auth_seq_id 
_pdbx_struct_special_symmetry.PDB_ins_code 
_pdbx_struct_special_symmetry.label_asym_id 
_pdbx_struct_special_symmetry.label_comp_id 
_pdbx_struct_special_symmetry.label_seq_id 
1 1 A HOH 302 ? C HOH . 
2 1 A HOH 358 ? C HOH . 
3 1 A HOH 398 ? C HOH . 
# 
_pdbx_refine_tls.id               1 
_pdbx_refine_tls.details          ? 
_pdbx_refine_tls.method           refined 
_pdbx_refine_tls.origin_x         0.1752 
_pdbx_refine_tls.origin_y         -0.3913 
_pdbx_refine_tls.origin_z         0.0515 
_pdbx_refine_tls.T[1][1]          -0.0301 
_pdbx_refine_tls.T[2][2]          -0.0318 
_pdbx_refine_tls.T[3][3]          -0.0215 
_pdbx_refine_tls.T[1][2]          -0.0048 
_pdbx_refine_tls.T[1][3]          0.0145 
_pdbx_refine_tls.T[2][3]          0.0050 
_pdbx_refine_tls.L[1][1]          0.6968 
_pdbx_refine_tls.L[2][2]          0.9664 
_pdbx_refine_tls.L[3][3]          0.9277 
_pdbx_refine_tls.L[1][2]          -0.3171 
_pdbx_refine_tls.L[1][3]          -0.3137 
_pdbx_refine_tls.L[2][3]          -0.1002 
_pdbx_refine_tls.S[1][1]          -0.0536 
_pdbx_refine_tls.S[1][2]          0.0013 
_pdbx_refine_tls.S[1][3]          -0.0951 
_pdbx_refine_tls.S[2][1]          0.0987 
_pdbx_refine_tls.S[2][2]          0.0365 
_pdbx_refine_tls.S[2][3]          0.0714 
_pdbx_refine_tls.S[3][1]          0.0175 
_pdbx_refine_tls.S[3][2]          -0.0209 
_pdbx_refine_tls.S[3][3]          0.0171 
_pdbx_refine_tls.pdbx_refine_id   'X-RAY DIFFRACTION' 
# 
loop_
_pdbx_refine_tls_group.id 
_pdbx_refine_tls_group.refine_tls_id 
_pdbx_refine_tls_group.beg_auth_asym_id 
_pdbx_refine_tls_group.beg_auth_seq_id 
_pdbx_refine_tls_group.beg_label_asym_id 
_pdbx_refine_tls_group.beg_label_seq_id 
_pdbx_refine_tls_group.end_auth_asym_id 
_pdbx_refine_tls_group.end_auth_seq_id 
_pdbx_refine_tls_group.end_label_asym_id 
_pdbx_refine_tls_group.end_label_seq_id 
_pdbx_refine_tls_group.selection 
_pdbx_refine_tls_group.pdbx_refine_id 
_pdbx_refine_tls_group.selection_details 
1 1 A 1   A 1   A 28  A 28  ? 'X-RAY DIFFRACTION' ? 
2 1 A 35  A 35  A 100 A 100 ? 'X-RAY DIFFRACTION' ? 
3 1 A 101 A 101 A 155 A 155 ? 'X-RAY DIFFRACTION' ? 
# 
loop_
_pdbx_unobs_or_zero_occ_residues.id 
_pdbx_unobs_or_zero_occ_residues.PDB_model_num 
_pdbx_unobs_or_zero_occ_residues.polymer_flag 
_pdbx_unobs_or_zero_occ_residues.occupancy_flag 
_pdbx_unobs_or_zero_occ_residues.auth_asym_id 
_pdbx_unobs_or_zero_occ_residues.auth_comp_id 
_pdbx_unobs_or_zero_occ_residues.auth_seq_id 
_pdbx_unobs_or_zero_occ_residues.PDB_ins_code 
_pdbx_unobs_or_zero_occ_residues.label_asym_id 
_pdbx_unobs_or_zero_occ_residues.label_comp_id 
_pdbx_unobs_or_zero_occ_residues.label_seq_id 
1 1 Y 1 A PRO 30 ? A PRO 30 
2 1 Y 1 A GLU 31 ? A GLU 31 
3 1 Y 1 A ASN 32 ? A ASN 32 
4 1 Y 1 A ASN 33 ? A ASN 33 
5 1 Y 1 A ARG 34 ? A ARG 34 
# 
loop_
_chem_comp_atom.comp_id 
_chem_comp_atom.atom_id 
_chem_comp_atom.type_symbol 
_chem_comp_atom.pdbx_aromatic_flag 
_chem_comp_atom.pdbx_stereo_config 
_chem_comp_atom.pdbx_ordinal 
ALA N    N  N N 1   
ALA CA   C  N S 2   
ALA C    C  N N 3   
ALA O    O  N N 4   
ALA CB   C  N N 5   
ALA OXT  O  N N 6   
ALA H    H  N N 7   
ALA H2   H  N N 8   
ALA HA   H  N N 9   
ALA HB1  H  N N 10  
ALA HB2  H  N N 11  
ALA HB3  H  N N 12  
ALA HXT  H  N N 13  
ARG N    N  N N 14  
ARG CA   C  N S 15  
ARG C    C  N N 16  
ARG O    O  N N 17  
ARG CB   C  N N 18  
ARG CG   C  N N 19  
ARG CD   C  N N 20  
ARG NE   N  N N 21  
ARG CZ   C  N N 22  
ARG NH1  N  N N 23  
ARG NH2  N  N N 24  
ARG OXT  O  N N 25  
ARG H    H  N N 26  
ARG H2   H  N N 27  
ARG HA   H  N N 28  
ARG HB2  H  N N 29  
ARG HB3  H  N N 30  
ARG HG2  H  N N 31  
ARG HG3  H  N N 32  
ARG HD2  H  N N 33  
ARG HD3  H  N N 34  
ARG HE   H  N N 35  
ARG HH11 H  N N 36  
ARG HH12 H  N N 37  
ARG HH21 H  N N 38  
ARG HH22 H  N N 39  
ARG HXT  H  N N 40  
ASN N    N  N N 41  
ASN CA   C  N S 42  
ASN C    C  N N 43  
ASN O    O  N N 44  
ASN CB   C  N N 45  
ASN CG   C  N N 46  
ASN OD1  O  N N 47  
ASN ND2  N  N N 48  
ASN OXT  O  N N 49  
ASN H    H  N N 50  
ASN H2   H  N N 51  
ASN HA   H  N N 52  
ASN HB2  H  N N 53  
ASN HB3  H  N N 54  
ASN HD21 H  N N 55  
ASN HD22 H  N N 56  
ASN HXT  H  N N 57  
ASP N    N  N N 58  
ASP CA   C  N S 59  
ASP C    C  N N 60  
ASP O    O  N N 61  
ASP CB   C  N N 62  
ASP CG   C  N N 63  
ASP OD1  O  N N 64  
ASP OD2  O  N N 65  
ASP OXT  O  N N 66  
ASP H    H  N N 67  
ASP H2   H  N N 68  
ASP HA   H  N N 69  
ASP HB2  H  N N 70  
ASP HB3  H  N N 71  
ASP HD2  H  N N 72  
ASP HXT  H  N N 73  
CYS N    N  N N 74  
CYS CA   C  N R 75  
CYS C    C  N N 76  
CYS O    O  N N 77  
CYS CB   C  N N 78  
CYS SG   S  N N 79  
CYS OXT  O  N N 80  
CYS H    H  N N 81  
CYS H2   H  N N 82  
CYS HA   H  N N 83  
CYS HB2  H  N N 84  
CYS HB3  H  N N 85  
CYS HG   H  N N 86  
CYS HXT  H  N N 87  
GLN N    N  N N 88  
GLN CA   C  N S 89  
GLN C    C  N N 90  
GLN O    O  N N 91  
GLN CB   C  N N 92  
GLN CG   C  N N 93  
GLN CD   C  N N 94  
GLN OE1  O  N N 95  
GLN NE2  N  N N 96  
GLN OXT  O  N N 97  
GLN H    H  N N 98  
GLN H2   H  N N 99  
GLN HA   H  N N 100 
GLN HB2  H  N N 101 
GLN HB3  H  N N 102 
GLN HG2  H  N N 103 
GLN HG3  H  N N 104 
GLN HE21 H  N N 105 
GLN HE22 H  N N 106 
GLN HXT  H  N N 107 
GLU N    N  N N 108 
GLU CA   C  N S 109 
GLU C    C  N N 110 
GLU O    O  N N 111 
GLU CB   C  N N 112 
GLU CG   C  N N 113 
GLU CD   C  N N 114 
GLU OE1  O  N N 115 
GLU OE2  O  N N 116 
GLU OXT  O  N N 117 
GLU H    H  N N 118 
GLU H2   H  N N 119 
GLU HA   H  N N 120 
GLU HB2  H  N N 121 
GLU HB3  H  N N 122 
GLU HG2  H  N N 123 
GLU HG3  H  N N 124 
GLU HE2  H  N N 125 
GLU HXT  H  N N 126 
GLY N    N  N N 127 
GLY CA   C  N N 128 
GLY C    C  N N 129 
GLY O    O  N N 130 
GLY OXT  O  N N 131 
GLY H    H  N N 132 
GLY H2   H  N N 133 
GLY HA2  H  N N 134 
GLY HA3  H  N N 135 
GLY HXT  H  N N 136 
HIS N    N  N N 137 
HIS CA   C  N S 138 
HIS C    C  N N 139 
HIS O    O  N N 140 
HIS CB   C  N N 141 
HIS CG   C  Y N 142 
HIS ND1  N  Y N 143 
HIS CD2  C  Y N 144 
HIS CE1  C  Y N 145 
HIS NE2  N  Y N 146 
HIS OXT  O  N N 147 
HIS H    H  N N 148 
HIS H2   H  N N 149 
HIS HA   H  N N 150 
HIS HB2  H  N N 151 
HIS HB3  H  N N 152 
HIS HD1  H  N N 153 
HIS HD2  H  N N 154 
HIS HE1  H  N N 155 
HIS HE2  H  N N 156 
HIS HXT  H  N N 157 
HOH O    O  N N 158 
HOH H1   H  N N 159 
HOH H2   H  N N 160 
ILE N    N  N N 161 
ILE CA   C  N S 162 
ILE C    C  N N 163 
ILE O    O  N N 164 
ILE CB   C  N S 165 
ILE CG1  C  N N 166 
ILE CG2  C  N N 167 
ILE CD1  C  N N 168 
ILE OXT  O  N N 169 
ILE H    H  N N 170 
ILE H2   H  N N 171 
ILE HA   H  N N 172 
ILE HB   H  N N 173 
ILE HG12 H  N N 174 
ILE HG13 H  N N 175 
ILE HG21 H  N N 176 
ILE HG22 H  N N 177 
ILE HG23 H  N N 178 
ILE HD11 H  N N 179 
ILE HD12 H  N N 180 
ILE HD13 H  N N 181 
ILE HXT  H  N N 182 
LEU N    N  N N 183 
LEU CA   C  N S 184 
LEU C    C  N N 185 
LEU O    O  N N 186 
LEU CB   C  N N 187 
LEU CG   C  N N 188 
LEU CD1  C  N N 189 
LEU CD2  C  N N 190 
LEU OXT  O  N N 191 
LEU H    H  N N 192 
LEU H2   H  N N 193 
LEU HA   H  N N 194 
LEU HB2  H  N N 195 
LEU HB3  H  N N 196 
LEU HG   H  N N 197 
LEU HD11 H  N N 198 
LEU HD12 H  N N 199 
LEU HD13 H  N N 200 
LEU HD21 H  N N 201 
LEU HD22 H  N N 202 
LEU HD23 H  N N 203 
LEU HXT  H  N N 204 
LYS N    N  N N 205 
LYS CA   C  N S 206 
LYS C    C  N N 207 
LYS O    O  N N 208 
LYS CB   C  N N 209 
LYS CG   C  N N 210 
LYS CD   C  N N 211 
LYS CE   C  N N 212 
LYS NZ   N  N N 213 
LYS OXT  O  N N 214 
LYS H    H  N N 215 
LYS H2   H  N N 216 
LYS HA   H  N N 217 
LYS HB2  H  N N 218 
LYS HB3  H  N N 219 
LYS HG2  H  N N 220 
LYS HG3  H  N N 221 
LYS HD2  H  N N 222 
LYS HD3  H  N N 223 
LYS HE2  H  N N 224 
LYS HE3  H  N N 225 
LYS HZ1  H  N N 226 
LYS HZ2  H  N N 227 
LYS HZ3  H  N N 228 
LYS HXT  H  N N 229 
MET N    N  N N 230 
MET CA   C  N S 231 
MET C    C  N N 232 
MET O    O  N N 233 
MET CB   C  N N 234 
MET CG   C  N N 235 
MET SD   S  N N 236 
MET CE   C  N N 237 
MET OXT  O  N N 238 
MET H    H  N N 239 
MET H2   H  N N 240 
MET HA   H  N N 241 
MET HB2  H  N N 242 
MET HB3  H  N N 243 
MET HG2  H  N N 244 
MET HG3  H  N N 245 
MET HE1  H  N N 246 
MET HE2  H  N N 247 
MET HE3  H  N N 248 
MET HXT  H  N N 249 
MG  MG   MG N N 250 
PHE N    N  N N 251 
PHE CA   C  N S 252 
PHE C    C  N N 253 
PHE O    O  N N 254 
PHE CB   C  N N 255 
PHE CG   C  Y N 256 
PHE CD1  C  Y N 257 
PHE CD2  C  Y N 258 
PHE CE1  C  Y N 259 
PHE CE2  C  Y N 260 
PHE CZ   C  Y N 261 
PHE OXT  O  N N 262 
PHE H    H  N N 263 
PHE H2   H  N N 264 
PHE HA   H  N N 265 
PHE HB2  H  N N 266 
PHE HB3  H  N N 267 
PHE HD1  H  N N 268 
PHE HD2  H  N N 269 
PHE HE1  H  N N 270 
PHE HE2  H  N N 271 
PHE HZ   H  N N 272 
PHE HXT  H  N N 273 
PRO N    N  N N 274 
PRO CA   C  N S 275 
PRO C    C  N N 276 
PRO O    O  N N 277 
PRO CB   C  N N 278 
PRO CG   C  N N 279 
PRO CD   C  N N 280 
PRO OXT  O  N N 281 
PRO H    H  N N 282 
PRO HA   H  N N 283 
PRO HB2  H  N N 284 
PRO HB3  H  N N 285 
PRO HG2  H  N N 286 
PRO HG3  H  N N 287 
PRO HD2  H  N N 288 
PRO HD3  H  N N 289 
PRO HXT  H  N N 290 
SER N    N  N N 291 
SER CA   C  N S 292 
SER C    C  N N 293 
SER O    O  N N 294 
SER CB   C  N N 295 
SER OG   O  N N 296 
SER OXT  O  N N 297 
SER H    H  N N 298 
SER H2   H  N N 299 
SER HA   H  N N 300 
SER HB2  H  N N 301 
SER HB3  H  N N 302 
SER HG   H  N N 303 
SER HXT  H  N N 304 
THR N    N  N N 305 
THR CA   C  N S 306 
THR C    C  N N 307 
THR O    O  N N 308 
THR CB   C  N R 309 
THR OG1  O  N N 310 
THR CG2  C  N N 311 
THR OXT  O  N N 312 
THR H    H  N N 313 
THR H2   H  N N 314 
THR HA   H  N N 315 
THR HB   H  N N 316 
THR HG1  H  N N 317 
THR HG21 H  N N 318 
THR HG22 H  N N 319 
THR HG23 H  N N 320 
THR HXT  H  N N 321 
TRP N    N  N N 322 
TRP CA   C  N S 323 
TRP C    C  N N 324 
TRP O    O  N N 325 
TRP CB   C  N N 326 
TRP CG   C  Y N 327 
TRP CD1  C  Y N 328 
TRP CD2  C  Y N 329 
TRP NE1  N  Y N 330 
TRP CE2  C  Y N 331 
TRP CE3  C  Y N 332 
TRP CZ2  C  Y N 333 
TRP CZ3  C  Y N 334 
TRP CH2  C  Y N 335 
TRP OXT  O  N N 336 
TRP H    H  N N 337 
TRP H2   H  N N 338 
TRP HA   H  N N 339 
TRP HB2  H  N N 340 
TRP HB3  H  N N 341 
TRP HD1  H  N N 342 
TRP HE1  H  N N 343 
TRP HE3  H  N N 344 
TRP HZ2  H  N N 345 
TRP HZ3  H  N N 346 
TRP HH2  H  N N 347 
TRP HXT  H  N N 348 
TYR N    N  N N 349 
TYR CA   C  N S 350 
TYR C    C  N N 351 
TYR O    O  N N 352 
TYR CB   C  N N 353 
TYR CG   C  Y N 354 
TYR CD1  C  Y N 355 
TYR CD2  C  Y N 356 
TYR CE1  C  Y N 357 
TYR CE2  C  Y N 358 
TYR CZ   C  Y N 359 
TYR OH   O  N N 360 
TYR OXT  O  N N 361 
TYR H    H  N N 362 
TYR H2   H  N N 363 
TYR HA   H  N N 364 
TYR HB2  H  N N 365 
TYR HB3  H  N N 366 
TYR HD1  H  N N 367 
TYR HD2  H  N N 368 
TYR HE1  H  N N 369 
TYR HE2  H  N N 370 
TYR HH   H  N N 371 
TYR HXT  H  N N 372 
VAL N    N  N N 373 
VAL CA   C  N S 374 
VAL C    C  N N 375 
VAL O    O  N N 376 
VAL CB   C  N N 377 
VAL CG1  C  N N 378 
VAL CG2  C  N N 379 
VAL OXT  O  N N 380 
VAL H    H  N N 381 
VAL H2   H  N N 382 
VAL HA   H  N N 383 
VAL HB   H  N N 384 
VAL HG11 H  N N 385 
VAL HG12 H  N N 386 
VAL HG13 H  N N 387 
VAL HG21 H  N N 388 
VAL HG22 H  N N 389 
VAL HG23 H  N N 390 
VAL HXT  H  N N 391 
# 
loop_
_chem_comp_bond.comp_id 
_chem_comp_bond.atom_id_1 
_chem_comp_bond.atom_id_2 
_chem_comp_bond.value_order 
_chem_comp_bond.pdbx_aromatic_flag 
_chem_comp_bond.pdbx_stereo_config 
_chem_comp_bond.pdbx_ordinal 
ALA N   CA   sing N N 1   
ALA N   H    sing N N 2   
ALA N   H2   sing N N 3   
ALA CA  C    sing N N 4   
ALA CA  CB   sing N N 5   
ALA CA  HA   sing N N 6   
ALA C   O    doub N N 7   
ALA C   OXT  sing N N 8   
ALA CB  HB1  sing N N 9   
ALA CB  HB2  sing N N 10  
ALA CB  HB3  sing N N 11  
ALA OXT HXT  sing N N 12  
ARG N   CA   sing N N 13  
ARG N   H    sing N N 14  
ARG N   H2   sing N N 15  
ARG CA  C    sing N N 16  
ARG CA  CB   sing N N 17  
ARG CA  HA   sing N N 18  
ARG C   O    doub N N 19  
ARG C   OXT  sing N N 20  
ARG CB  CG   sing N N 21  
ARG CB  HB2  sing N N 22  
ARG CB  HB3  sing N N 23  
ARG CG  CD   sing N N 24  
ARG CG  HG2  sing N N 25  
ARG CG  HG3  sing N N 26  
ARG CD  NE   sing N N 27  
ARG CD  HD2  sing N N 28  
ARG CD  HD3  sing N N 29  
ARG NE  CZ   sing N N 30  
ARG NE  HE   sing N N 31  
ARG CZ  NH1  sing N N 32  
ARG CZ  NH2  doub N N 33  
ARG NH1 HH11 sing N N 34  
ARG NH1 HH12 sing N N 35  
ARG NH2 HH21 sing N N 36  
ARG NH2 HH22 sing N N 37  
ARG OXT HXT  sing N N 38  
ASN N   CA   sing N N 39  
ASN N   H    sing N N 40  
ASN N   H2   sing N N 41  
ASN CA  C    sing N N 42  
ASN CA  CB   sing N N 43  
ASN CA  HA   sing N N 44  
ASN C   O    doub N N 45  
ASN C   OXT  sing N N 46  
ASN CB  CG   sing N N 47  
ASN CB  HB2  sing N N 48  
ASN CB  HB3  sing N N 49  
ASN CG  OD1  doub N N 50  
ASN CG  ND2  sing N N 51  
ASN ND2 HD21 sing N N 52  
ASN ND2 HD22 sing N N 53  
ASN OXT HXT  sing N N 54  
ASP N   CA   sing N N 55  
ASP N   H    sing N N 56  
ASP N   H2   sing N N 57  
ASP CA  C    sing N N 58  
ASP CA  CB   sing N N 59  
ASP CA  HA   sing N N 60  
ASP C   O    doub N N 61  
ASP C   OXT  sing N N 62  
ASP CB  CG   sing N N 63  
ASP CB  HB2  sing N N 64  
ASP CB  HB3  sing N N 65  
ASP CG  OD1  doub N N 66  
ASP CG  OD2  sing N N 67  
ASP OD2 HD2  sing N N 68  
ASP OXT HXT  sing N N 69  
CYS N   CA   sing N N 70  
CYS N   H    sing N N 71  
CYS N   H2   sing N N 72  
CYS CA  C    sing N N 73  
CYS CA  CB   sing N N 74  
CYS CA  HA   sing N N 75  
CYS C   O    doub N N 76  
CYS C   OXT  sing N N 77  
CYS CB  SG   sing N N 78  
CYS CB  HB2  sing N N 79  
CYS CB  HB3  sing N N 80  
CYS SG  HG   sing N N 81  
CYS OXT HXT  sing N N 82  
GLN N   CA   sing N N 83  
GLN N   H    sing N N 84  
GLN N   H2   sing N N 85  
GLN CA  C    sing N N 86  
GLN CA  CB   sing N N 87  
GLN CA  HA   sing N N 88  
GLN C   O    doub N N 89  
GLN C   OXT  sing N N 90  
GLN CB  CG   sing N N 91  
GLN CB  HB2  sing N N 92  
GLN CB  HB3  sing N N 93  
GLN CG  CD   sing N N 94  
GLN CG  HG2  sing N N 95  
GLN CG  HG3  sing N N 96  
GLN CD  OE1  doub N N 97  
GLN CD  NE2  sing N N 98  
GLN NE2 HE21 sing N N 99  
GLN NE2 HE22 sing N N 100 
GLN OXT HXT  sing N N 101 
GLU N   CA   sing N N 102 
GLU N   H    sing N N 103 
GLU N   H2   sing N N 104 
GLU CA  C    sing N N 105 
GLU CA  CB   sing N N 106 
GLU CA  HA   sing N N 107 
GLU C   O    doub N N 108 
GLU C   OXT  sing N N 109 
GLU CB  CG   sing N N 110 
GLU CB  HB2  sing N N 111 
GLU CB  HB3  sing N N 112 
GLU CG  CD   sing N N 113 
GLU CG  HG2  sing N N 114 
GLU CG  HG3  sing N N 115 
GLU CD  OE1  doub N N 116 
GLU CD  OE2  sing N N 117 
GLU OE2 HE2  sing N N 118 
GLU OXT HXT  sing N N 119 
GLY N   CA   sing N N 120 
GLY N   H    sing N N 121 
GLY N   H2   sing N N 122 
GLY CA  C    sing N N 123 
GLY CA  HA2  sing N N 124 
GLY CA  HA3  sing N N 125 
GLY C   O    doub N N 126 
GLY C   OXT  sing N N 127 
GLY OXT HXT  sing N N 128 
HIS N   CA   sing N N 129 
HIS N   H    sing N N 130 
HIS N   H2   sing N N 131 
HIS CA  C    sing N N 132 
HIS CA  CB   sing N N 133 
HIS CA  HA   sing N N 134 
HIS C   O    doub N N 135 
HIS C   OXT  sing N N 136 
HIS CB  CG   sing N N 137 
HIS CB  HB2  sing N N 138 
HIS CB  HB3  sing N N 139 
HIS CG  ND1  sing Y N 140 
HIS CG  CD2  doub Y N 141 
HIS ND1 CE1  doub Y N 142 
HIS ND1 HD1  sing N N 143 
HIS CD2 NE2  sing Y N 144 
HIS CD2 HD2  sing N N 145 
HIS CE1 NE2  sing Y N 146 
HIS CE1 HE1  sing N N 147 
HIS NE2 HE2  sing N N 148 
HIS OXT HXT  sing N N 149 
HOH O   H1   sing N N 150 
HOH O   H2   sing N N 151 
ILE N   CA   sing N N 152 
ILE N   H    sing N N 153 
ILE N   H2   sing N N 154 
ILE CA  C    sing N N 155 
ILE CA  CB   sing N N 156 
ILE CA  HA   sing N N 157 
ILE C   O    doub N N 158 
ILE C   OXT  sing N N 159 
ILE CB  CG1  sing N N 160 
ILE CB  CG2  sing N N 161 
ILE CB  HB   sing N N 162 
ILE CG1 CD1  sing N N 163 
ILE CG1 HG12 sing N N 164 
ILE CG1 HG13 sing N N 165 
ILE CG2 HG21 sing N N 166 
ILE CG2 HG22 sing N N 167 
ILE CG2 HG23 sing N N 168 
ILE CD1 HD11 sing N N 169 
ILE CD1 HD12 sing N N 170 
ILE CD1 HD13 sing N N 171 
ILE OXT HXT  sing N N 172 
LEU N   CA   sing N N 173 
LEU N   H    sing N N 174 
LEU N   H2   sing N N 175 
LEU CA  C    sing N N 176 
LEU CA  CB   sing N N 177 
LEU CA  HA   sing N N 178 
LEU C   O    doub N N 179 
LEU C   OXT  sing N N 180 
LEU CB  CG   sing N N 181 
LEU CB  HB2  sing N N 182 
LEU CB  HB3  sing N N 183 
LEU CG  CD1  sing N N 184 
LEU CG  CD2  sing N N 185 
LEU CG  HG   sing N N 186 
LEU CD1 HD11 sing N N 187 
LEU CD1 HD12 sing N N 188 
LEU CD1 HD13 sing N N 189 
LEU CD2 HD21 sing N N 190 
LEU CD2 HD22 sing N N 191 
LEU CD2 HD23 sing N N 192 
LEU OXT HXT  sing N N 193 
LYS N   CA   sing N N 194 
LYS N   H    sing N N 195 
LYS N   H2   sing N N 196 
LYS CA  C    sing N N 197 
LYS CA  CB   sing N N 198 
LYS CA  HA   sing N N 199 
LYS C   O    doub N N 200 
LYS C   OXT  sing N N 201 
LYS CB  CG   sing N N 202 
LYS CB  HB2  sing N N 203 
LYS CB  HB3  sing N N 204 
LYS CG  CD   sing N N 205 
LYS CG  HG2  sing N N 206 
LYS CG  HG3  sing N N 207 
LYS CD  CE   sing N N 208 
LYS CD  HD2  sing N N 209 
LYS CD  HD3  sing N N 210 
LYS CE  NZ   sing N N 211 
LYS CE  HE2  sing N N 212 
LYS CE  HE3  sing N N 213 
LYS NZ  HZ1  sing N N 214 
LYS NZ  HZ2  sing N N 215 
LYS NZ  HZ3  sing N N 216 
LYS OXT HXT  sing N N 217 
MET N   CA   sing N N 218 
MET N   H    sing N N 219 
MET N   H2   sing N N 220 
MET CA  C    sing N N 221 
MET CA  CB   sing N N 222 
MET CA  HA   sing N N 223 
MET C   O    doub N N 224 
MET C   OXT  sing N N 225 
MET CB  CG   sing N N 226 
MET CB  HB2  sing N N 227 
MET CB  HB3  sing N N 228 
MET CG  SD   sing N N 229 
MET CG  HG2  sing N N 230 
MET CG  HG3  sing N N 231 
MET SD  CE   sing N N 232 
MET CE  HE1  sing N N 233 
MET CE  HE2  sing N N 234 
MET CE  HE3  sing N N 235 
MET OXT HXT  sing N N 236 
PHE N   CA   sing N N 237 
PHE N   H    sing N N 238 
PHE N   H2   sing N N 239 
PHE CA  C    sing N N 240 
PHE CA  CB   sing N N 241 
PHE CA  HA   sing N N 242 
PHE C   O    doub N N 243 
PHE C   OXT  sing N N 244 
PHE CB  CG   sing N N 245 
PHE CB  HB2  sing N N 246 
PHE CB  HB3  sing N N 247 
PHE CG  CD1  doub Y N 248 
PHE CG  CD2  sing Y N 249 
PHE CD1 CE1  sing Y N 250 
PHE CD1 HD1  sing N N 251 
PHE CD2 CE2  doub Y N 252 
PHE CD2 HD2  sing N N 253 
PHE CE1 CZ   doub Y N 254 
PHE CE1 HE1  sing N N 255 
PHE CE2 CZ   sing Y N 256 
PHE CE2 HE2  sing N N 257 
PHE CZ  HZ   sing N N 258 
PHE OXT HXT  sing N N 259 
PRO N   CA   sing N N 260 
PRO N   CD   sing N N 261 
PRO N   H    sing N N 262 
PRO CA  C    sing N N 263 
PRO CA  CB   sing N N 264 
PRO CA  HA   sing N N 265 
PRO C   O    doub N N 266 
PRO C   OXT  sing N N 267 
PRO CB  CG   sing N N 268 
PRO CB  HB2  sing N N 269 
PRO CB  HB3  sing N N 270 
PRO CG  CD   sing N N 271 
PRO CG  HG2  sing N N 272 
PRO CG  HG3  sing N N 273 
PRO CD  HD2  sing N N 274 
PRO CD  HD3  sing N N 275 
PRO OXT HXT  sing N N 276 
SER N   CA   sing N N 277 
SER N   H    sing N N 278 
SER N   H2   sing N N 279 
SER CA  C    sing N N 280 
SER CA  CB   sing N N 281 
SER CA  HA   sing N N 282 
SER C   O    doub N N 283 
SER C   OXT  sing N N 284 
SER CB  OG   sing N N 285 
SER CB  HB2  sing N N 286 
SER CB  HB3  sing N N 287 
SER OG  HG   sing N N 288 
SER OXT HXT  sing N N 289 
THR N   CA   sing N N 290 
THR N   H    sing N N 291 
THR N   H2   sing N N 292 
THR CA  C    sing N N 293 
THR CA  CB   sing N N 294 
THR CA  HA   sing N N 295 
THR C   O    doub N N 296 
THR C   OXT  sing N N 297 
THR CB  OG1  sing N N 298 
THR CB  CG2  sing N N 299 
THR CB  HB   sing N N 300 
THR OG1 HG1  sing N N 301 
THR CG2 HG21 sing N N 302 
THR CG2 HG22 sing N N 303 
THR CG2 HG23 sing N N 304 
THR OXT HXT  sing N N 305 
TRP N   CA   sing N N 306 
TRP N   H    sing N N 307 
TRP N   H2   sing N N 308 
TRP CA  C    sing N N 309 
TRP CA  CB   sing N N 310 
TRP CA  HA   sing N N 311 
TRP C   O    doub N N 312 
TRP C   OXT  sing N N 313 
TRP CB  CG   sing N N 314 
TRP CB  HB2  sing N N 315 
TRP CB  HB3  sing N N 316 
TRP CG  CD1  doub Y N 317 
TRP CG  CD2  sing Y N 318 
TRP CD1 NE1  sing Y N 319 
TRP CD1 HD1  sing N N 320 
TRP CD2 CE2  doub Y N 321 
TRP CD2 CE3  sing Y N 322 
TRP NE1 CE2  sing Y N 323 
TRP NE1 HE1  sing N N 324 
TRP CE2 CZ2  sing Y N 325 
TRP CE3 CZ3  doub Y N 326 
TRP CE3 HE3  sing N N 327 
TRP CZ2 CH2  doub Y N 328 
TRP CZ2 HZ2  sing N N 329 
TRP CZ3 CH2  sing Y N 330 
TRP CZ3 HZ3  sing N N 331 
TRP CH2 HH2  sing N N 332 
TRP OXT HXT  sing N N 333 
TYR N   CA   sing N N 334 
TYR N   H    sing N N 335 
TYR N   H2   sing N N 336 
TYR CA  C    sing N N 337 
TYR CA  CB   sing N N 338 
TYR CA  HA   sing N N 339 
TYR C   O    doub N N 340 
TYR C   OXT  sing N N 341 
TYR CB  CG   sing N N 342 
TYR CB  HB2  sing N N 343 
TYR CB  HB3  sing N N 344 
TYR CG  CD1  doub Y N 345 
TYR CG  CD2  sing Y N 346 
TYR CD1 CE1  sing Y N 347 
TYR CD1 HD1  sing N N 348 
TYR CD2 CE2  doub Y N 349 
TYR CD2 HD2  sing N N 350 
TYR CE1 CZ   doub Y N 351 
TYR CE1 HE1  sing N N 352 
TYR CE2 CZ   sing Y N 353 
TYR CE2 HE2  sing N N 354 
TYR CZ  OH   sing N N 355 
TYR OH  HH   sing N N 356 
TYR OXT HXT  sing N N 357 
VAL N   CA   sing N N 358 
VAL N   H    sing N N 359 
VAL N   H2   sing N N 360 
VAL CA  C    sing N N 361 
VAL CA  CB   sing N N 362 
VAL CA  HA   sing N N 363 
VAL C   O    doub N N 364 
VAL C   OXT  sing N N 365 
VAL CB  CG1  sing N N 366 
VAL CB  CG2  sing N N 367 
VAL CB  HB   sing N N 368 
VAL CG1 HG11 sing N N 369 
VAL CG1 HG12 sing N N 370 
VAL CG1 HG13 sing N N 371 
VAL CG2 HG21 sing N N 372 
VAL CG2 HG22 sing N N 373 
VAL CG2 HG23 sing N N 374 
VAL OXT HXT  sing N N 375 
# 
_atom_sites.entry_id                    2B06 
_atom_sites.fract_transf_matrix[1][1]   -0.00696949 
_atom_sites.fract_transf_matrix[1][2]   -0.01351430 
_atom_sites.fract_transf_matrix[1][3]   0.01166851 
_atom_sites.fract_transf_matrix[2][1]   0.00996754 
_atom_sites.fract_transf_matrix[2][2]   0.00428146 
_atom_sites.fract_transf_matrix[2][3]   0.01091224 
_atom_sites.fract_transf_matrix[3][1]   -0.02272564 
_atom_sites.fract_transf_matrix[3][2]   0.00261589 
_atom_sites.fract_transf_matrix[3][3]   0.01973187 
_atom_sites.fract_transf_vector[1]      0.212328 
_atom_sites.fract_transf_vector[2]      0.759637 
_atom_sites.fract_transf_vector[3]      0.341474 
# 
loop_
_atom_type.symbol 
C  
MG 
N  
O  
S  
# 
loop_
_atom_site.group_PDB 
_atom_site.id 
_atom_site.type_symbol 
_atom_site.label_atom_id 
_atom_site.label_alt_id 
_atom_site.label_comp_id 
_atom_site.label_asym_id 
_atom_site.label_entity_id 
_atom_site.label_seq_id 
_atom_site.pdbx_PDB_ins_code 
_atom_site.Cartn_x 
_atom_site.Cartn_y 
_atom_site.Cartn_z 
_atom_site.occupancy 
_atom_site.B_iso_or_equiv 
_atom_site.pdbx_formal_charge 
_atom_site.auth_seq_id 
_atom_site.auth_comp_id 
_atom_site.auth_asym_id 
_atom_site.auth_atom_id 
_atom_site.pdbx_PDB_model_num 
ATOM   1    N  N   . MET A 1 1   ? -8.345  -6.406  -24.483 1.00 26.78 ? 1   MET A N   1 
ATOM   2    C  CA  . MET A 1 1   ? -9.687  -6.981  -24.193 1.00 26.54 ? 1   MET A CA  1 
ATOM   3    C  C   . MET A 1 1   ? -9.752  -7.504  -22.747 1.00 25.37 ? 1   MET A C   1 
ATOM   4    O  O   . MET A 1 1   ? -10.484 -6.956  -21.933 1.00 24.99 ? 1   MET A O   1 
ATOM   5    C  CB  . MET A 1 1   ? -10.062 -8.059  -25.226 1.00 26.76 ? 1   MET A CB  1 
ATOM   6    C  CG  . MET A 1 1   ? -11.532 -8.039  -25.668 1.00 27.24 ? 1   MET A CG  1 
ATOM   7    S  SD  . MET A 1 1   ? -11.912 -8.849  -27.249 1.00 29.14 ? 1   MET A SD  1 
ATOM   8    C  CE  . MET A 1 1   ? -10.952 -7.858  -28.402 1.00 29.05 ? 1   MET A CE  1 
ATOM   9    N  N   . SER A 1 2   ? -8.955  -8.523  -22.415 1.00 24.12 ? 2   SER A N   1 
ATOM   10   C  CA  . SER A 1 2   ? -9.055  -9.173  -21.100 1.00 22.74 ? 2   SER A CA  1 
ATOM   11   C  C   . SER A 1 2   ? -8.387  -8.405  -19.957 1.00 21.89 ? 2   SER A C   1 
ATOM   12   O  O   . SER A 1 2   ? -7.464  -7.607  -20.163 1.00 21.40 ? 2   SER A O   1 
ATOM   13   C  CB  . SER A 1 2   ? -8.520  -10.609 -21.152 1.00 23.12 ? 2   SER A CB  1 
ATOM   14   O  OG  . SER A 1 2   ? -7.108  -10.624 -21.161 1.00 24.03 ? 2   SER A OG  1 
ATOM   15   N  N   . ARG A 1 3   ? -8.855  -8.679  -18.742 1.00 20.52 ? 3   ARG A N   1 
ATOM   16   C  CA  . ARG A 1 3   ? -8.342  -8.023  -17.541 1.00 20.01 ? 3   ARG A CA  1 
ATOM   17   C  C   . ARG A 1 3   ? -6.864  -8.327  -17.278 1.00 19.49 ? 3   ARG A C   1 
ATOM   18   O  O   . ARG A 1 3   ? -6.172  -7.536  -16.631 1.00 18.87 ? 3   ARG A O   1 
ATOM   19   C  CB  . ARG A 1 3   ? -9.202  -8.381  -16.322 1.00 19.77 ? 3   ARG A CB  1 
ATOM   20   C  CG  . ARG A 1 3   ? -9.132  -9.840  -15.865 1.00 19.85 ? 3   ARG A CG  1 
ATOM   21   C  CD  . ARG A 1 3   ? -10.272 -10.144 -14.886 1.00 20.88 ? 3   ARG A CD  1 
ATOM   22   N  NE  . ARG A 1 3   ? -10.174 -11.478 -14.290 1.00 23.93 ? 3   ARG A NE  1 
ATOM   23   C  CZ  . ARG A 1 3   ? -10.729 -12.571 -14.805 1.00 24.37 ? 3   ARG A CZ  1 
ATOM   24   N  NH1 . ARG A 1 3   ? -11.423 -12.506 -15.934 1.00 25.75 ? 3   ARG A NH1 1 
ATOM   25   N  NH2 . ARG A 1 3   ? -10.594 -13.739 -14.190 1.00 25.98 ? 3   ARG A NH2 1 
ATOM   26   N  N   . SER A 1 4   ? -6.388  -9.463  -17.794 1.00 19.02 ? 4   SER A N   1 
ATOM   27   C  CA  . SER A 1 4   ? -4.992  -9.874  -17.621 1.00 19.20 ? 4   SER A CA  1 
ATOM   28   C  C   . SER A 1 4   ? -4.037  -9.168  -18.590 1.00 19.18 ? 4   SER A C   1 
ATOM   29   O  O   . SER A 1 4   ? -2.824  -9.406  -18.553 1.00 18.82 ? 4   SER A O   1 
ATOM   30   C  CB  . SER A 1 4   ? -4.856  -11.401 -17.736 1.00 19.08 ? 4   SER A CB  1 
ATOM   31   O  OG  . SER A 1 4   ? -5.249  -11.863 -19.013 1.00 19.72 ? 4   SER A OG  1 
ATOM   32   N  N   . GLN A 1 5   ? -4.592  -8.321  -19.459 1.00 19.02 ? 5   GLN A N   1 
ATOM   33   C  CA  . GLN A 1 5   ? -3.816  -7.493  -20.389 1.00 19.43 ? 5   GLN A CA  1 
ATOM   34   C  C   . GLN A 1 5   ? -3.631  -6.068  -19.873 1.00 18.88 ? 5   GLN A C   1 
ATOM   35   O  O   . GLN A 1 5   ? -2.823  -5.309  -20.406 1.00 19.30 ? 5   GLN A O   1 
ATOM   36   C  CB  . GLN A 1 5   ? -4.487  -7.457  -21.770 1.00 19.44 ? 5   GLN A CB  1 
ATOM   37   C  CG  . GLN A 1 5   ? -4.569  -8.808  -22.448 1.00 20.71 ? 5   GLN A CG  1 
ATOM   38   C  CD  . GLN A 1 5   ? -5.112  -8.735  -23.856 1.00 21.06 ? 5   GLN A CD  1 
ATOM   39   O  OE1 . GLN A 1 5   ? -4.354  -8.610  -24.820 1.00 25.02 ? 5   GLN A OE1 1 
ATOM   40   N  NE2 . GLN A 1 5   ? -6.430  -8.816  -23.989 1.00 21.95 ? 5   GLN A NE2 1 
ATOM   41   N  N   . LEU A 1 6   ? -4.371  -5.709  -18.828 1.00 18.12 ? 6   LEU A N   1 
ATOM   42   C  CA  . LEU A 1 6   ? -4.391  -4.329  -18.333 1.00 17.46 ? 6   LEU A CA  1 
ATOM   43   C  C   . LEU A 1 6   ? -3.212  -3.981  -17.435 1.00 16.62 ? 6   LEU A C   1 
ATOM   44   O  O   . LEU A 1 6   ? -2.653  -4.850  -16.761 1.00 15.91 ? 6   LEU A O   1 
ATOM   45   C  CB  . LEU A 1 6   ? -5.693  -4.068  -17.569 1.00 17.99 ? 6   LEU A CB  1 
ATOM   46   C  CG  . LEU A 1 6   ? -7.012  -4.239  -18.318 1.00 19.16 ? 6   LEU A CG  1 
ATOM   47   C  CD1 . LEU A 1 6   ? -8.145  -4.237  -17.305 1.00 20.09 ? 6   LEU A CD1 1 
ATOM   48   C  CD2 . LEU A 1 6   ? -7.198  -3.142  -19.372 1.00 21.34 ? 6   LEU A CD2 1 
ATOM   49   N  N   . THR A 1 7   ? -2.830  -2.702  -17.433 1.00 15.59 ? 7   THR A N   1 
ATOM   50   C  CA  . THR A 1 7   ? -1.899  -2.174  -16.439 1.00 15.43 ? 7   THR A CA  1 
ATOM   51   C  C   . THR A 1 7   ? -2.677  -1.402  -15.379 1.00 14.59 ? 7   THR A C   1 
ATOM   52   O  O   . THR A 1 7   ? -3.333  -0.397  -15.675 1.00 15.90 ? 7   THR A O   1 
ATOM   53   C  CB  . THR A 1 7   ? -0.826  -1.304  -17.075 1.00 15.56 ? 7   THR A CB  1 
ATOM   54   O  OG1 . THR A 1 7   ? -0.085  -2.108  -18.000 1.00 17.05 ? 7   THR A OG1 1 
ATOM   55   C  CG2 . THR A 1 7   ? 0.112   -0.752  -16.007 1.00 16.14 ? 7   THR A CG2 1 
ATOM   56   N  N   . ILE A 1 8   ? -2.616  -1.892  -14.148 1.00 13.49 ? 8   ILE A N   1 
ATOM   57   C  CA  . ILE A 1 8   ? -3.415  -1.318  -13.060 1.00 13.27 ? 8   ILE A CA  1 
ATOM   58   C  C   . ILE A 1 8   ? -2.505  -0.496  -12.166 1.00 12.46 ? 8   ILE A C   1 
ATOM   59   O  O   . ILE A 1 8   ? -1.486  -0.997  -11.691 1.00 13.45 ? 8   ILE A O   1 
ATOM   60   C  CB  . ILE A 1 8   ? -4.107  -2.432  -12.256 1.00 13.57 ? 8   ILE A CB  1 
ATOM   61   C  CG1 . ILE A 1 8   ? -4.847  -3.412  -13.179 1.00 14.73 ? 8   ILE A CG1 1 
ATOM   62   C  CG2 . ILE A 1 8   ? -5.069  -1.844  -11.223 1.00 14.54 ? 8   ILE A CG2 1 
ATOM   63   C  CD1 . ILE A 1 8   ? -5.909  -2.775  -14.068 1.00 17.35 ? 8   ILE A CD1 1 
ATOM   64   N  N   . LEU A 1 9   ? -2.873  0.766   -11.962 1.00 12.22 ? 9   LEU A N   1 
ATOM   65   C  CA  . LEU A 1 9   ? -2.085  1.698   -11.175 1.00 11.82 ? 9   LEU A CA  1 
ATOM   66   C  C   . LEU A 1 9   ? -2.755  1.993   -9.857  1.00 12.18 ? 9   LEU A C   1 
ATOM   67   O  O   . LEU A 1 9   ? -3.871  2.524   -9.821  1.00 12.35 ? 9   LEU A O   1 
ATOM   68   C  CB  . LEU A 1 9   ? -1.885  2.999   -11.952 1.00 12.01 ? 9   LEU A CB  1 
ATOM   69   C  CG  . LEU A 1 9   ? -1.200  2.855   -13.310 1.00 12.84 ? 9   LEU A CG  1 
ATOM   70   C  CD1 . LEU A 1 9   ? -1.201  4.200   -14.010 1.00 13.83 ? 9   LEU A CD1 1 
ATOM   71   C  CD2 . LEU A 1 9   ? 0.221   2.366   -13.116 1.00 16.05 ? 9   LEU A CD2 1 
ATOM   72   N  N   . THR A 1 10  ? -2.074  1.642   -8.774  1.00 11.97 ? 10  THR A N   1 
ATOM   73   C  CA  . THR A 1 10  ? -2.595  1.841   -7.420  1.00 11.84 ? 10  THR A CA  1 
ATOM   74   C  C   . THR A 1 10  ? -1.513  2.381   -6.512  1.00 11.71 ? 10  THR A C   1 
ATOM   75   O  O   . THR A 1 10  ? -0.334  2.420   -6.873  1.00 11.89 ? 10  THR A O   1 
ATOM   76   C  CB  . THR A 1 10  ? -3.148  0.535   -6.779  1.00 12.03 ? 10  THR A CB  1 
ATOM   77   O  OG1 . THR A 1 10  ? -2.068  -0.362  -6.454  1.00 13.45 ? 10  THR A OG1 1 
ATOM   78   C  CG2 . THR A 1 10  ? -4.179  -0.164  -7.691  1.00 13.75 ? 10  THR A CG2 1 
ATOM   79   N  N   . ASN A 1 11  ? -1.916  2.793   -5.314  1.00 11.08 ? 11  ASN A N   1 
ATOM   80   C  CA  . ASN A 1 11  ? -0.954  3.245   -4.308  1.00 11.87 ? 11  ASN A CA  1 
ATOM   81   C  C   . ASN A 1 11  ? -1.306  2.697   -2.931  1.00 11.81 ? 11  ASN A C   1 
ATOM   82   O  O   . ASN A 1 11  ? -2.434  2.260   -2.692  1.00 12.26 ? 11  ASN A O   1 
ATOM   83   C  CB  . ASN A 1 11  ? -0.868  4.779   -4.277  1.00 11.79 ? 11  ASN A CB  1 
ATOM   84   C  CG  . ASN A 1 11  ? -2.213  5.428   -4.134  1.00 14.45 ? 11  ASN A CG  1 
ATOM   85   O  OD1 . ASN A 1 11  ? -2.911  5.210   -3.143  1.00 15.95 ? 11  ASN A OD1 1 
ATOM   86   N  ND2 . ASN A 1 11  ? -2.597  6.235   -5.132  1.00 16.70 ? 11  ASN A ND2 1 
ATOM   87   N  N   . ILE A 1 12  ? -0.317  2.721   -2.044  1.00 11.84 ? 12  ILE A N   1 
ATOM   88   C  CA  . ILE A 1 12  ? -0.552  2.514   -0.619  1.00 12.73 ? 12  ILE A CA  1 
ATOM   89   C  C   . ILE A 1 12  ? 0.299   3.496   0.130   1.00 12.24 ? 12  ILE A C   1 
ATOM   90   O  O   . ILE A 1 12  ? 1.285   4.023   -0.389  1.00 12.59 ? 12  ILE A O   1 
ATOM   91   C  CB  . ILE A 1 12  ? -0.262  1.070   -0.130  1.00 12.57 ? 12  ILE A CB  1 
ATOM   92   C  CG1 . ILE A 1 12  ? 1.205   0.689   -0.369  1.00 13.41 ? 12  ILE A CG1 1 
ATOM   93   C  CG2 . ILE A 1 12  ? -1.247  0.069   -0.754  1.00 12.94 ? 12  ILE A CG2 1 
ATOM   94   C  CD1 . ILE A 1 12  ? 1.565   -0.697  0.102   1.00 14.82 ? 12  ILE A CD1 1 
ATOM   95   N  N   . CYS A 1 13  ? -0.076  3.753   1.381   1.00 11.91 ? 13  CYS A N   1 
ATOM   96   C  CA  . CYS A 1 13  ? 0.736   4.606   2.235   1.00 12.18 ? 13  CYS A CA  1 
ATOM   97   C  C   . CYS A 1 13  ? 0.846   4.036   3.641   1.00 12.40 ? 13  CYS A C   1 
ATOM   98   O  O   . CYS A 1 13  ? -0.176  3.675   4.248   1.00 12.34 ? 13  CYS A O   1 
ATOM   99   C  CB  . CYS A 1 13  ? 0.144   6.020   2.290   1.00 12.72 ? 13  CYS A CB  1 
ATOM   100  S  SG  . CYS A 1 13  ? 1.287   7.267   2.954   1.00 13.87 ? 13  CYS A SG  1 
ATOM   101  N  N   . LEU A 1 14  ? 2.080   3.980   4.132   1.00 12.54 ? 14  LEU A N   1 
ATOM   102  C  CA  . LEU A 1 14  ? 2.363   3.722   5.536   1.00 12.97 ? 14  LEU A CA  1 
ATOM   103  C  C   . LEU A 1 14  ? 2.328   5.097   6.214   1.00 13.01 ? 14  LEU A C   1 
ATOM   104  O  O   . LEU A 1 14  ? 3.208   5.937   5.977   1.00 12.94 ? 14  LEU A O   1 
ATOM   105  C  CB  . LEU A 1 14  ? 3.754   3.076   5.672   1.00 13.39 ? 14  LEU A CB  1 
ATOM   106  C  CG  . LEU A 1 14  ? 4.169   2.505   7.035   1.00 15.05 ? 14  LEU A CG  1 
ATOM   107  C  CD1 . LEU A 1 14  ? 5.432   1.658   6.849   1.00 16.51 ? 14  LEU A CD1 1 
ATOM   108  C  CD2 . LEU A 1 14  ? 4.407   3.556   8.110   1.00 16.76 ? 14  LEU A CD2 1 
ATOM   109  N  N   . ILE A 1 15  ? 1.287   5.331   7.009   1.00 13.08 ? 15  ILE A N   1 
ATOM   110  C  CA  . ILE A 1 15  ? 1.101   6.596   7.735   1.00 13.75 ? 15  ILE A CA  1 
ATOM   111  C  C   . ILE A 1 15  ? 1.529   6.358   9.170   1.00 13.59 ? 15  ILE A C   1 
ATOM   112  O  O   . ILE A 1 15  ? 0.908   5.582   9.889   1.00 14.23 ? 15  ILE A O   1 
ATOM   113  C  CB  . ILE A 1 15  ? -0.378  7.048   7.715   1.00 13.05 ? 15  ILE A CB  1 
ATOM   114  C  CG1 . ILE A 1 15  ? -0.945  7.075   6.288   1.00 14.47 ? 15  ILE A CG1 1 
ATOM   115  C  CG2 . ILE A 1 15  ? -0.551  8.409   8.415   1.00 14.16 ? 15  ILE A CG2 1 
ATOM   116  C  CD1 . ILE A 1 15  ? -2.463  7.054   6.264   1.00 17.28 ? 15  ILE A CD1 1 
ATOM   117  N  N   . GLU A 1 16  ? 2.632   6.979   9.553   1.00 13.46 ? 16  GLU A N   1 
ATOM   118  C  CA  . GLU A 1 16  ? 3.216   6.748   10.857  1.00 14.02 ? 16  GLU A CA  1 
ATOM   119  C  C   . GLU A 1 16  ? 3.163   8.016   11.689  1.00 14.07 ? 16  GLU A C   1 
ATOM   120  O  O   . GLU A 1 16  ? 3.661   9.062   11.271  1.00 14.17 ? 16  GLU A O   1 
ATOM   121  C  CB  . GLU A 1 16  ? 4.653   6.264   10.715  1.00 14.29 ? 16  GLU A CB  1 
ATOM   122  C  CG  . GLU A 1 16  ? 5.322   5.934   12.040  1.00 16.05 ? 16  GLU A CG  1 
ATOM   123  C  CD  . GLU A 1 16  ? 6.642   5.248   11.839  1.00 17.93 ? 16  GLU A CD  1 
ATOM   124  O  OE1 . GLU A 1 16  ? 6.796   4.582   10.783  1.00 17.98 ? 16  GLU A OE1 1 
ATOM   125  O  OE2 . GLU A 1 16  ? 7.518   5.366   12.719  1.00 18.59 ? 16  GLU A OE2 1 
ATOM   126  N  N   . ASP A 1 17  ? 2.539   7.908   12.860  1.00 14.55 ? 17  ASP A N   1 
ATOM   127  C  CA  . ASP A 1 17  ? 2.473   8.992   13.810  1.00 14.86 ? 17  ASP A CA  1 
ATOM   128  C  C   . ASP A 1 17  ? 3.704   8.864   14.686  1.00 14.67 ? 17  ASP A C   1 
ATOM   129  O  O   . ASP A 1 17  ? 3.790   7.967   15.527  1.00 14.06 ? 17  ASP A O   1 
ATOM   130  C  CB  . ASP A 1 17  ? 1.193   8.868   14.637  1.00 15.11 ? 17  ASP A CB  1 
ATOM   131  C  CG  . ASP A 1 17  ? 1.018   9.996   15.639  1.00 16.34 ? 17  ASP A CG  1 
ATOM   132  O  OD1 . ASP A 1 17  ? 2.013   10.662  15.992  1.00 17.35 ? 17  ASP A OD1 1 
ATOM   133  O  OD2 . ASP A 1 17  ? -0.137  10.215  16.068  1.00 18.27 ? 17  ASP A OD2 1 
ATOM   134  N  N   . LEU A 1 18  ? 4.675   9.742   14.463  1.00 15.06 ? 18  LEU A N   1 
ATOM   135  C  CA  . LEU A 1 18  ? 5.925   9.669   15.209  1.00 15.08 ? 18  LEU A CA  1 
ATOM   136  C  C   . LEU A 1 18  ? 5.769   9.985   16.694  1.00 15.35 ? 18  LEU A C   1 
ATOM   137  O  O   . LEU A 1 18  ? 6.613   9.582   17.492  1.00 16.42 ? 18  LEU A O   1 
ATOM   138  C  CB  . LEU A 1 18  ? 7.003   10.557  14.587  1.00 15.52 ? 18  LEU A CB  1 
ATOM   139  C  CG  . LEU A 1 18  ? 7.357   10.257  13.127  1.00 16.68 ? 18  LEU A CG  1 
ATOM   140  C  CD1 . LEU A 1 18  ? 8.315   11.312  12.591  1.00 18.38 ? 18  LEU A CD1 1 
ATOM   141  C  CD2 . LEU A 1 18  ? 7.930   8.852   12.932  1.00 18.38 ? 18  LEU A CD2 1 
ATOM   142  N  N   . GLU A 1 19  ? 4.698   10.687  17.059  1.00 14.95 ? 19  GLU A N   1 
ATOM   143  C  CA  . GLU A 1 19  ? 4.433   11.010  18.470  1.00 15.61 ? 19  GLU A CA  1 
ATOM   144  C  C   . GLU A 1 19  ? 3.962   9.792   19.251  1.00 14.97 ? 19  GLU A C   1 
ATOM   145  O  O   . GLU A 1 19  ? 4.272   9.656   20.432  1.00 13.37 ? 19  GLU A O   1 
ATOM   146  C  CB  . GLU A 1 19  ? 3.392   12.127  18.591  1.00 15.88 ? 19  GLU A CB  1 
ATOM   147  C  CG  . GLU A 1 19  ? 3.851   13.486  18.061  1.00 17.79 ? 19  GLU A CG  1 
ATOM   148  C  CD  . GLU A 1 19  ? 2.742   14.535  18.033  1.00 18.64 ? 19  GLU A CD  1 
ATOM   149  O  OE1 . GLU A 1 19  ? 1.626   14.265  18.534  1.00 23.04 ? 19  GLU A OE1 1 
ATOM   150  O  OE2 . GLU A 1 19  ? 2.992   15.644  17.515  1.00 23.90 ? 19  GLU A OE2 1 
ATOM   151  N  N   . THR A 1 20  ? 3.208   8.917   18.592  1.00 14.84 ? 20  THR A N   1 
ATOM   152  C  CA  . THR A 1 20  ? 2.565   7.789   19.272  1.00 14.36 ? 20  THR A CA  1 
ATOM   153  C  C   . THR A 1 20  ? 3.172   6.444   18.877  1.00 14.34 ? 20  THR A C   1 
ATOM   154  O  O   . THR A 1 20  ? 2.906   5.428   19.526  1.00 13.99 ? 20  THR A O   1 
ATOM   155  C  CB  . THR A 1 20  ? 1.052   7.733   18.975  1.00 14.38 ? 20  THR A CB  1 
ATOM   156  O  OG1 . THR A 1 20  ? 0.861   7.408   17.588  1.00 13.38 ? 20  THR A OG1 1 
ATOM   157  C  CG2 . THR A 1 20  ? 0.370   9.072   19.281  1.00 15.45 ? 20  THR A CG2 1 
ATOM   158  N  N   . GLN A 1 21  ? 3.974   6.442   17.807  1.00 14.37 ? 21  GLN A N   1 
ATOM   159  C  CA  . GLN A 1 21  ? 4.548   5.213   17.218  1.00 14.86 ? 21  GLN A CA  1 
ATOM   160  C  C   . GLN A 1 21  ? 3.471   4.234   16.778  1.00 14.86 ? 21  GLN A C   1 
ATOM   161  O  O   . GLN A 1 21  ? 3.615   3.016   16.922  1.00 15.64 ? 21  GLN A O   1 
ATOM   162  C  CB  . GLN A 1 21  ? 5.557   4.559   18.156  1.00 15.07 ? 21  GLN A CB  1 
ATOM   163  C  CG  . GLN A 1 21  ? 6.481   5.575   18.745  1.00 15.19 ? 21  GLN A CG  1 
ATOM   164  C  CD  . GLN A 1 21  ? 7.849   5.046   18.986  1.00 14.75 ? 21  GLN A CD  1 
ATOM   165  O  OE1 . GLN A 1 21  ? 8.037   4.021   19.658  1.00 14.64 ? 21  GLN A OE1 1 
ATOM   166  N  NE2 . GLN A 1 21  ? 8.841   5.769   18.473  1.00 15.47 ? 21  GLN A NE2 1 
ATOM   167  N  N   . ARG A 1 22  ? 2.389   4.789   16.248  1.00 14.86 ? 22  ARG A N   1 
ATOM   168  C  CA  . ARG A 1 22  ? 1.317   4.010   15.676  1.00 14.21 ? 22  ARG A CA  1 
ATOM   169  C  C   . ARG A 1 22  ? 1.230   4.255   14.175  1.00 13.76 ? 22  ARG A C   1 
ATOM   170  O  O   . ARG A 1 22  ? 1.669   5.300   13.668  1.00 14.23 ? 22  ARG A O   1 
ATOM   171  C  CB  . ARG A 1 22  ? -0.009  4.331   16.353  1.00 14.35 ? 22  ARG A CB  1 
ATOM   172  C  CG  . ARG A 1 22  ? -0.031  3.899   17.800  1.00 15.31 ? 22  ARG A CG  1 
ATOM   173  C  CD  . ARG A 1 22  ? -1.380  4.125   18.423  1.00 19.08 ? 22  ARG A CD  1 
ATOM   174  N  NE  . ARG A 1 22  ? -1.412  3.658   19.812  1.00 21.70 ? 22  ARG A NE  1 
ATOM   175  C  CZ  . ARG A 1 22  ? -2.217  2.699   20.269  1.00 23.87 ? 22  ARG A CZ  1 
ATOM   176  N  NH1 . ARG A 1 22  ? -3.080  2.091   19.461  1.00 24.69 ? 22  ARG A NH1 1 
ATOM   177  N  NH2 . ARG A 1 22  ? -2.162  2.351   21.545  1.00 24.36 ? 22  ARG A NH2 1 
ATOM   178  N  N   . VAL A 1 23  ? 0.656   3.286   13.476  1.00 14.02 ? 23  VAL A N   1 
ATOM   179  C  CA  . VAL A 1 23  ? 0.556   3.303   12.024  1.00 13.49 ? 23  VAL A CA  1 
ATOM   180  C  C   . VAL A 1 23  ? -0.900  3.056   11.688  1.00 13.54 ? 23  VAL A C   1 
ATOM   181  O  O   . VAL A 1 23  ? -1.562  2.280   12.370  1.00 13.31 ? 23  VAL A O   1 
ATOM   182  C  CB  . VAL A 1 23  ? 1.439   2.193   11.400  1.00 13.96 ? 23  VAL A CB  1 
ATOM   183  C  CG1 . VAL A 1 23  ? 1.168   2.002   9.908   1.00 14.54 ? 23  VAL A CG1 1 
ATOM   184  C  CG2 . VAL A 1 23  ? 2.904   2.502   11.654  1.00 14.47 ? 23  VAL A CG2 1 
ATOM   185  N  N   . VAL A 1 24  ? -1.407  3.701   10.637  1.00 13.12 ? 24  VAL A N   1 
ATOM   186  C  CA  . VAL A 1 24  ? -2.787  3.457   10.230  1.00 13.63 ? 24  VAL A CA  1 
ATOM   187  C  C   . VAL A 1 24  ? -2.889  2.128   9.500   1.00 13.80 ? 24  VAL A C   1 
ATOM   188  O  O   . VAL A 1 24  ? -2.222  1.902   8.481   1.00 14.31 ? 24  VAL A O   1 
ATOM   189  C  CB  . VAL A 1 24  ? -3.360  4.582   9.337   1.00 12.82 ? 24  VAL A CB  1 
ATOM   190  C  CG1 . VAL A 1 24  ? -4.791  4.244   8.913   1.00 14.44 ? 24  VAL A CG1 1 
ATOM   191  C  CG2 . VAL A 1 24  ? -3.311  5.921   10.048  1.00 14.63 ? 24  VAL A CG2 1 
ATOM   192  N  N   . MET A 1 25  ? -3.722  1.243   10.031  1.00 14.56 ? 25  MET A N   1 
ATOM   193  C  CA  . MET A 1 25  ? -4.031  -0.016  9.367   1.00 15.38 ? 25  MET A CA  1 
ATOM   194  C  C   . MET A 1 25  ? -5.489  -0.044  8.937   1.00 15.50 ? 25  MET A C   1 
ATOM   195  O  O   . MET A 1 25  ? -6.346  0.532   9.600   1.00 16.17 ? 25  MET A O   1 
ATOM   196  C  CB  . MET A 1 25  ? -3.709  -1.187  10.298  1.00 15.75 ? 25  MET A CB  1 
ATOM   197  C  CG  . MET A 1 25  ? -2.237  -1.160  10.777  1.00 17.34 ? 25  MET A CG  1 
ATOM   198  S  SD  . MET A 1 25  ? -0.969  -1.408  9.488   1.00 14.99 ? 25  MET A SD  1 
ATOM   199  C  CE  . MET A 1 25  ? -1.507  -3.029  8.961   1.00 18.41 ? 25  MET A CE  1 
ATOM   200  N  N   . GLN A 1 26  ? -5.751  -0.698  7.813   1.00 15.90 ? 26  GLN A N   1 
ATOM   201  C  CA  . GLN A 1 26  ? -7.082  -0.806  7.271   1.00 16.59 ? 26  GLN A CA  1 
ATOM   202  C  C   . GLN A 1 26  ? -7.471  -2.271  7.166   1.00 17.37 ? 26  GLN A C   1 
ATOM   203  O  O   . GLN A 1 26  ? -6.696  -3.090  6.682   1.00 16.65 ? 26  GLN A O   1 
ATOM   204  C  CB  . GLN A 1 26  ? -7.118  -0.160  5.891   1.00 16.45 ? 26  GLN A CB  1 
ATOM   205  C  CG  . GLN A 1 26  ? -8.503  -0.035  5.288   1.00 17.51 ? 26  GLN A CG  1 
ATOM   206  C  CD  . GLN A 1 26  ? -8.439  0.641   3.951   1.00 17.66 ? 26  GLN A CD  1 
ATOM   207  O  OE1 . GLN A 1 26  ? -9.079  1.674   3.722   1.00 21.00 ? 26  GLN A OE1 1 
ATOM   208  N  NE2 . GLN A 1 26  ? -7.624  0.094   3.064   1.00 16.82 ? 26  GLN A NE2 1 
ATOM   209  N  N   . TYR A 1 27  ? -8.679  -2.594  7.609   1.00 19.45 ? 27  TYR A N   1 
ATOM   210  C  CA  . TYR A 1 27  ? -9.133  -3.971  7.512   1.00 22.53 ? 27  TYR A CA  1 
ATOM   211  C  C   . TYR A 1 27  ? -9.976  -4.193  6.264   1.00 24.73 ? 27  TYR A C   1 
ATOM   212  O  O   . TYR A 1 27  ? -11.036 -3.591  6.108   1.00 25.15 ? 27  TYR A O   1 
ATOM   213  C  CB  . TYR A 1 27  ? -9.900  -4.399  8.763   1.00 22.70 ? 27  TYR A CB  1 
ATOM   214  C  CG  . TYR A 1 27  ? -10.065 -5.899  8.854   1.00 23.92 ? 27  TYR A CG  1 
ATOM   215  C  CD1 . TYR A 1 27  ? -9.026  -6.702  9.312   1.00 23.31 ? 27  TYR A CD1 1 
ATOM   216  C  CD2 . TYR A 1 27  ? -11.251 -6.514  8.463   1.00 24.20 ? 27  TYR A CD2 1 
ATOM   217  C  CE1 . TYR A 1 27  ? -9.161  -8.085  9.393   1.00 24.27 ? 27  TYR A CE1 1 
ATOM   218  C  CE2 . TYR A 1 27  ? -11.403 -7.903  8.543   1.00 25.29 ? 27  TYR A CE2 1 
ATOM   219  C  CZ  . TYR A 1 27  ? -10.353 -8.677  9.007   1.00 24.98 ? 27  TYR A CZ  1 
ATOM   220  O  OH  . TYR A 1 27  ? -10.494 -10.048 9.089   1.00 25.90 ? 27  TYR A OH  1 
ATOM   221  N  N   . ARG A 1 28  ? -9.477  -5.058  5.384   1.00 27.71 ? 28  ARG A N   1 
ATOM   222  C  CA  . ARG A 1 28  ? -10.161 -5.411  4.140   1.00 30.53 ? 28  ARG A CA  1 
ATOM   223  C  C   . ARG A 1 28  ? -10.603 -6.872  4.190   1.00 31.25 ? 28  ARG A C   1 
ATOM   224  O  O   . ARG A 1 28  ? -9.770  -7.780  4.157   1.00 31.50 ? 28  ARG A O   1 
ATOM   225  C  CB  . ARG A 1 28  ? -9.275  -5.128  2.910   1.00 30.47 ? 28  ARG A CB  1 
ATOM   226  C  CG  . ARG A 1 28  ? -7.763  -5.203  3.157   1.00 32.15 ? 28  ARG A CG  1 
ATOM   227  C  CD  . ARG A 1 28  ? -6.958  -5.441  1.873   1.00 32.19 ? 28  ARG A CD  1 
ATOM   228  N  NE  . ARG A 1 28  ? -6.154  -4.289  1.444   1.00 35.31 ? 28  ARG A NE  1 
ATOM   229  C  CZ  . ARG A 1 28  ? -5.032  -4.387  0.726   1.00 36.33 ? 28  ARG A CZ  1 
ATOM   230  N  NH1 . ARG A 1 28  ? -4.575  -5.583  0.367   1.00 35.07 ? 28  ARG A NH1 1 
ATOM   231  N  NH2 . ARG A 1 28  ? -4.353  -3.294  0.376   1.00 38.09 ? 28  ARG A NH2 1 
ATOM   232  N  N   . ALA A 1 29  ? -11.920 -7.074  4.278   1.00 32.89 ? 29  ALA A N   1 
ATOM   233  C  CA  . ALA A 1 29  ? -12.547 -8.393  4.465   1.00 33.61 ? 29  ALA A CA  1 
ATOM   234  C  C   . ALA A 1 29  ? -11.888 -9.540  3.693   1.00 34.19 ? 29  ALA A C   1 
ATOM   235  O  O   . ALA A 1 29  ? -12.075 -10.717 4.026   1.00 35.15 ? 29  ALA A O   1 
ATOM   236  C  CB  . ALA A 1 29  ? -14.041 -8.319  4.128   1.00 33.74 ? 29  ALA A CB  1 
ATOM   237  N  N   . TRP A 1 35  ? -5.655  -8.581  -1.068  1.00 35.99 ? 35  TRP A N   1 
ATOM   238  C  CA  . TRP A 1 35  ? -5.818  -9.814  -0.308  1.00 35.41 ? 35  TRP A CA  1 
ATOM   239  C  C   . TRP A 1 35  ? -6.298  -9.502  1.102   1.00 34.33 ? 35  TRP A C   1 
ATOM   240  O  O   . TRP A 1 35  ? -5.969  -8.452  1.656   1.00 34.58 ? 35  TRP A O   1 
ATOM   241  C  CB  . TRP A 1 35  ? -4.501  -10.578 -0.256  1.00 36.51 ? 35  TRP A CB  1 
ATOM   242  C  CG  . TRP A 1 35  ? -4.651  -12.067 -0.189  1.00 37.58 ? 35  TRP A CG  1 
ATOM   243  C  CD1 . TRP A 1 35  ? -5.006  -12.903 -1.211  1.00 38.79 ? 35  TRP A CD1 1 
ATOM   244  C  CD2 . TRP A 1 35  ? -4.424  -12.902 0.952   1.00 38.67 ? 35  TRP A CD2 1 
ATOM   245  N  NE1 . TRP A 1 35  ? -5.025  -14.206 -0.775  1.00 39.57 ? 35  TRP A NE1 1 
ATOM   246  C  CE2 . TRP A 1 35  ? -4.672  -14.236 0.549   1.00 39.17 ? 35  TRP A CE2 1 
ATOM   247  C  CE3 . TRP A 1 35  ? -4.052  -12.654 2.281   1.00 38.53 ? 35  TRP A CE3 1 
ATOM   248  C  CZ2 . TRP A 1 35  ? -4.548  -15.320 1.424   1.00 38.89 ? 35  TRP A CZ2 1 
ATOM   249  C  CZ3 . TRP A 1 35  ? -3.922  -13.736 3.152   1.00 38.84 ? 35  TRP A CZ3 1 
ATOM   250  C  CH2 . TRP A 1 35  ? -4.168  -15.051 2.716   1.00 38.37 ? 35  TRP A CH2 1 
ATOM   251  N  N   . SER A 1 36  ? -7.060  -10.432 1.673   1.00 32.47 ? 36  SER A N   1 
ATOM   252  C  CA  . SER A 1 36  ? -7.777  -10.223 2.935   1.00 30.66 ? 36  SER A CA  1 
ATOM   253  C  C   . SER A 1 36  ? -6.886  -10.022 4.155   1.00 28.86 ? 36  SER A C   1 
ATOM   254  O  O   . SER A 1 36  ? -5.832  -10.637 4.272   1.00 29.05 ? 36  SER A O   1 
ATOM   255  C  CB  . SER A 1 36  ? -8.722  -11.397 3.199   1.00 30.89 ? 36  SER A CB  1 
ATOM   256  O  OG  . SER A 1 36  ? -9.546  -11.650 2.077   1.00 32.37 ? 36  SER A OG  1 
ATOM   257  N  N   . GLY A 1 37  ? -7.344  -9.174  5.071   1.00 26.83 ? 37  GLY A N   1 
ATOM   258  C  CA  . GLY A 1 37  ? -6.659  -8.945  6.345   1.00 24.14 ? 37  GLY A CA  1 
ATOM   259  C  C   . GLY A 1 37  ? -6.326  -7.479  6.530   1.00 21.84 ? 37  GLY A C   1 
ATOM   260  O  O   . GLY A 1 37  ? -6.744  -6.635  5.729   1.00 22.58 ? 37  GLY A O   1 
ATOM   261  N  N   . TYR A 1 38  ? -5.585  -7.165  7.589   1.00 18.85 ? 38  TYR A N   1 
ATOM   262  C  CA  . TYR A 1 38  ? -5.069  -5.810  7.780   1.00 17.29 ? 38  TYR A CA  1 
ATOM   263  C  C   . TYR A 1 38  ? -4.007  -5.477  6.736   1.00 15.77 ? 38  TYR A C   1 
ATOM   264  O  O   . TYR A 1 38  ? -3.102  -6.271  6.461   1.00 15.57 ? 38  TYR A O   1 
ATOM   265  C  CB  . TYR A 1 38  ? -4.488  -5.635  9.186   1.00 17.56 ? 38  TYR A CB  1 
ATOM   266  C  CG  . TYR A 1 38  ? -5.544  -5.501  10.252  1.00 18.74 ? 38  TYR A CG  1 
ATOM   267  C  CD1 . TYR A 1 38  ? -6.088  -4.264  10.562  1.00 18.77 ? 38  TYR A CD1 1 
ATOM   268  C  CD2 . TYR A 1 38  ? -6.001  -6.621  10.948  1.00 19.26 ? 38  TYR A CD2 1 
ATOM   269  C  CE1 . TYR A 1 38  ? -7.075  -4.141  11.541  1.00 19.49 ? 38  TYR A CE1 1 
ATOM   270  C  CE2 . TYR A 1 38  ? -6.979  -6.507  11.928  1.00 19.68 ? 38  TYR A CE2 1 
ATOM   271  C  CZ  . TYR A 1 38  ? -7.508  -5.267  12.212  1.00 19.39 ? 38  TYR A CZ  1 
ATOM   272  O  OH  . TYR A 1 38  ? -8.480  -5.146  13.189  1.00 21.30 ? 38  TYR A OH  1 
ATOM   273  N  N   . ALA A 1 39  ? -4.132  -4.286  6.159   1.00 15.11 ? 39  ALA A N   1 
ATOM   274  C  CA  . ALA A 1 39  ? -3.171  -3.821  5.163   1.00 15.08 ? 39  ALA A CA  1 
ATOM   275  C  C   . ALA A 1 39  ? -3.080  -2.305  5.231   1.00 14.56 ? 39  ALA A C   1 
ATOM   276  O  O   . ALA A 1 39  ? -3.726  -1.657  6.068   1.00 14.49 ? 39  ALA A O   1 
ATOM   277  C  CB  . ALA A 1 39  ? -3.591  -4.269  3.781   1.00 16.03 ? 39  ALA A CB  1 
ATOM   278  N  N   . PHE A 1 40  ? -2.262  -1.733  4.354   1.00 14.56 ? 40  PHE A N   1 
ATOM   279  C  CA  . PHE A 1 40  ? -2.143  -0.285  4.301   1.00 14.54 ? 40  PHE A CA  1 
ATOM   280  C  C   . PHE A 1 40  ? -3.248  0.307   3.433   1.00 14.55 ? 40  PHE A C   1 
ATOM   281  O  O   . PHE A 1 40  ? -3.644  -0.298  2.441   1.00 14.92 ? 40  PHE A O   1 
ATOM   282  C  CB  . PHE A 1 40  ? -0.775  0.122   3.742   1.00 15.72 ? 40  PHE A CB  1 
ATOM   283  C  CG  . PHE A 1 40  ? 0.390   -0.227  4.637   1.00 16.30 ? 40  PHE A CG  1 
ATOM   284  C  CD1 . PHE A 1 40  ? 0.357   0.017   6.007   1.00 17.55 ? 40  PHE A CD1 1 
ATOM   285  C  CD2 . PHE A 1 40  ? 1.533   -0.797  4.097   1.00 20.43 ? 40  PHE A CD2 1 
ATOM   286  C  CE1 . PHE A 1 40  ? 1.446   -0.311  6.819   1.00 18.45 ? 40  PHE A CE1 1 
ATOM   287  C  CE2 . PHE A 1 40  ? 2.624   -1.118  4.905   1.00 20.64 ? 40  PHE A CE2 1 
ATOM   288  C  CZ  . PHE A 1 40  ? 2.573   -0.873  6.268   1.00 19.74 ? 40  PHE A CZ  1 
ATOM   289  N  N   . PRO A 1 41  ? -3.741  1.500   3.792   1.00 13.74 ? 41  PRO A N   1 
ATOM   290  C  CA  . PRO A 1 41  ? -4.745  2.194   2.983   1.00 13.96 ? 41  PRO A CA  1 
ATOM   291  C  C   . PRO A 1 41  ? -4.117  2.760   1.702   1.00 13.51 ? 41  PRO A C   1 
ATOM   292  O  O   . PRO A 1 41  ? -2.890  2.895   1.594   1.00 12.96 ? 41  PRO A O   1 
ATOM   293  C  CB  . PRO A 1 41  ? -5.231  3.313   3.906   1.00 14.05 ? 41  PRO A CB  1 
ATOM   294  C  CG  . PRO A 1 41  ? -4.075  3.587   4.795   1.00 14.42 ? 41  PRO A CG  1 
ATOM   295  C  CD  . PRO A 1 41  ? -3.380  2.261   5.001   1.00 14.22 ? 41  PRO A CD  1 
ATOM   296  N  N   . GLY A 1 42  ? -4.969  3.103   0.745   1.00 13.68 ? 42  GLY A N   1 
ATOM   297  C  CA  . GLY A 1 42  ? -4.508  3.615   -0.533  1.00 13.83 ? 42  GLY A CA  1 
ATOM   298  C  C   . GLY A 1 42  ? -5.536  3.256   -1.572  1.00 13.40 ? 42  GLY A C   1 
ATOM   299  O  O   . GLY A 1 42  ? -6.570  2.656   -1.270  1.00 14.81 ? 42  GLY A O   1 
ATOM   300  N  N   . GLY A 1 43  ? -5.277  3.601   -2.822  1.00 12.93 ? 43  GLY A N   1 
ATOM   301  C  CA  . GLY A 1 43  ? -6.277  3.273   -3.825  1.00 12.95 ? 43  GLY A CA  1 
ATOM   302  C  C   . GLY A 1 43  ? -5.812  3.391   -5.249  1.00 13.62 ? 43  GLY A C   1 
ATOM   303  O  O   . GLY A 1 43  ? -4.628  3.374   -5.517  1.00 14.63 ? 43  GLY A O   1 
ATOM   304  N  N   . HIS A 1 44  ? -6.761  3.507   -6.165  1.00 13.56 ? 44  HIS A N   1 
ATOM   305  C  CA  . HIS A 1 44  ? -6.450  3.512   -7.589  1.00 13.25 ? 44  HIS A CA  1 
ATOM   306  C  C   . HIS A 1 44  ? -6.162  4.910   -8.117  1.00 13.58 ? 44  HIS A C   1 
ATOM   307  O  O   . HIS A 1 44  ? -6.796  5.894   -7.715  1.00 14.41 ? 44  HIS A O   1 
ATOM   308  C  CB  . HIS A 1 44  ? -7.624  2.891   -8.348  1.00 13.23 ? 44  HIS A CB  1 
ATOM   309  C  CG  . HIS A 1 44  ? -7.660  1.397   -8.282  1.00 14.27 ? 44  HIS A CG  1 
ATOM   310  N  ND1 . HIS A 1 44  ? -8.016  0.694   -7.149  1.00 16.10 ? 44  HIS A ND1 1 
ATOM   311  C  CD2 . HIS A 1 44  ? -7.366  0.466   -9.220  1.00 13.59 ? 44  HIS A CD2 1 
ATOM   312  C  CE1 . HIS A 1 44  ? -7.936  -0.602  -7.391  1.00 14.57 ? 44  HIS A CE1 1 
ATOM   313  N  NE2 . HIS A 1 44  ? -7.541  -0.767  -8.640  1.00 16.55 ? 44  HIS A NE2 1 
ATOM   314  N  N   . VAL A 1 45  ? -5.205  4.997   -9.034  1.00 13.93 ? 45  VAL A N   1 
ATOM   315  C  CA  . VAL A 1 45  ? -4.810  6.278   -9.609  1.00 14.68 ? 45  VAL A CA  1 
ATOM   316  C  C   . VAL A 1 45  ? -5.804  6.668   -10.699 1.00 15.52 ? 45  VAL A C   1 
ATOM   317  O  O   . VAL A 1 45  ? -6.051  5.891   -11.623 1.00 15.76 ? 45  VAL A O   1 
ATOM   318  C  CB  . VAL A 1 45  ? -3.370  6.184   -10.180 1.00 14.34 ? 45  VAL A CB  1 
ATOM   319  C  CG1 . VAL A 1 45  ? -2.934  7.517   -10.788 1.00 15.29 ? 45  VAL A CG1 1 
ATOM   320  C  CG2 . VAL A 1 45  ? -2.389  5.734   -9.088  1.00 15.23 ? 45  VAL A CG2 1 
ATOM   321  N  N   . GLU A 1 46  ? -6.371  7.871   -10.583 1.00 15.85 ? 46  GLU A N   1 
ATOM   322  C  CA  . GLU A 1 46  ? -7.299  8.396   -11.586 1.00 17.71 ? 46  GLU A CA  1 
ATOM   323  C  C   . GLU A 1 46  ? -6.531  8.874   -12.814 1.00 17.52 ? 46  GLU A C   1 
ATOM   324  O  O   . GLU A 1 46  ? -5.360  9.243   -12.713 1.00 17.17 ? 46  GLU A O   1 
ATOM   325  C  CB  . GLU A 1 46  ? -8.089  9.556   -11.001 1.00 17.97 ? 46  GLU A CB  1 
ATOM   326  C  CG  . GLU A 1 46  ? -9.055  9.154   -9.909  1.00 19.96 ? 46  GLU A CG  1 
ATOM   327  C  CD  . GLU A 1 46  ? -9.794  10.351  -9.311  1.00 20.58 ? 46  GLU A CD  1 
ATOM   328  O  OE1 . GLU A 1 46  ? -9.459  11.514  -9.641  1.00 25.27 ? 46  GLU A OE1 1 
ATOM   329  O  OE2 . GLU A 1 46  ? -10.705 10.126  -8.496  1.00 25.78 ? 46  GLU A OE2 1 
ATOM   330  N  N   . ASN A 1 47  ? -7.200  8.881   -13.965 1.00 18.45 ? 47  ASN A N   1 
ATOM   331  C  CA  . ASN A 1 47  ? -6.558  9.160   -15.259 1.00 19.78 ? 47  ASN A CA  1 
ATOM   332  C  C   . ASN A 1 47  ? -5.770  10.483  -15.371 1.00 19.96 ? 47  ASN A C   1 
ATOM   333  O  O   . ASN A 1 47  ? -4.768  10.559  -16.082 1.00 21.17 ? 47  ASN A O   1 
ATOM   334  C  CB  . ASN A 1 47  ? -7.585  9.066   -16.398 1.00 19.95 ? 47  ASN A CB  1 
ATOM   335  C  CG  . ASN A 1 47  ? -8.100  7.643   -16.620 1.00 20.38 ? 47  ASN A CG  1 
ATOM   336  O  OD1 . ASN A 1 47  ? -7.646  6.691   -15.986 1.00 22.05 ? 47  ASN A OD1 1 
ATOM   337  N  ND2 . ASN A 1 47  ? -9.058  7.503   -17.534 1.00 21.54 ? 47  ASN A ND2 1 
ATOM   338  N  N   . ASP A 1 48  ? -6.215  11.519  -14.678 1.00 20.21 ? 48  ASP A N   1 
ATOM   339  C  CA  . ASP A 1 48  ? -5.601  12.836  -14.859 1.00 19.89 ? 48  ASP A CA  1 
ATOM   340  C  C   . ASP A 1 48  ? -4.665  13.266  -13.726 1.00 18.29 ? 48  ASP A C   1 
ATOM   341  O  O   . ASP A 1 48  ? -3.996  14.299  -13.828 1.00 19.05 ? 48  ASP A O   1 
ATOM   342  C  CB  . ASP A 1 48  ? -6.680  13.906  -15.106 1.00 21.16 ? 48  ASP A CB  1 
ATOM   343  C  CG  . ASP A 1 48  ? -7.714  13.994  -13.978 1.00 24.32 ? 48  ASP A CG  1 
ATOM   344  O  OD1 . ASP A 1 48  ? -7.665  13.213  -12.998 1.00 28.97 ? 48  ASP A OD1 1 
ATOM   345  O  OD2 . ASP A 1 48  ? -8.603  14.872  -14.076 1.00 30.56 ? 48  ASP A OD2 1 
ATOM   346  N  N   . GLU A 1 49  ? -4.608  12.479  -12.661 1.00 15.35 ? 49  GLU A N   1 
ATOM   347  C  CA  . GLU A 1 49  ? -3.932  12.936  -11.454 1.00 14.03 ? 49  GLU A CA  1 
ATOM   348  C  C   . GLU A 1 49  ? -2.512  12.389  -11.363 1.00 13.27 ? 49  GLU A C   1 
ATOM   349  O  O   . GLU A 1 49  ? -2.197  11.313  -11.893 1.00 13.20 ? 49  GLU A O   1 
ATOM   350  C  CB  . GLU A 1 49  ? -4.750  12.596  -10.205 1.00 14.20 ? 49  GLU A CB  1 
ATOM   351  C  CG  . GLU A 1 49  ? -4.807  11.129  -9.900  1.00 13.97 ? 49  GLU A CG  1 
ATOM   352  C  CD  . GLU A 1 49  ? -5.640  10.796  -8.665  1.00 14.01 ? 49  GLU A CD  1 
ATOM   353  O  OE1 . GLU A 1 49  ? -6.055  11.706  -7.907  1.00 15.24 ? 49  GLU A OE1 1 
ATOM   354  O  OE2 . GLU A 1 49  ? -5.872  9.593   -8.435  1.00 12.59 ? 49  GLU A OE2 1 
ATOM   355  N  N   . ALA A 1 50  ? -1.656  13.142  -10.681 1.00 12.19 ? 50  ALA A N   1 
ATOM   356  C  CA  . ALA A 1 50  ? -0.304  12.688  -10.411 1.00 12.22 ? 50  ALA A CA  1 
ATOM   357  C  C   . ALA A 1 50  ? -0.316  11.528  -9.426  1.00 12.12 ? 50  ALA A C   1 
ATOM   358  O  O   . ALA A 1 50  ? -1.289  11.342  -8.691  1.00 12.07 ? 50  ALA A O   1 
ATOM   359  C  CB  . ALA A 1 50  ? 0.515   13.825  -9.847  1.00 12.36 ? 50  ALA A CB  1 
ATOM   360  N  N   . PHE A 1 51  ? 0.774   10.778  -9.355  1.00 12.03 ? 51  PHE A N   1 
ATOM   361  C  CA  . PHE A 1 51  ? 0.842   9.711   -8.367  1.00 12.02 ? 51  PHE A CA  1 
ATOM   362  C  C   . PHE A 1 51  ? 0.751   10.266  -6.937  1.00 12.55 ? 51  PHE A C   1 
ATOM   363  O  O   . PHE A 1 51  ? 0.024   9.718   -6.108  1.00 13.09 ? 51  PHE A O   1 
ATOM   364  C  CB  . PHE A 1 51  ? 2.107   8.868   -8.555  1.00 12.75 ? 51  PHE A CB  1 
ATOM   365  C  CG  . PHE A 1 51  ? 2.085   8.026   -9.792  1.00 13.49 ? 51  PHE A CG  1 
ATOM   366  C  CD1 . PHE A 1 51  ? 1.098   7.060   -9.960  1.00 17.32 ? 51  PHE A CD1 1 
ATOM   367  C  CD2 . PHE A 1 51  ? 3.070   8.149   -10.765 1.00 15.59 ? 51  PHE A CD2 1 
ATOM   368  C  CE1 . PHE A 1 51  ? 1.063   6.267   -11.103 1.00 19.16 ? 51  PHE A CE1 1 
ATOM   369  C  CE2 . PHE A 1 51  ? 3.035   7.356   -11.920 1.00 16.75 ? 51  PHE A CE2 1 
ATOM   370  C  CZ  . PHE A 1 51  ? 2.045   6.408   -12.079 1.00 15.48 ? 51  PHE A CZ  1 
ATOM   371  N  N   . ALA A 1 52  ? 1.448   11.368  -6.661  1.00 12.40 ? 52  ALA A N   1 
ATOM   372  C  CA  . ALA A 1 52  ? 1.408   11.960  -5.313  1.00 12.60 ? 52  ALA A CA  1 
ATOM   373  C  C   . ALA A 1 52  ? 0.005   12.499  -5.000  1.00 12.50 ? 52  ALA A C   1 
ATOM   374  O  O   . ALA A 1 52  ? -0.508  12.345  -3.888  1.00 12.74 ? 52  ALA A O   1 
ATOM   375  C  CB  . ALA A 1 52  ? 2.442   13.075  -5.206  1.00 13.74 ? 52  ALA A CB  1 
ATOM   376  N  N   . GLU A 1 53  ? -0.622  13.127  -5.989  1.00 12.19 ? 53  GLU A N   1 
ATOM   377  C  CA  . GLU A 1 53  ? -1.988  13.619  -5.834  1.00 12.49 ? 53  GLU A CA  1 
ATOM   378  C  C   . GLU A 1 53  ? -2.917  12.460  -5.498  1.00 12.24 ? 53  GLU A C   1 
ATOM   379  O  O   . GLU A 1 53  ? -3.792  12.591  -4.649  1.00 12.33 ? 53  GLU A O   1 
ATOM   380  C  CB  . GLU A 1 53  ? -2.451  14.325  -7.111  1.00 11.68 ? 53  GLU A CB  1 
ATOM   381  C  CG  . GLU A 1 53  ? -1.753  15.646  -7.343  1.00 13.65 ? 53  GLU A CG  1 
ATOM   382  C  CD  . GLU A 1 53  ? -1.997  16.237  -8.734  1.00 12.96 ? 53  GLU A CD  1 
ATOM   383  O  OE1 . GLU A 1 53  ? -2.644  15.599  -9.602  1.00 13.87 ? 53  GLU A OE1 1 
ATOM   384  O  OE2 . GLU A 1 53  ? -1.537  17.383  -8.989  1.00 14.41 ? 53  GLU A OE2 1 
ATOM   385  N  N   . SER A 1 54  ? -2.730  11.329  -6.168  1.00 11.97 ? 54  SER A N   1 
ATOM   386  C  CA  . SER A 1 54  ? -3.584  10.162  -5.948  1.00 12.43 ? 54  SER A CA  1 
ATOM   387  C  C   . SER A 1 54  ? -3.479  9.607   -4.543  1.00 12.83 ? 54  SER A C   1 
ATOM   388  O  O   . SER A 1 54  ? -4.493  9.280   -3.927  1.00 13.26 ? 54  SER A O   1 
ATOM   389  C  CB  . SER A 1 54  ? -3.263  9.084   -6.973  1.00 12.13 ? 54  SER A CB  1 
ATOM   390  O  OG  . SER A 1 54  ? -4.131  7.975   -6.815  1.00 16.25 ? 54  SER A OG  1 
ATOM   391  N  N   . VAL A 1 55  ? -2.263  9.494   -4.023  1.00 12.11 ? 55  VAL A N   1 
ATOM   392  C  CA  . VAL A 1 55  ? -2.110  8.905   -2.691  1.00 11.99 ? 55  VAL A CA  1 
ATOM   393  C  C   . VAL A 1 55  ? -2.669  9.846   -1.630  1.00 12.11 ? 55  VAL A C   1 
ATOM   394  O  O   . VAL A 1 55  ? -3.343  9.410   -0.684  1.00 12.33 ? 55  VAL A O   1 
ATOM   395  C  CB  . VAL A 1 55  ? -0.654  8.435   -2.393  1.00 12.77 ? 55  VAL A CB  1 
ATOM   396  C  CG1 . VAL A 1 55  ? 0.314   9.592   -2.173  1.00 13.53 ? 55  VAL A CG1 1 
ATOM   397  C  CG2 . VAL A 1 55  ? -0.647  7.523   -1.186  1.00 13.38 ? 55  VAL A CG2 1 
ATOM   398  N  N   . ILE A 1 56  ? -2.440  11.142  -1.798  1.00 11.70 ? 56  ILE A N   1 
ATOM   399  C  CA  . ILE A 1 56  ? -3.017  12.106  -0.856  1.00 11.78 ? 56  ILE A CA  1 
ATOM   400  C  C   . ILE A 1 56  ? -4.543  12.010  -0.872  1.00 11.40 ? 56  ILE A C   1 
ATOM   401  O  O   . ILE A 1 56  ? -5.182  11.946  0.187   1.00 11.99 ? 56  ILE A O   1 
ATOM   402  C  CB  . ILE A 1 56  ? -2.554  13.546  -1.166  1.00 11.35 ? 56  ILE A CB  1 
ATOM   403  C  CG1 . ILE A 1 56  ? -1.042  13.681  -0.932  1.00 11.16 ? 56  ILE A CG1 1 
ATOM   404  C  CG2 . ILE A 1 56  ? -3.332  14.551  -0.326  1.00 12.41 ? 56  ILE A CG2 1 
ATOM   405  C  CD1 . ILE A 1 56  ? -0.421  14.926  -1.546  1.00 12.48 ? 56  ILE A CD1 1 
ATOM   406  N  N   . ARG A 1 57  ? -5.133  11.983  -2.063  1.00 11.36 ? 57  ARG A N   1 
ATOM   407  C  CA  . ARG A 1 57  ? -6.579  11.929  -2.185  1.00 11.80 ? 57  ARG A CA  1 
ATOM   408  C  C   . ARG A 1 57  ? -7.162  10.627  -1.632  1.00 11.75 ? 57  ARG A C   1 
ATOM   409  O  O   . ARG A 1 57  ? -8.117  10.655  -0.856  1.00 11.80 ? 57  ARG A O   1 
ATOM   410  C  CB  . ARG A 1 57  ? -6.984  12.135  -3.638  1.00 12.43 ? 57  ARG A CB  1 
ATOM   411  C  CG  . ARG A 1 57  ? -8.477  12.042  -3.878  1.00 13.31 ? 57  ARG A CG  1 
ATOM   412  C  CD  . ARG A 1 57  ? -8.795  11.953  -5.369  1.00 12.64 ? 57  ARG A CD  1 
ATOM   413  N  NE  . ARG A 1 57  ? -8.112  10.853  -6.054  1.00 13.31 ? 57  ARG A NE  1 
ATOM   414  C  CZ  . ARG A 1 57  ? -8.434  9.568   -5.907  1.00 14.93 ? 57  ARG A CZ  1 
ATOM   415  N  NH1 . ARG A 1 57  ? -9.425  9.190   -5.094  1.00 16.92 ? 57  ARG A NH1 1 
ATOM   416  N  NH2 . ARG A 1 57  ? -7.749  8.649   -6.581  1.00 16.42 ? 57  ARG A NH2 1 
ATOM   417  N  N   . GLU A 1 58  ? -6.595  9.492   -2.011  1.00 12.21 ? 58  GLU A N   1 
ATOM   418  C  CA  . GLU A 1 58  ? -7.080  8.208   -1.509  1.00 12.90 ? 58  GLU A CA  1 
ATOM   419  C  C   . GLU A 1 58  ? -6.964  8.099   0.001   1.00 13.21 ? 58  GLU A C   1 
ATOM   420  O  O   . GLU A 1 58  ? -7.889  7.631   0.676   1.00 13.68 ? 58  GLU A O   1 
ATOM   421  C  CB  . GLU A 1 58  ? -6.327  7.056   -2.175  1.00 13.72 ? 58  GLU A CB  1 
ATOM   422  C  CG  . GLU A 1 58  ? -6.769  6.804   -3.588  1.00 14.89 ? 58  GLU A CG  1 
ATOM   423  C  CD  . GLU A 1 58  ? -8.142  6.191   -3.690  1.00 16.40 ? 58  GLU A CD  1 
ATOM   424  O  OE1 . GLU A 1 58  ? -8.604  5.593   -2.680  1.00 18.90 ? 58  GLU A OE1 1 
ATOM   425  O  OE2 . GLU A 1 58  ? -8.689  6.302   -4.799  1.00 15.36 ? 58  GLU A OE2 1 
ATOM   426  N  N   . ILE A 1 59  ? -5.835  8.535   0.543   1.00 13.27 ? 59  ILE A N   1 
ATOM   427  C  CA  . ILE A 1 59  ? -5.661  8.482   1.987   1.00 13.16 ? 59  ILE A CA  1 
ATOM   428  C  C   . ILE A 1 59  ? -6.689  9.370   2.686   1.00 13.14 ? 59  ILE A C   1 
ATOM   429  O  O   . ILE A 1 59  ? -7.259  8.971   3.704   1.00 12.47 ? 59  ILE A O   1 
ATOM   430  C  CB  . ILE A 1 59  ? -4.190  8.785   2.425   1.00 13.24 ? 59  ILE A CB  1 
ATOM   431  C  CG1 . ILE A 1 59  ? -3.241  7.640   2.027   1.00 15.77 ? 59  ILE A CG1 1 
ATOM   432  C  CG2 . ILE A 1 59  ? -4.091  9.091   3.903   1.00 13.34 ? 59  ILE A CG2 1 
ATOM   433  C  CD1 . ILE A 1 59  ? -3.771  6.255   2.209   1.00 18.43 ? 59  ILE A CD1 1 
ATOM   434  N  N   . TYR A 1 60  ? -6.949  10.550  2.140   1.00 12.54 ? 60  TYR A N   1 
ATOM   435  C  CA  . TYR A 1 60  ? -7.965  11.408  2.732   1.00 12.07 ? 60  TYR A CA  1 
ATOM   436  C  C   . TYR A 1 60  ? -9.328  10.731  2.729   1.00 12.62 ? 60  TYR A C   1 
ATOM   437  O  O   . TYR A 1 60  ? -10.036 10.737  3.752   1.00 13.12 ? 60  TYR A O   1 
ATOM   438  C  CB  . TYR A 1 60  ? -8.029  12.749  1.993   1.00 12.25 ? 60  TYR A CB  1 
ATOM   439  C  CG  . TYR A 1 60  ? -9.065  13.695  2.564   1.00 12.12 ? 60  TYR A CG  1 
ATOM   440  C  CD1 . TYR A 1 60  ? -8.828  14.372  3.769   1.00 14.84 ? 60  TYR A CD1 1 
ATOM   441  C  CD2 . TYR A 1 60  ? -10.263 13.921  1.905   1.00 12.03 ? 60  TYR A CD2 1 
ATOM   442  C  CE1 . TYR A 1 60  ? -9.768  15.235  4.301   1.00 14.56 ? 60  TYR A CE1 1 
ATOM   443  C  CE2 . TYR A 1 60  ? -11.216 14.799  2.438   1.00 11.95 ? 60  TYR A CE2 1 
ATOM   444  C  CZ  . TYR A 1 60  ? -10.950 15.445  3.631   1.00 12.61 ? 60  TYR A CZ  1 
ATOM   445  O  OH  . TYR A 1 60  ? -11.865 16.319  4.169   1.00 13.61 ? 60  TYR A OH  1 
ATOM   446  N  N   . GLU A 1 61  ? -9.705  10.156  1.596   1.00 12.75 ? 61  GLU A N   1 
ATOM   447  C  CA  . GLU A 1 61  ? -10.996 9.478   1.499   1.00 13.05 ? 61  GLU A CA  1 
ATOM   448  C  C   . GLU A 1 61  ? -11.107 8.286   2.449   1.00 13.46 ? 61  GLU A C   1 
ATOM   449  O  O   . GLU A 1 61  ? -12.151 8.081   3.091   1.00 13.93 ? 61  GLU A O   1 
ATOM   450  C  CB  . GLU A 1 61  ? -11.228 9.002   0.079   1.00 13.47 ? 61  GLU A CB  1 
ATOM   451  C  CG  . GLU A 1 61  ? -11.337 10.126  -0.927  1.00 14.26 ? 61  GLU A CG  1 
ATOM   452  C  CD  . GLU A 1 61  ? -11.442 9.609   -2.354  1.00 17.30 ? 61  GLU A CD  1 
ATOM   453  O  OE1 . GLU A 1 61  ? -11.463 8.364   -2.536  1.00 20.64 ? 61  GLU A OE1 1 
ATOM   454  O  OE2 . GLU A 1 61  ? -11.486 10.440  -3.290  1.00 16.25 ? 61  GLU A OE2 1 
ATOM   455  N  N   . GLU A 1 62  ? -10.029 7.516   2.556   1.00 13.24 ? 62  GLU A N   1 
ATOM   456  C  CA  . GLU A 1 62  ? -10.098 6.261   3.310   1.00 13.52 ? 62  GLU A CA  1 
ATOM   457  C  C   . GLU A 1 62  ? -9.851  6.414   4.794   1.00 13.49 ? 62  GLU A C   1 
ATOM   458  O  O   . GLU A 1 62  ? -10.244 5.532   5.569   1.00 13.77 ? 62  GLU A O   1 
ATOM   459  C  CB  . GLU A 1 62  ? -9.131  5.235   2.728   1.00 13.89 ? 62  GLU A CB  1 
ATOM   460  C  CG  . GLU A 1 62  ? -9.559  4.805   1.358   1.00 14.94 ? 62  GLU A CG  1 
ATOM   461  C  CD  . GLU A 1 62  ? -8.739  3.702   0.808   1.00 17.73 ? 62  GLU A CD  1 
ATOM   462  O  OE1 . GLU A 1 62  ? -7.866  3.170   1.516   1.00 16.91 ? 62  GLU A OE1 1 
ATOM   463  O  OE2 . GLU A 1 62  ? -8.999  3.330   -0.341  1.00 18.06 ? 62  GLU A OE2 1 
ATOM   464  N  N   . THR A 1 63  ? -9.196  7.503   5.192   1.00 13.47 ? 63  THR A N   1 
ATOM   465  C  CA  . THR A 1 63  ? -8.756  7.673   6.581   1.00 13.42 ? 63  THR A CA  1 
ATOM   466  C  C   . THR A 1 63  ? -9.158  8.988   7.231   1.00 13.08 ? 63  THR A C   1 
ATOM   467  O  O   . THR A 1 63  ? -9.027  9.114   8.448   1.00 14.13 ? 63  THR A O   1 
ATOM   468  C  CB  . THR A 1 63  ? -7.211  7.586   6.741   1.00 13.56 ? 63  THR A CB  1 
ATOM   469  O  OG1 . THR A 1 63  ? -6.603  8.804   6.265   1.00 12.94 ? 63  THR A OG1 1 
ATOM   470  C  CG2 . THR A 1 63  ? -6.618  6.366   6.020   1.00 13.76 ? 63  THR A CG2 1 
ATOM   471  N  N   . GLY A 1 64  ? -9.583  9.972   6.436   1.00 12.96 ? 64  GLY A N   1 
ATOM   472  C  CA  . GLY A 1 64  ? -9.885  11.297  6.984   1.00 13.27 ? 64  GLY A CA  1 
ATOM   473  C  C   . GLY A 1 64  ? -8.651  12.157  7.219   1.00 13.10 ? 64  GLY A C   1 
ATOM   474  O  O   . GLY A 1 64  ? -8.773  13.348  7.512   1.00 14.06 ? 64  GLY A O   1 
ATOM   475  N  N   . LEU A 1 65  ? -7.461  11.576  7.073   1.00 13.31 ? 65  LEU A N   1 
ATOM   476  C  CA  . LEU A 1 65  ? -6.227  12.322  7.296   1.00 13.92 ? 65  LEU A CA  1 
ATOM   477  C  C   . LEU A 1 65  ? -5.737  12.966  6.013   1.00 13.95 ? 65  LEU A C   1 
ATOM   478  O  O   . LEU A 1 65  ? -5.818  12.352  4.946   1.00 14.16 ? 65  LEU A O   1 
ATOM   479  C  CB  . LEU A 1 65  ? -5.122  11.402  7.822   1.00 14.04 ? 65  LEU A CB  1 
ATOM   480  C  CG  . LEU A 1 65  ? -5.443  10.627  9.098   1.00 13.57 ? 65  LEU A CG  1 
ATOM   481  C  CD1 . LEU A 1 65  ? -4.247  9.769   9.492   1.00 15.34 ? 65  LEU A CD1 1 
ATOM   482  C  CD2 . LEU A 1 65  ? -5.803  11.582  10.227  1.00 14.16 ? 65  LEU A CD2 1 
ATOM   483  N  N   . THR A 1 66  ? -5.220  14.192  6.126   1.00 14.32 ? 66  THR A N   1 
ATOM   484  C  CA  . THR A 1 66  ? -4.509  14.829  5.012   1.00 15.02 ? 66  THR A CA  1 
ATOM   485  C  C   . THR A 1 66  ? -3.012  14.704  5.236   1.00 14.25 ? 66  THR A C   1 
ATOM   486  O  O   . THR A 1 66  ? -2.471  15.275  6.175   1.00 14.68 ? 66  THR A O   1 
ATOM   487  C  CB  . THR A 1 66  ? -4.862  16.310  4.874   1.00 15.87 ? 66  THR A CB  1 
ATOM   488  O  OG1 . THR A 1 66  ? -6.284  16.462  4.765   1.00 18.35 ? 66  THR A OG1 1 
ATOM   489  C  CG2 . THR A 1 66  ? -4.201  16.885  3.627   1.00 16.12 ? 66  THR A CG2 1 
ATOM   490  N  N   . ILE A 1 67  ? -2.362  13.914  4.394   1.00 14.19 ? 67  ILE A N   1 
ATOM   491  C  CA  . ILE A 1 67  ? -0.929  13.729  4.471   1.00 14.41 ? 67  ILE A CA  1 
ATOM   492  C  C   . ILE A 1 67  ? -0.216  14.808  3.659   1.00 14.69 ? 67  ILE A C   1 
ATOM   493  O  O   . ILE A 1 67  ? -0.721  15.260  2.630   1.00 14.68 ? 67  ILE A O   1 
ATOM   494  C  CB  . ILE A 1 67  ? -0.505  12.299  4.014   1.00 14.09 ? 67  ILE A CB  1 
ATOM   495  C  CG1 . ILE A 1 67  ? -0.883  12.017  2.544   1.00 14.61 ? 67  ILE A CG1 1 
ATOM   496  C  CG2 . ILE A 1 67  ? -1.096  11.263  4.979   1.00 15.74 ? 67  ILE A CG2 1 
ATOM   497  C  CD1 . ILE A 1 67  ? -0.469  10.630  2.031   1.00 14.65 ? 67  ILE A CD1 1 
ATOM   498  N  N   . GLN A 1 68  ? 0.949   15.220  4.149   1.00 15.10 ? 68  GLN A N   1 
ATOM   499  C  CA  . GLN A 1 68  ? 1.795   16.194  3.465   1.00 16.25 ? 68  GLN A CA  1 
ATOM   500  C  C   . GLN A 1 68  ? 3.089   15.533  3.003   1.00 16.16 ? 68  GLN A C   1 
ATOM   501  O  O   . GLN A 1 68  ? 3.634   14.683  3.694   1.00 16.93 ? 68  GLN A O   1 
ATOM   502  C  CB  . GLN A 1 68  ? 2.118   17.360  4.408   1.00 16.88 ? 68  GLN A CB  1 
ATOM   503  C  CG  . GLN A 1 68  ? 0.941   18.304  4.675   1.00 20.45 ? 68  GLN A CG  1 
ATOM   504  C  CD  . GLN A 1 68  ? 0.078   17.904  5.863   1.00 25.14 ? 68  GLN A CD  1 
ATOM   505  O  OE1 . GLN A 1 68  ? 0.581   17.385  6.867   1.00 26.90 ? 68  GLN A OE1 1 
ATOM   506  N  NE2 . GLN A 1 68  ? -1.235  18.163  5.765   1.00 24.76 ? 68  GLN A NE2 1 
ATOM   507  N  N   A ASN A 1 69  ? 3.543   15.894  1.803   0.50 16.09 ? 69  ASN A N   1 
ATOM   508  N  N   B ASN A 1 69  ? 3.565   15.919  1.819   0.50 16.14 ? 69  ASN A N   1 
ATOM   509  C  CA  A ASN A 1 69  ? 4.867   15.504  1.330   0.50 16.22 ? 69  ASN A CA  1 
ATOM   510  C  CA  B ASN A 1 69  ? 4.868   15.482  1.297   0.50 16.26 ? 69  ASN A CA  1 
ATOM   511  C  C   A ASN A 1 69  ? 5.109   13.979  1.434   0.50 16.02 ? 69  ASN A C   1 
ATOM   512  C  C   B ASN A 1 69  ? 5.128   13.972  1.371   0.50 16.02 ? 69  ASN A C   1 
ATOM   513  O  O   A ASN A 1 69  ? 6.130   13.554  1.978   0.50 16.65 ? 69  ASN A O   1 
ATOM   514  O  O   B ASN A 1 69  ? 6.205   13.553  1.800   0.50 16.60 ? 69  ASN A O   1 
ATOM   515  C  CB  A ASN A 1 69  ? 5.913   16.305  2.134   0.50 16.45 ? 69  ASN A CB  1 
ATOM   516  C  CB  B ASN A 1 69  ? 5.999   16.225  2.014   0.50 16.61 ? 69  ASN A CB  1 
ATOM   517  C  CG  A ASN A 1 69  ? 7.331   16.141  1.621   0.50 17.71 ? 69  ASN A CG  1 
ATOM   518  C  CG  B ASN A 1 69  ? 5.866   17.720  1.911   0.50 17.84 ? 69  ASN A CG  1 
ATOM   519  O  OD1 A ASN A 1 69  ? 7.562   15.960  0.429   0.50 18.99 ? 69  ASN A OD1 1 
ATOM   520  O  OD1 B ASN A 1 69  ? 5.675   18.262  0.820   0.50 19.49 ? 69  ASN A OD1 1 
ATOM   521  N  ND2 A ASN A 1 69  ? 8.294   16.217  2.533   0.50 18.56 ? 69  ASN A ND2 1 
ATOM   522  N  ND2 B ASN A 1 69  ? 5.964   18.402  3.046   0.50 19.92 ? 69  ASN A ND2 1 
ATOM   523  N  N   . PRO A 1 70  ? 4.160   13.150  0.937   1.00 15.74 ? 70  PRO A N   1 
ATOM   524  C  CA  . PRO A 1 70  ? 4.375   11.702  1.032   1.00 16.04 ? 70  PRO A CA  1 
ATOM   525  C  C   . PRO A 1 70  ? 5.619   11.309  0.243   1.00 16.41 ? 70  PRO A C   1 
ATOM   526  O  O   . PRO A 1 70  ? 5.878   11.866  -0.817  1.00 16.72 ? 70  PRO A O   1 
ATOM   527  C  CB  . PRO A 1 70  ? 3.117   11.111  0.381   1.00 16.11 ? 70  PRO A CB  1 
ATOM   528  C  CG  . PRO A 1 70  ? 2.574   12.192  -0.472  1.00 15.68 ? 70  PRO A CG  1 
ATOM   529  C  CD  . PRO A 1 70  ? 2.872   13.456  0.289   1.00 15.56 ? 70  PRO A CD  1 
ATOM   530  N  N   . GLN A 1 71  ? 6.378   10.366  0.786   1.00 16.81 ? 71  GLN A N   1 
ATOM   531  C  CA  . GLN A 1 71  ? 7.662   9.970   0.231   1.00 17.62 ? 71  GLN A CA  1 
ATOM   532  C  C   . GLN A 1 71  ? 7.546   8.632   -0.482  1.00 17.53 ? 71  GLN A C   1 
ATOM   533  O  O   . GLN A 1 71  ? 7.015   7.680   0.086   1.00 16.24 ? 71  GLN A O   1 
ATOM   534  C  CB  . GLN A 1 71  ? 8.681   9.863   1.371   1.00 18.35 ? 71  GLN A CB  1 
ATOM   535  C  CG  . GLN A 1 71  ? 8.962   11.200  2.071   1.00 19.03 ? 71  GLN A CG  1 
ATOM   536  C  CD  . GLN A 1 71  ? 9.652   12.188  1.145   1.00 20.93 ? 71  GLN A CD  1 
ATOM   537  O  OE1 . GLN A 1 71  ? 9.100   13.245  0.804   1.00 23.08 ? 71  GLN A OE1 1 
ATOM   538  N  NE2 . GLN A 1 71  ? 10.851  11.836  0.708   1.00 21.34 ? 71  GLN A NE2 1 
ATOM   539  N  N   . LEU A 1 72  ? 8.026   8.559   -1.721  1.00 17.82 ? 72  LEU A N   1 
ATOM   540  C  CA  . LEU A 1 72  ? 8.102   7.290   -2.452  1.00 18.23 ? 72  LEU A CA  1 
ATOM   541  C  C   . LEU A 1 72  ? 9.121   6.386   -1.778  1.00 18.16 ? 72  LEU A C   1 
ATOM   542  O  O   . LEU A 1 72  ? 10.275  6.774   -1.586  1.00 19.29 ? 72  LEU A O   1 
ATOM   543  C  CB  . LEU A 1 72  ? 8.502   7.515   -3.916  1.00 18.70 ? 72  LEU A CB  1 
ATOM   544  C  CG  . LEU A 1 72  ? 8.670   6.323   -4.862  1.00 18.78 ? 72  LEU A CG  1 
ATOM   545  C  CD1 . LEU A 1 72  ? 7.352   5.601   -5.042  1.00 20.00 ? 72  LEU A CD1 1 
ATOM   546  C  CD2 . LEU A 1 72  ? 9.180   6.805   -6.214  1.00 19.27 ? 72  LEU A CD2 1 
ATOM   547  N  N   . VAL A 1 73  ? 8.699   5.181   -1.409  1.00 16.91 ? 73  VAL A N   1 
ATOM   548  C  CA  . VAL A 1 73  ? 9.594   4.247   -0.729  1.00 17.30 ? 73  VAL A CA  1 
ATOM   549  C  C   . VAL A 1 73  ? 9.735   2.917   -1.462  1.00 16.96 ? 73  VAL A C   1 
ATOM   550  O  O   . VAL A 1 73  ? 10.532  2.069   -1.058  1.00 17.87 ? 73  VAL A O   1 
ATOM   551  C  CB  . VAL A 1 73  ? 9.186   4.031   0.756   1.00 17.35 ? 73  VAL A CB  1 
ATOM   552  C  CG1 . VAL A 1 73  ? 9.375   5.334   1.541   1.00 18.51 ? 73  VAL A CG1 1 
ATOM   553  C  CG2 . VAL A 1 73  ? 7.759   3.531   0.852   1.00 17.71 ? 73  VAL A CG2 1 
ATOM   554  N  N   . GLY A 1 74  ? 8.956   2.722   -2.520  1.00 15.75 ? 74  GLY A N   1 
ATOM   555  C  CA  . GLY A 1 74  ? 9.106   1.521   -3.326  1.00 15.14 ? 74  GLY A CA  1 
ATOM   556  C  C   . GLY A 1 74  ? 7.922   1.230   -4.217  1.00 14.24 ? 74  GLY A C   1 
ATOM   557  O  O   . GLY A 1 74  ? 6.945   1.988   -4.263  1.00 13.66 ? 74  GLY A O   1 
ATOM   558  N  N   . ILE A 1 75  ? 8.054   0.146   -4.967  1.00 13.66 ? 75  ILE A N   1 
ATOM   559  C  CA  . ILE A 1 75  ? 7.015   -0.269  -5.886  1.00 13.28 ? 75  ILE A CA  1 
ATOM   560  C  C   . ILE A 1 75  ? 6.788   -1.756  -5.697  1.00 13.33 ? 75  ILE A C   1 
ATOM   561  O  O   . ILE A 1 75  ? 7.742   -2.542  -5.742  1.00 12.98 ? 75  ILE A O   1 
ATOM   562  C  CB  . ILE A 1 75  ? 7.425   0.002   -7.355  1.00 13.21 ? 75  ILE A CB  1 
ATOM   563  C  CG1 . ILE A 1 75  ? 7.610   1.501   -7.607  1.00 14.38 ? 75  ILE A CG1 1 
ATOM   564  C  CG2 . ILE A 1 75  ? 6.361   -0.537  -8.294  1.00 14.68 ? 75  ILE A CG2 1 
ATOM   565  C  CD1 . ILE A 1 75  ? 8.169   1.833   -8.979  1.00 16.04 ? 75  ILE A CD1 1 
ATOM   566  N  N   . LYS A 1 76  ? 5.538   -2.141  -5.461  1.00 12.48 ? 76  LYS A N   1 
ATOM   567  C  CA  . LYS A 1 76  ? 5.169   -3.557  -5.445  1.00 13.29 ? 76  LYS A CA  1 
ATOM   568  C  C   . LYS A 1 76  ? 4.465   -3.867  -6.767  1.00 13.19 ? 76  LYS A C   1 
ATOM   569  O  O   . LYS A 1 76  ? 3.583   -3.125  -7.197  1.00 13.46 ? 76  LYS A O   1 
ATOM   570  C  CB  . LYS A 1 76  ? 4.254   -3.867  -4.249  1.00 13.44 ? 76  LYS A CB  1 
ATOM   571  C  CG  . LYS A 1 76  ? 3.776   -5.311  -4.174  1.00 15.23 ? 76  LYS A CG  1 
ATOM   572  C  CD  . LYS A 1 76  ? 2.738   -5.473  -3.065  1.00 16.91 ? 76  LYS A CD  1 
ATOM   573  C  CE  . LYS A 1 76  ? 2.363   -6.935  -2.899  1.00 21.76 ? 76  LYS A CE  1 
ATOM   574  N  NZ  . LYS A 1 76  ? 1.172   -7.088  -2.001  1.00 23.97 ? 76  LYS A NZ  1 
ATOM   575  N  N   . ASN A 1 77  ? 4.861   -4.930  -7.451  1.00 12.07 ? 77  ASN A N   1 
ATOM   576  C  CA  . ASN A 1 77  ? 4.239   -5.191  -8.727  1.00 12.49 ? 77  ASN A CA  1 
ATOM   577  C  C   . ASN A 1 77  ? 4.347   -6.640  -9.148  1.00 12.96 ? 77  ASN A C   1 
ATOM   578  O  O   . ASN A 1 77  ? 5.185   -7.389  -8.640  1.00 13.18 ? 77  ASN A O   1 
ATOM   579  C  CB  . ASN A 1 77  ? 4.830   -4.266  -9.807  1.00 12.48 ? 77  ASN A CB  1 
ATOM   580  C  CG  . ASN A 1 77  ? 6.251   -4.635  -10.191 1.00 12.66 ? 77  ASN A CG  1 
ATOM   581  O  OD1 . ASN A 1 77  ? 7.197   -4.498  -9.400  1.00 14.78 ? 77  ASN A OD1 1 
ATOM   582  N  ND2 . ASN A 1 77  ? 6.418   -5.072  -11.408 1.00 11.56 ? 77  ASN A ND2 1 
ATOM   583  N  N   . TRP A 1 78  ? 3.488   -7.034  -10.079 1.00 12.85 ? 78  TRP A N   1 
ATOM   584  C  CA  . TRP A 1 78  ? 3.561   -8.390  -10.624 1.00 13.65 ? 78  TRP A CA  1 
ATOM   585  C  C   . TRP A 1 78  ? 2.913   -8.439  -11.989 1.00 14.01 ? 78  TRP A C   1 
ATOM   586  O  O   . TRP A 1 78  ? 1.979   -7.682  -12.255 1.00 13.41 ? 78  TRP A O   1 
ATOM   587  C  CB  . TRP A 1 78  ? 2.943   -9.419  -9.658  1.00 14.41 ? 78  TRP A CB  1 
ATOM   588  C  CG  . TRP A 1 78  ? 1.492   -9.196  -9.306  1.00 14.43 ? 78  TRP A CG  1 
ATOM   589  C  CD1 . TRP A 1 78  ? 0.406   -9.748  -9.923  1.00 16.02 ? 78  TRP A CD1 1 
ATOM   590  C  CD2 . TRP A 1 78  ? 0.974   -8.388  -8.240  1.00 15.34 ? 78  TRP A CD2 1 
ATOM   591  N  NE1 . TRP A 1 78  ? -0.754  -9.323  -9.318  1.00 16.79 ? 78  TRP A NE1 1 
ATOM   592  C  CE2 . TRP A 1 78  ? -0.436  -8.498  -8.274  1.00 16.71 ? 78  TRP A CE2 1 
ATOM   593  C  CE3 . TRP A 1 78  ? 1.565   -7.589  -7.257  1.00 15.74 ? 78  TRP A CE3 1 
ATOM   594  C  CZ2 . TRP A 1 78  ? -1.265  -7.822  -7.370  1.00 16.58 ? 78  TRP A CZ2 1 
ATOM   595  C  CZ3 . TRP A 1 78  ? 0.742   -6.905  -6.361  1.00 17.18 ? 78  TRP A CZ3 1 
ATOM   596  C  CH2 . TRP A 1 78  ? -0.661  -7.036  -6.421  1.00 16.65 ? 78  TRP A CH2 1 
ATOM   597  N  N   . PRO A 1 79  ? 3.435   -9.301  -12.879 1.00 14.34 ? 79  PRO A N   1 
ATOM   598  C  CA  . PRO A 1 79  ? 2.838   -9.445  -14.192 1.00 15.17 ? 79  PRO A CA  1 
ATOM   599  C  C   . PRO A 1 79  ? 1.500   -10.133 -14.070 1.00 16.26 ? 79  PRO A C   1 
ATOM   600  O  O   . PRO A 1 79  ? 1.271   -10.930 -13.142 1.00 16.92 ? 79  PRO A O   1 
ATOM   601  C  CB  . PRO A 1 79  ? 3.826   -10.360 -14.946 1.00 14.66 ? 79  PRO A CB  1 
ATOM   602  C  CG  . PRO A 1 79  ? 5.060   -10.412 -14.104 1.00 15.59 ? 79  PRO A CG  1 
ATOM   603  C  CD  . PRO A 1 79  ? 4.593   -10.191 -12.704 1.00 14.62 ? 79  PRO A CD  1 
ATOM   604  N  N   . LEU A 1 80  ? 0.613   -9.803  -15.000 1.00 17.73 ? 80  LEU A N   1 
ATOM   605  C  CA  . LEU A 1 80  ? -0.645  -10.501 -15.148 1.00 18.85 ? 80  LEU A CA  1 
ATOM   606  C  C   . LEU A 1 80  ? -0.502  -11.471 -16.321 1.00 19.96 ? 80  LEU A C   1 
ATOM   607  O  O   . LEU A 1 80  ? 0.483   -11.409 -17.065 1.00 20.69 ? 80  LEU A O   1 
ATOM   608  C  CB  . LEU A 1 80  ? -1.784  -9.497  -15.346 1.00 18.11 ? 80  LEU A CB  1 
ATOM   609  C  CG  . LEU A 1 80  ? -1.944  -8.476  -14.206 1.00 17.60 ? 80  LEU A CG  1 
ATOM   610  C  CD1 . LEU A 1 80  ? -3.041  -7.476  -14.527 1.00 16.69 ? 80  LEU A CD1 1 
ATOM   611  C  CD2 . LEU A 1 80  ? -2.207  -9.155  -12.855 1.00 18.28 ? 80  LEU A CD2 1 
ATOM   612  N  N   . ASP A 1 81  ? -1.476  -12.366 -16.479 1.00 21.35 ? 81  ASP A N   1 
ATOM   613  C  CA  . ASP A 1 81  ? -1.345  -13.536 -17.367 1.00 22.89 ? 81  ASP A CA  1 
ATOM   614  C  C   . ASP A 1 81  ? -1.096  -13.248 -18.846 1.00 23.09 ? 81  ASP A C   1 
ATOM   615  O  O   . ASP A 1 81  ? -0.511  -14.082 -19.550 1.00 23.48 ? 81  ASP A O   1 
ATOM   616  C  CB  . ASP A 1 81  ? -2.573  -14.446 -17.240 1.00 23.54 ? 81  ASP A CB  1 
ATOM   617  C  CG  . ASP A 1 81  ? -2.637  -15.176 -15.907 1.00 26.05 ? 81  ASP A CG  1 
ATOM   618  O  OD1 . ASP A 1 81  ? -1.637  -15.174 -15.158 1.00 28.86 ? 81  ASP A OD1 1 
ATOM   619  O  OD2 . ASP A 1 81  ? -3.700  -15.764 -15.609 1.00 29.43 ? 81  ASP A OD2 1 
ATOM   620  N  N   . THR A 1 82  ? -1.548  -12.091 -19.324 1.00 23.02 ? 82  THR A N   1 
ATOM   621  C  CA  . THR A 1 82  ? -1.527  -11.806 -20.759 1.00 23.11 ? 82  THR A CA  1 
ATOM   622  C  C   . THR A 1 82  ? -0.938  -10.425 -21.064 1.00 22.44 ? 82  THR A C   1 
ATOM   623  O  O   . THR A 1 82  ? -1.505  -9.640  -21.829 1.00 22.49 ? 82  THR A O   1 
ATOM   624  C  CB  . THR A 1 82  ? -2.938  -11.967 -21.383 1.00 23.38 ? 82  THR A CB  1 
ATOM   625  O  OG1 . THR A 1 82  ? -3.624  -13.061 -20.756 1.00 25.32 ? 82  THR A OG1 1 
ATOM   626  C  CG2 . THR A 1 82  ? -2.849  -12.236 -22.879 1.00 23.93 ? 82  THR A CG2 1 
ATOM   627  N  N   . GLY A 1 83  ? 0.203   -10.127 -20.446 1.00 21.57 ? 83  GLY A N   1 
ATOM   628  C  CA  . GLY A 1 83  ? 0.953   -8.928  -20.783 1.00 20.53 ? 83  GLY A CA  1 
ATOM   629  C  C   . GLY A 1 83  ? 0.651   -7.752  -19.877 1.00 19.52 ? 83  GLY A C   1 
ATOM   630  O  O   . GLY A 1 83  ? 1.294   -6.710  -19.977 1.00 20.36 ? 83  GLY A O   1 
ATOM   631  N  N   . GLY A 1 84  ? -0.337  -7.909  -18.995 1.00 18.29 ? 84  GLY A N   1 
ATOM   632  C  CA  . GLY A 1 84  ? -0.687  -6.851  -18.051 1.00 16.30 ? 84  GLY A CA  1 
ATOM   633  C  C   . GLY A 1 84  ? 0.254   -6.797  -16.864 1.00 14.99 ? 84  GLY A C   1 
ATOM   634  O  O   . GLY A 1 84  ? 1.169   -7.620  -16.730 1.00 15.23 ? 84  GLY A O   1 
ATOM   635  N  N   . ARG A 1 85  ? 0.036   -5.823  -15.996 1.00 14.14 ? 85  ARG A N   1 
ATOM   636  C  CA  . ARG A 1 85  ? 0.840   -5.711  -14.793 1.00 13.54 ? 85  ARG A CA  1 
ATOM   637  C  C   . ARG A 1 85  ? 0.035   -5.005  -13.728 1.00 12.58 ? 85  ARG A C   1 
ATOM   638  O  O   . ARG A 1 85  ? -0.662  -4.039  -14.025 1.00 12.53 ? 85  ARG A O   1 
ATOM   639  C  CB  . ARG A 1 85  ? 2.134   -4.924  -15.061 1.00 13.26 ? 85  ARG A CB  1 
ATOM   640  C  CG  . ARG A 1 85  ? 3.163   -4.939  -13.899 1.00 13.99 ? 85  ARG A CG  1 
ATOM   641  C  CD  . ARG A 1 85  ? 4.421   -4.160  -14.249 1.00 14.00 ? 85  ARG A CD  1 
ATOM   642  N  NE  . ARG A 1 85  ? 5.125   -4.782  -15.378 1.00 13.47 ? 85  ARG A NE  1 
ATOM   643  C  CZ  . ARG A 1 85  ? 6.268   -5.467  -15.285 1.00 14.33 ? 85  ARG A CZ  1 
ATOM   644  N  NH1 . ARG A 1 85  ? 6.902   -5.595  -14.123 1.00 13.71 ? 85  ARG A NH1 1 
ATOM   645  N  NH2 . ARG A 1 85  ? 6.797   -5.996  -16.374 1.00 14.96 ? 85  ARG A NH2 1 
ATOM   646  N  N   . TYR A 1 86  ? 0.159   -5.477  -12.493 1.00 12.11 ? 86  TYR A N   1 
ATOM   647  C  CA  . TYR A 1 86  ? -0.440  -4.790  -11.361 1.00 11.76 ? 86  TYR A CA  1 
ATOM   648  C  C   . TYR A 1 86  ? 0.662   -4.014  -10.661 1.00 12.17 ? 86  TYR A C   1 
ATOM   649  O  O   . TYR A 1 86  ? 1.716   -4.565  -10.340 1.00 12.98 ? 86  TYR A O   1 
ATOM   650  C  CB  . TYR A 1 86  ? -1.065  -5.803  -10.394 1.00 13.05 ? 86  TYR A CB  1 
ATOM   651  C  CG  . TYR A 1 86  ? -2.209  -5.230  -9.597  1.00 13.78 ? 86  TYR A CG  1 
ATOM   652  C  CD1 . TYR A 1 86  ? -3.523  -5.486  -9.977  1.00 14.17 ? 86  TYR A CD1 1 
ATOM   653  C  CD2 . TYR A 1 86  ? -1.984  -4.409  -8.495  1.00 15.36 ? 86  TYR A CD2 1 
ATOM   654  C  CE1 . TYR A 1 86  ? -4.588  -4.955  -9.270  1.00 16.15 ? 86  TYR A CE1 1 
ATOM   655  C  CE2 . TYR A 1 86  ? -3.060  -3.872  -7.770  1.00 15.79 ? 86  TYR A CE2 1 
ATOM   656  C  CZ  . TYR A 1 86  ? -4.347  -4.156  -8.179  1.00 15.27 ? 86  TYR A CZ  1 
ATOM   657  O  OH  . TYR A 1 86  ? -5.433  -3.643  -7.508  1.00 16.69 ? 86  TYR A OH  1 
ATOM   658  N  N   . ILE A 1 87  ? 0.422   -2.721  -10.456 1.00 11.95 ? 87  ILE A N   1 
ATOM   659  C  CA  . ILE A 1 87  ? 1.422   -1.828  -9.893  1.00 12.61 ? 87  ILE A CA  1 
ATOM   660  C  C   . ILE A 1 87  ? 0.876   -1.137  -8.650  1.00 13.04 ? 87  ILE A C   1 
ATOM   661  O  O   . ILE A 1 87  ? -0.228  -0.582  -8.658  1.00 13.77 ? 87  ILE A O   1 
ATOM   662  C  CB  . ILE A 1 87  ? 1.852   -0.766  -10.917 1.00 12.85 ? 87  ILE A CB  1 
ATOM   663  C  CG1 . ILE A 1 87  ? 2.483   -1.438  -12.145 1.00 12.29 ? 87  ILE A CG1 1 
ATOM   664  C  CG2 . ILE A 1 87  ? 2.847   0.222   -10.286 1.00 14.46 ? 87  ILE A CG2 1 
ATOM   665  C  CD1 . ILE A 1 87  ? 2.780   -0.465  -13.274 1.00 12.95 ? 87  ILE A CD1 1 
ATOM   666  N  N   . VAL A 1 88  ? 1.653   -1.212  -7.575  1.00 12.70 ? 88  VAL A N   1 
ATOM   667  C  CA  . VAL A 1 88  ? 1.373   -0.505  -6.322  1.00 13.00 ? 88  VAL A CA  1 
ATOM   668  C  C   . VAL A 1 88  ? 2.519   0.449   -5.995  1.00 13.40 ? 88  VAL A C   1 
ATOM   669  O  O   . VAL A 1 88  ? 3.620   0.009   -5.685  1.00 13.78 ? 88  VAL A O   1 
ATOM   670  C  CB  . VAL A 1 88  ? 1.181   -1.466  -5.145  1.00 13.35 ? 88  VAL A CB  1 
ATOM   671  C  CG1 . VAL A 1 88  ? 0.587   -0.686  -3.966  1.00 14.41 ? 88  VAL A CG1 1 
ATOM   672  C  CG2 . VAL A 1 88  ? 0.262   -2.612  -5.532  1.00 13.57 ? 88  VAL A CG2 1 
ATOM   673  N  N   . ILE A 1 89  ? 2.266   1.751   -6.079  1.00 13.11 ? 89  ILE A N   1 
ATOM   674  C  CA  . ILE A 1 89  ? 3.274   2.739   -5.713  1.00 13.34 ? 89  ILE A CA  1 
ATOM   675  C  C   . ILE A 1 89  ? 3.185   2.922   -4.208  1.00 13.71 ? 89  ILE A C   1 
ATOM   676  O  O   . ILE A 1 89  ? 2.115   3.234   -3.689  1.00 13.51 ? 89  ILE A O   1 
ATOM   677  C  CB  . ILE A 1 89  ? 3.057   4.071   -6.461  1.00 13.71 ? 89  ILE A CB  1 
ATOM   678  C  CG1 . ILE A 1 89  ? 2.863   3.827   -7.972  1.00 14.34 ? 89  ILE A CG1 1 
ATOM   679  C  CG2 . ILE A 1 89  ? 4.190   5.053   -6.168  1.00 14.89 ? 89  ILE A CG2 1 
ATOM   680  C  CD1 . ILE A 1 89  ? 4.074   3.229   -8.682  1.00 17.97 ? 89  ILE A CD1 1 
ATOM   681  N  N   . CYS A 1 90  ? 4.296   2.697   -3.522  1.00 12.97 ? 90  CYS A N   1 
ATOM   682  C  CA  . CYS A 1 90  ? 4.314   2.661   -2.057  1.00 13.03 ? 90  CYS A CA  1 
ATOM   683  C  C   . CYS A 1 90  ? 4.889   3.923   -1.470  1.00 12.83 ? 90  CYS A C   1 
ATOM   684  O  O   . CYS A 1 90  ? 5.997   4.330   -1.837  1.00 12.84 ? 90  CYS A O   1 
ATOM   685  C  CB  . CYS A 1 90  ? 5.139   1.469   -1.566  1.00 12.90 ? 90  CYS A CB  1 
ATOM   686  S  SG  . CYS A 1 90  ? 4.569   -0.145  -2.174  1.00 14.49 ? 90  CYS A SG  1 
ATOM   687  N  N   . TYR A 1 91  ? 4.144   4.516   -0.541  1.00 12.78 ? 91  TYR A N   1 
ATOM   688  C  CA  . TYR A 1 91  ? 4.539   5.764   0.102   1.00 12.98 ? 91  TYR A CA  1 
ATOM   689  C  C   . TYR A 1 91  ? 4.658   5.622   1.604   1.00 12.98 ? 91  TYR A C   1 
ATOM   690  O  O   . TYR A 1 91  ? 4.048   4.724   2.195   1.00 12.44 ? 91  TYR A O   1 
ATOM   691  C  CB  . TYR A 1 91  ? 3.507   6.849   -0.175  1.00 12.99 ? 91  TYR A CB  1 
ATOM   692  C  CG  . TYR A 1 91  ? 3.435   7.265   -1.628  1.00 12.31 ? 91  TYR A CG  1 
ATOM   693  C  CD1 . TYR A 1 91  ? 4.197   8.318   -2.100  1.00 13.59 ? 91  TYR A CD1 1 
ATOM   694  C  CD2 . TYR A 1 91  ? 2.592   6.613   -2.519  1.00 11.67 ? 91  TYR A CD2 1 
ATOM   695  C  CE1 . TYR A 1 91  ? 4.128   8.720   -3.427  1.00 13.12 ? 91  TYR A CE1 1 
ATOM   696  C  CE2 . TYR A 1 91  ? 2.507   7.005   -3.845  1.00 13.82 ? 91  TYR A CE2 1 
ATOM   697  C  CZ  . TYR A 1 91  ? 3.268   8.068   -4.278  1.00 13.34 ? 91  TYR A CZ  1 
ATOM   698  O  OH  . TYR A 1 91  ? 3.203   8.455   -5.591  1.00 15.46 ? 91  TYR A OH  1 
ATOM   699  N  N   . LYS A 1 92  ? 5.443   6.517   2.209   1.00 13.56 ? 92  LYS A N   1 
ATOM   700  C  CA  . LYS A 1 92  ? 5.424   6.714   3.664   1.00 13.98 ? 92  LYS A CA  1 
ATOM   701  C  C   . LYS A 1 92  ? 5.135   8.181   3.958   1.00 14.07 ? 92  LYS A C   1 
ATOM   702  O  O   . LYS A 1 92  ? 5.640   9.072   3.268   1.00 15.18 ? 92  LYS A O   1 
ATOM   703  C  CB  . LYS A 1 92  ? 6.738   6.307   4.312   1.00 14.49 ? 92  LYS A CB  1 
ATOM   704  C  CG  . LYS A 1 92  ? 6.704   6.422   5.833   1.00 15.68 ? 92  LYS A CG  1 
ATOM   705  C  CD  . LYS A 1 92  ? 7.948   5.829   6.448   1.00 16.74 ? 92  LYS A CD  1 
ATOM   706  C  CE  . LYS A 1 92  ? 7.896   5.957   7.951   1.00 17.52 ? 92  LYS A CE  1 
ATOM   707  N  NZ  . LYS A 1 92  ? 9.028   5.232   8.572   1.00 18.55 ? 92  LYS A NZ  1 
ATOM   708  N  N   . ALA A 1 93  ? 4.286   8.419   4.954   1.00 14.44 ? 93  ALA A N   1 
ATOM   709  C  CA  . ALA A 1 93  ? 3.992   9.781   5.396   1.00 14.39 ? 93  ALA A CA  1 
ATOM   710  C  C   . ALA A 1 93  ? 4.054   9.853   6.911   1.00 14.32 ? 93  ALA A C   1 
ATOM   711  O  O   . ALA A 1 93  ? 3.447   9.031   7.603   1.00 14.99 ? 93  ALA A O   1 
ATOM   712  C  CB  . ALA A 1 93  ? 2.621   10.220  4.904   1.00 14.98 ? 93  ALA A CB  1 
ATOM   713  N  N   . THR A 1 94  ? 4.793   10.839  7.412   1.00 14.17 ? 94  THR A N   1 
ATOM   714  C  CA  . THR A 1 94  ? 4.858   11.123  8.847   1.00 14.61 ? 94  THR A CA  1 
ATOM   715  C  C   . THR A 1 94  ? 4.250   12.490  9.171   1.00 15.23 ? 94  THR A C   1 
ATOM   716  O  O   . THR A 1 94  ? 4.059   12.814  10.343  1.00 14.60 ? 94  THR A O   1 
ATOM   717  C  CB  . THR A 1 94  ? 6.311   11.103  9.378   1.00 14.74 ? 94  THR A CB  1 
ATOM   718  O  OG1 . THR A 1 94  ? 7.104   12.040  8.643   1.00 15.79 ? 94  THR A OG1 1 
ATOM   719  C  CG2 . THR A 1 94  ? 6.919   9.710   9.261   1.00 15.01 ? 94  THR A CG2 1 
ATOM   720  N  N   . GLU A 1 95  ? 3.974   13.295  8.145   1.00 15.29 ? 95  GLU A N   1 
ATOM   721  C  CA  . GLU A 1 95  ? 3.393   14.629  8.315   1.00 16.54 ? 95  GLU A CA  1 
ATOM   722  C  C   . GLU A 1 95  ? 1.942   14.551  7.877   1.00 15.83 ? 95  GLU A C   1 
ATOM   723  O  O   . GLU A 1 95  ? 1.667   14.236  6.725   1.00 15.47 ? 95  GLU A O   1 
ATOM   724  C  CB  . GLU A 1 95  ? 4.095   15.669  7.431   1.00 16.55 ? 95  GLU A CB  1 
ATOM   725  C  CG  . GLU A 1 95  ? 5.615   15.769  7.545   1.00 19.91 ? 95  GLU A CG  1 
ATOM   726  C  CD  . GLU A 1 95  ? 6.234   16.537  6.367   1.00 20.86 ? 95  GLU A CD  1 
ATOM   727  O  OE1 . GLU A 1 95  ? 7.241   16.058  5.796   1.00 26.44 ? 95  GLU A OE1 1 
ATOM   728  O  OE2 . GLU A 1 95  ? 5.708   17.615  5.990   1.00 25.90 ? 95  GLU A OE2 1 
ATOM   729  N  N   . PHE A 1 96  ? 1.015   14.839  8.784   1.00 15.89 ? 96  PHE A N   1 
ATOM   730  C  CA  . PHE A 1 96  ? -0.393  14.791  8.437   1.00 16.37 ? 96  PHE A CA  1 
ATOM   731  C  C   . PHE A 1 96  ? -1.207  15.583  9.434   1.00 16.91 ? 96  PHE A C   1 
ATOM   732  O  O   . PHE A 1 96  ? -0.715  15.953  10.499  1.00 17.04 ? 96  PHE A O   1 
ATOM   733  C  CB  . PHE A 1 96  ? -0.892  13.337  8.405   1.00 16.90 ? 96  PHE A CB  1 
ATOM   734  C  CG  . PHE A 1 96  ? -0.692  12.612  9.700   1.00 17.09 ? 96  PHE A CG  1 
ATOM   735  C  CD1 . PHE A 1 96  ? -1.662  12.677  10.698  1.00 16.55 ? 96  PHE A CD1 1 
ATOM   736  C  CD2 . PHE A 1 96  ? 0.479   11.895  9.941   1.00 17.73 ? 96  PHE A CD2 1 
ATOM   737  C  CE1 . PHE A 1 96  ? -1.469  12.029  11.912  1.00 17.80 ? 96  PHE A CE1 1 
ATOM   738  C  CE2 . PHE A 1 96  ? 0.673   11.241  11.145  1.00 19.71 ? 96  PHE A CE2 1 
ATOM   739  C  CZ  . PHE A 1 96  ? -0.296  11.317  12.129  1.00 18.32 ? 96  PHE A CZ  1 
ATOM   740  N  N   . SER A 1 97  ? -2.456  15.836  9.074   1.00 17.09 ? 97  SER A N   1 
ATOM   741  C  CA  . SER A 1 97  ? -3.402  16.442  9.992   1.00 17.69 ? 97  SER A CA  1 
ATOM   742  C  C   . SER A 1 97  ? -4.762  15.795  9.781   1.00 17.89 ? 97  SER A C   1 
ATOM   743  O  O   . SER A 1 97  ? -4.959  15.026  8.848   1.00 17.33 ? 97  SER A O   1 
ATOM   744  C  CB  . SER A 1 97  ? -3.472  17.947  9.748   1.00 18.14 ? 97  SER A CB  1 
ATOM   745  O  OG  . SER A 1 97  ? -3.873  18.215  8.421   1.00 19.98 ? 97  SER A OG  1 
ATOM   746  N  N   . GLY A 1 98  ? -5.704  16.110  10.660  1.00 18.25 ? 98  GLY A N   1 
ATOM   747  C  CA  . GLY A 1 98  ? -7.053  15.592  10.517  1.00 18.28 ? 98  GLY A CA  1 
ATOM   748  C  C   . GLY A 1 98  ? -7.382  14.593  11.599  1.00 18.21 ? 98  GLY A C   1 
ATOM   749  O  O   . GLY A 1 98  ? -6.554  14.289  12.461  1.00 18.52 ? 98  GLY A O   1 
ATOM   750  N  N   . THR A 1 99  ? -8.612  14.088  11.554  1.00 17.93 ? 99  THR A N   1 
ATOM   751  C  CA  . THR A 1 99  ? -9.105  13.110  12.512  1.00 17.63 ? 99  THR A CA  1 
ATOM   752  C  C   . THR A 1 99  ? -9.379  11.790  11.801  1.00 17.14 ? 99  THR A C   1 
ATOM   753  O  O   . THR A 1 99  ? -10.054 11.753  10.769  1.00 16.80 ? 99  THR A O   1 
ATOM   754  C  CB  . THR A 1 99  ? -10.402 13.616  13.197  1.00 17.82 ? 99  THR A CB  1 
ATOM   755  O  OG1 . THR A 1 99  ? -10.133 14.844  13.882  1.00 19.51 ? 99  THR A OG1 1 
ATOM   756  C  CG2 . THR A 1 99  ? -10.938 12.596  14.195  1.00 18.39 ? 99  THR A CG2 1 
ATOM   757  N  N   . LEU A 1 100 ? -8.852  10.706  12.360  1.00 16.42 ? 100 LEU A N   1 
ATOM   758  C  CA  . LEU A 1 100 ? -9.049  9.387   11.770  1.00 16.62 ? 100 LEU A CA  1 
ATOM   759  C  C   . LEU A 1 100 ? -10.533 9.050   11.639  1.00 17.41 ? 100 LEU A C   1 
ATOM   760  O  O   . LEU A 1 100 ? -11.309 9.203   12.591  1.00 17.41 ? 100 LEU A O   1 
ATOM   761  C  CB  . LEU A 1 100 ? -8.318  8.319   12.579  1.00 16.59 ? 100 LEU A CB  1 
ATOM   762  C  CG  . LEU A 1 100 ? -8.080  6.999   11.849  1.00 16.50 ? 100 LEU A CG  1 
ATOM   763  C  CD1 . LEU A 1 100 ? -7.094  7.145   10.683  1.00 16.68 ? 100 LEU A CD1 1 
ATOM   764  C  CD2 . LEU A 1 100 ? -7.596  5.943   12.832  1.00 16.66 ? 100 LEU A CD2 1 
ATOM   765  N  N   . GLN A 1 101 ? -10.921 8.594   10.454  1.00 17.43 ? 101 GLN A N   1 
ATOM   766  C  CA  . GLN A 1 101 ? -12.317 8.291   10.174  1.00 18.33 ? 101 GLN A CA  1 
ATOM   767  C  C   . GLN A 1 101 ? -12.365 7.206   9.122   1.00 18.41 ? 101 GLN A C   1 
ATOM   768  O  O   . GLN A 1 101 ? -11.731 7.316   8.074   1.00 17.77 ? 101 GLN A O   1 
ATOM   769  C  CB  . GLN A 1 101 ? -13.053 9.549   9.694   1.00 18.51 ? 101 GLN A CB  1 
ATOM   770  C  CG  . GLN A 1 101 ? -14.525 9.339   9.378   1.00 21.69 ? 101 GLN A CG  1 
ATOM   771  C  CD  . GLN A 1 101 ? -15.287 10.649  9.330   1.00 24.15 ? 101 GLN A CD  1 
ATOM   772  O  OE1 . GLN A 1 101 ? -15.575 11.242  10.368  1.00 26.98 ? 101 GLN A OE1 1 
ATOM   773  N  NE2 . GLN A 1 101 ? -15.638 11.094  8.128   1.00 26.97 ? 101 GLN A NE2 1 
ATOM   774  N  N   . SER A 1 102 ? -13.099 6.143   9.419   1.00 18.74 ? 102 SER A N   1 
ATOM   775  C  CA  . SER A 1 102 ? -13.276 5.043   8.485   1.00 19.30 ? 102 SER A CA  1 
ATOM   776  C  C   . SER A 1 102 ? -14.173 5.430   7.319   1.00 19.82 ? 102 SER A C   1 
ATOM   777  O  O   . SER A 1 102 ? -14.871 6.451   7.360   1.00 20.20 ? 102 SER A O   1 
ATOM   778  C  CB  . SER A 1 102 ? -13.862 3.830   9.206   1.00 19.75 ? 102 SER A CB  1 
ATOM   779  O  OG  . SER A 1 102 ? -12.956 3.327   10.171  1.00 19.60 ? 102 SER A OG  1 
ATOM   780  N  N   . SER A 1 103 ? -14.141 4.610   6.276   1.00 20.39 ? 103 SER A N   1 
ATOM   781  C  CA  . SER A 1 103 ? -15.023 4.775   5.137   1.00 20.69 ? 103 SER A CA  1 
ATOM   782  C  C   . SER A 1 103 ? -15.603 3.417   4.783   1.00 21.37 ? 103 SER A C   1 
ATOM   783  O  O   . SER A 1 103 ? -15.227 2.399   5.368   1.00 21.29 ? 103 SER A O   1 
ATOM   784  C  CB  . SER A 1 103 ? -14.258 5.349   3.939   1.00 20.54 ? 103 SER A CB  1 
ATOM   785  O  OG  . SER A 1 103 ? -13.438 4.356   3.334   1.00 18.89 ? 103 SER A OG  1 
ATOM   786  N  N   . GLU A 1 104 ? -16.510 3.409   3.812   1.00 22.43 ? 104 GLU A N   1 
ATOM   787  C  CA  . GLU A 1 104 ? -17.095 2.174   3.288   1.00 23.71 ? 104 GLU A CA  1 
ATOM   788  C  C   . GLU A 1 104 ? -16.019 1.194   2.803   1.00 23.13 ? 104 GLU A C   1 
ATOM   789  O  O   . GLU A 1 104 ? -16.256 -0.013  2.748   1.00 23.70 ? 104 GLU A O   1 
ATOM   790  C  CB  . GLU A 1 104 ? -18.063 2.517   2.147   1.00 24.01 ? 104 GLU A CB  1 
ATOM   791  C  CG  . GLU A 1 104 ? -18.717 1.328   1.439   1.00 25.96 ? 104 GLU A CG  1 
ATOM   792  C  CD  . GLU A 1 104 ? -19.613 1.758   0.281   1.00 26.04 ? 104 GLU A CD  1 
ATOM   793  O  OE1 . GLU A 1 104 ? -19.358 2.831   -0.321  1.00 29.47 ? 104 GLU A OE1 1 
ATOM   794  O  OE2 . GLU A 1 104 ? -20.579 1.022   -0.023  1.00 29.91 ? 104 GLU A OE2 1 
ATOM   795  N  N   . GLU A 1 105 ? -14.834 1.709   2.479   1.00 22.59 ? 105 GLU A N   1 
ATOM   796  C  CA  . GLU A 1 105 ? -13.757 0.878   1.943   1.00 22.31 ? 105 GLU A CA  1 
ATOM   797  C  C   . GLU A 1 105 ? -12.935 0.124   2.988   1.00 22.15 ? 105 GLU A C   1 
ATOM   798  O  O   . GLU A 1 105 ? -12.092 -0.712  2.647   1.00 23.40 ? 105 GLU A O   1 
ATOM   799  C  CB  . GLU A 1 105 ? -12.867 1.696   1.002   1.00 22.05 ? 105 GLU A CB  1 
ATOM   800  C  CG  . GLU A 1 105 ? -13.651 2.109   -0.233  1.00 22.39 ? 105 GLU A CG  1 
ATOM   801  C  CD  . GLU A 1 105 ? -12.824 2.754   -1.298  1.00 21.90 ? 105 GLU A CD  1 
ATOM   802  O  OE1 . GLU A 1 105 ? -13.371 2.957   -2.403  1.00 19.46 ? 105 GLU A OE1 1 
ATOM   803  O  OE2 . GLU A 1 105 ? -11.637 3.062   -1.050  1.00 20.92 ? 105 GLU A OE2 1 
ATOM   804  N  N   . GLY A 1 106 ? -13.191 0.408   4.260   1.00 21.42 ? 106 GLY A N   1 
ATOM   805  C  CA  . GLY A 1 106 ? -12.572 -0.356  5.330   1.00 20.77 ? 106 GLY A CA  1 
ATOM   806  C  C   . GLY A 1 106 ? -12.477 0.394   6.632   1.00 20.26 ? 106 GLY A C   1 
ATOM   807  O  O   . GLY A 1 106 ? -12.361 1.621   6.649   1.00 20.47 ? 106 GLY A O   1 
ATOM   808  N  N   . GLU A 1 107 ? -12.537 -0.354  7.730   1.00 19.29 ? 107 GLU A N   1 
ATOM   809  C  CA  . GLU A 1 107 ? -12.281 0.199   9.047   1.00 19.01 ? 107 GLU A CA  1 
ATOM   810  C  C   . GLU A 1 107 ? -10.808 0.501   9.197   1.00 18.02 ? 107 GLU A C   1 
ATOM   811  O  O   . GLU A 1 107 ? -9.962  -0.336  8.883   1.00 18.11 ? 107 GLU A O   1 
ATOM   812  C  CB  . GLU A 1 107 ? -12.707 -0.783  10.144  1.00 19.71 ? 107 GLU A CB  1 
ATOM   813  C  CG  . GLU A 1 107 ? -14.205 -0.867  10.349  1.00 23.25 ? 107 GLU A CG  1 
ATOM   814  C  CD  . GLU A 1 107 ? -14.841 0.494   10.608  1.00 28.69 ? 107 GLU A CD  1 
ATOM   815  O  OE1 . GLU A 1 107 ? -14.420 1.194   11.562  1.00 30.49 ? 107 GLU A OE1 1 
ATOM   816  O  OE2 . GLU A 1 107 ? -15.765 0.867   9.850   1.00 31.57 ? 107 GLU A OE2 1 
ATOM   817  N  N   . VAL A 1 108 ? -10.513 1.707   9.665   1.00 17.12 ? 108 VAL A N   1 
ATOM   818  C  CA  . VAL A 1 108 ? -9.136  2.121   9.911   1.00 16.44 ? 108 VAL A CA  1 
ATOM   819  C  C   . VAL A 1 108 ? -8.892  2.311   11.398  1.00 16.32 ? 108 VAL A C   1 
ATOM   820  O  O   . VAL A 1 108 ? -9.807  2.662   12.150  1.00 16.74 ? 108 VAL A O   1 
ATOM   821  C  CB  . VAL A 1 108 ? -8.740  3.393   9.102   1.00 16.14 ? 108 VAL A CB  1 
ATOM   822  C  CG1 . VAL A 1 108 ? -8.747  3.073   7.610   1.00 16.76 ? 108 VAL A CG1 1 
ATOM   823  C  CG2 . VAL A 1 108 ? -9.659  4.580   9.419   1.00 17.19 ? 108 VAL A CG2 1 
ATOM   824  N  N   . SER A 1 109 ? -7.650  2.068   11.813  1.00 15.74 ? 109 SER A N   1 
ATOM   825  C  CA  . SER A 1 109 ? -7.261  2.175   13.209  1.00 15.84 ? 109 SER A CA  1 
ATOM   826  C  C   . SER A 1 109 ? -5.780  2.501   13.332  1.00 15.28 ? 109 SER A C   1 
ATOM   827  O  O   . SER A 1 109 ? -4.976  2.189   12.443  1.00 15.24 ? 109 SER A O   1 
ATOM   828  C  CB  . SER A 1 109 ? -7.582  0.874   13.963  1.00 16.48 ? 109 SER A CB  1 
ATOM   829  O  OG  . SER A 1 109 ? -6.881  -0.210  13.391  1.00 19.23 ? 109 SER A OG  1 
ATOM   830  N  N   . TRP A 1 110 ? -5.420  3.137   14.439  1.00 15.18 ? 110 TRP A N   1 
ATOM   831  C  CA  . TRP A 1 110 ? -4.026  3.338   14.807  1.00 14.87 ? 110 TRP A CA  1 
ATOM   832  C  C   . TRP A 1 110 ? -3.520  2.117   15.556  1.00 14.90 ? 110 TRP A C   1 
ATOM   833  O  O   . TRP A 1 110 ? -3.993  1.821   16.650  1.00 15.45 ? 110 TRP A O   1 
ATOM   834  C  CB  . TRP A 1 110 ? -3.875  4.557   15.712  1.00 15.27 ? 110 TRP A CB  1 
ATOM   835  C  CG  . TRP A 1 110 ? -4.050  5.872   15.041  1.00 14.80 ? 110 TRP A CG  1 
ATOM   836  C  CD1 . TRP A 1 110 ? -5.089  6.750   15.208  1.00 15.40 ? 110 TRP A CD1 1 
ATOM   837  C  CD2 . TRP A 1 110 ? -3.140  6.491   14.126  1.00 13.75 ? 110 TRP A CD2 1 
ATOM   838  N  NE1 . TRP A 1 110 ? -4.885  7.877   14.436  1.00 15.40 ? 110 TRP A NE1 1 
ATOM   839  C  CE2 . TRP A 1 110 ? -3.699  7.742   13.759  1.00 14.36 ? 110 TRP A CE2 1 
ATOM   840  C  CE3 . TRP A 1 110 ? -1.908  6.109   13.572  1.00 14.91 ? 110 TRP A CE3 1 
ATOM   841  C  CZ2 . TRP A 1 110 ? -3.062  8.611   12.865  1.00 14.51 ? 110 TRP A CZ2 1 
ATOM   842  C  CZ3 . TRP A 1 110 ? -1.283  6.971   12.676  1.00 15.15 ? 110 TRP A CZ3 1 
ATOM   843  C  CH2 . TRP A 1 110 ? -1.859  8.213   12.344  1.00 14.56 ? 110 TRP A CH2 1 
ATOM   844  N  N   . VAL A 1 111 ? -2.554  1.420   14.973  1.00 14.18 ? 111 VAL A N   1 
ATOM   845  C  CA  . VAL A 1 111 ? -1.996  0.221   15.602  1.00 14.54 ? 111 VAL A CA  1 
ATOM   846  C  C   . VAL A 1 111 ? -0.546  0.498   15.974  1.00 14.33 ? 111 VAL A C   1 
ATOM   847  O  O   . VAL A 1 111 ? 0.201   1.057   15.164  1.00 14.38 ? 111 VAL A O   1 
ATOM   848  C  CB  . VAL A 1 111 ? -2.091  -0.988  14.653  1.00 14.71 ? 111 VAL A CB  1 
ATOM   849  C  CG1 . VAL A 1 111 ? -1.415  -2.210  15.261  1.00 15.43 ? 111 VAL A CG1 1 
ATOM   850  C  CG2 . VAL A 1 111 ? -3.562  -1.304  14.338  1.00 15.72 ? 111 VAL A CG2 1 
ATOM   851  N  N   . GLN A 1 112 ? -0.144  0.150   17.198  1.00 15.06 ? 112 GLN A N   1 
ATOM   852  C  CA  . GLN A 1 112 ? 1.259   0.315   17.571  1.00 15.46 ? 112 GLN A CA  1 
ATOM   853  C  C   . GLN A 1 112 ? 2.130   -0.424  16.570  1.00 15.54 ? 112 GLN A C   1 
ATOM   854  O  O   . GLN A 1 112 ? 1.883   -1.587  16.261  1.00 14.94 ? 112 GLN A O   1 
ATOM   855  C  CB  . GLN A 1 112 ? 1.525   -0.204  18.989  1.00 16.16 ? 112 GLN A CB  1 
ATOM   856  C  CG  . GLN A 1 112 ? 0.875   0.638   20.053  1.00 19.41 ? 112 GLN A CG  1 
ATOM   857  C  CD  . GLN A 1 112 ? 1.205   0.164   21.444  1.00 24.31 ? 112 GLN A CD  1 
ATOM   858  O  OE1 . GLN A 1 112 ? 2.251   0.508   21.997  1.00 27.52 ? 112 GLN A OE1 1 
ATOM   859  N  NE2 . GLN A 1 112 ? 0.310   -0.621  22.029  1.00 25.98 ? 112 GLN A NE2 1 
ATOM   860  N  N   . LYS A 1 113 ? 3.135   0.265   16.039  1.00 15.50 ? 113 LYS A N   1 
ATOM   861  C  CA  . LYS A 1 113 ? 3.971   -0.279  14.975  1.00 16.44 ? 113 LYS A CA  1 
ATOM   862  C  C   . LYS A 1 113 ? 4.584   -1.619  15.375  1.00 16.79 ? 113 LYS A C   1 
ATOM   863  O  O   . LYS A 1 113 ? 4.620   -2.555  14.561  1.00 17.07 ? 113 LYS A O   1 
ATOM   864  C  CB  . LYS A 1 113 ? 5.039   0.744   14.580  1.00 16.27 ? 113 LYS A CB  1 
ATOM   865  C  CG  . LYS A 1 113 ? 5.751   0.447   13.293  1.00 16.62 ? 113 LYS A CG  1 
ATOM   866  C  CD  . LYS A 1 113 ? 6.648   1.621   12.923  1.00 17.14 ? 113 LYS A CD  1 
ATOM   867  C  CE  . LYS A 1 113 ? 7.476   1.305   11.698  1.00 19.13 ? 113 LYS A CE  1 
ATOM   868  N  NZ  . LYS A 1 113 ? 8.375   2.432   11.348  1.00 19.00 ? 113 LYS A NZ  1 
ATOM   869  N  N   . ASP A 1 114 ? 5.035   -1.727  16.626  1.00 17.01 ? 114 ASP A N   1 
ATOM   870  C  CA  . ASP A 1 114 ? 5.628   -2.972  17.113  1.00 17.78 ? 114 ASP A CA  1 
ATOM   871  C  C   . ASP A 1 114 ? 4.621   -4.112  17.319  1.00 17.50 ? 114 ASP A C   1 
ATOM   872  O  O   . ASP A 1 114 ? 5.019   -5.252  17.560  1.00 18.21 ? 114 ASP A O   1 
ATOM   873  C  CB  . ASP A 1 114 ? 6.508   -2.746  18.359  1.00 18.09 ? 114 ASP A CB  1 
ATOM   874  C  CG  . ASP A 1 114 ? 5.724   -2.316  19.597  1.00 19.86 ? 114 ASP A CG  1 
ATOM   875  O  OD1 . ASP A 1 114 ? 4.492   -2.115  19.547  1.00 21.66 ? 114 ASP A OD1 1 
ATOM   876  O  OD2 . ASP A 1 114 ? 6.364   -2.178  20.664  1.00 21.30 ? 114 ASP A OD2 1 
ATOM   877  N  N   . GLN A 1 115 ? 3.331   -3.801  17.209  1.00 17.16 ? 115 GLN A N   1 
ATOM   878  C  CA  . GLN A 1 115 ? 2.260   -4.795  17.354  1.00 16.72 ? 115 GLN A CA  1 
ATOM   879  C  C   . GLN A 1 115 ? 1.664   -5.232  16.016  1.00 16.37 ? 115 GLN A C   1 
ATOM   880  O  O   . GLN A 1 115 ? 0.823   -6.128  15.972  1.00 16.71 ? 115 GLN A O   1 
ATOM   881  C  CB  . GLN A 1 115 ? 1.147   -4.263  18.266  1.00 16.93 ? 115 GLN A CB  1 
ATOM   882  C  CG  . GLN A 1 115 ? 1.594   -3.911  19.683  1.00 17.95 ? 115 GLN A CG  1 
ATOM   883  C  CD  . GLN A 1 115 ? 2.057   -5.115  20.471  1.00 19.98 ? 115 GLN A CD  1 
ATOM   884  O  OE1 . GLN A 1 115 ? 1.467   -6.192  20.389  1.00 22.15 ? 115 GLN A OE1 1 
ATOM   885  N  NE2 . GLN A 1 115 ? 3.116   -4.937  21.251  1.00 21.96 ? 115 GLN A NE2 1 
ATOM   886  N  N   . ILE A 1 116 ? 2.105   -4.617  14.922  1.00 15.77 ? 116 ILE A N   1 
ATOM   887  C  CA  . ILE A 1 116 ? 1.604   -4.971  13.594  1.00 16.12 ? 116 ILE A CA  1 
ATOM   888  C  C   . ILE A 1 116 ? 1.689   -6.492  13.290  1.00 16.42 ? 116 ILE A C   1 
ATOM   889  O  O   . ILE A 1 116 ? 0.724   -7.069  12.776  1.00 16.94 ? 116 ILE A O   1 
ATOM   890  C  CB  . ILE A 1 116 ? 2.268   -4.106  12.488  1.00 15.99 ? 116 ILE A CB  1 
ATOM   891  C  CG1 . ILE A 1 116 ? 1.768   -2.655  12.579  1.00 15.55 ? 116 ILE A CG1 1 
ATOM   892  C  CG2 . ILE A 1 116 ? 1.997   -4.685  11.109  1.00 16.01 ? 116 ILE A CG2 1 
ATOM   893  C  CD1 . ILE A 1 116 ? 2.585   -1.654  11.753  1.00 16.77 ? 116 ILE A CD1 1 
ATOM   894  N  N   . PRO A 1 117 ? 2.826   -7.150  13.615  1.00 16.78 ? 117 PRO A N   1 
ATOM   895  C  CA  . PRO A 1 117 ? 2.910   -8.591  13.329  1.00 17.24 ? 117 PRO A CA  1 
ATOM   896  C  C   . PRO A 1 117 ? 1.859   -9.445  14.036  1.00 17.57 ? 117 PRO A C   1 
ATOM   897  O  O   . PRO A 1 117 ? 1.618   -10.573 13.616  1.00 18.46 ? 117 PRO A O   1 
ATOM   898  C  CB  . PRO A 1 117 ? 4.321   -8.960  13.813  1.00 16.96 ? 117 PRO A CB  1 
ATOM   899  C  CG  . PRO A 1 117 ? 5.085   -7.673  13.697  1.00 17.45 ? 117 PRO A CG  1 
ATOM   900  C  CD  . PRO A 1 117 ? 4.093   -6.650  14.178  1.00 16.64 ? 117 PRO A CD  1 
ATOM   901  N  N   . ASN A 1 118 ? 1.230   -8.923  15.086  1.00 17.22 ? 118 ASN A N   1 
ATOM   902  C  CA  . ASN A 1 118 ? 0.254   -9.710  15.844  1.00 17.72 ? 118 ASN A CA  1 
ATOM   903  C  C   . ASN A 1 118 ? -1.167  -9.689  15.267  1.00 17.29 ? 118 ASN A C   1 
ATOM   904  O  O   . ASN A 1 118 ? -2.058  -10.391 15.753  1.00 17.80 ? 118 ASN A O   1 
ATOM   905  C  CB  . ASN A 1 118 ? 0.274   -9.309  17.322  1.00 18.15 ? 118 ASN A CB  1 
ATOM   906  C  CG  . ASN A 1 118 ? 1.641   -9.526  17.965  1.00 19.82 ? 118 ASN A CG  1 
ATOM   907  O  OD1 . ASN A 1 118 ? 2.402   -10.429 17.578  1.00 22.57 ? 118 ASN A OD1 1 
ATOM   908  N  ND2 . ASN A 1 118 ? 1.962   -8.693  18.947  1.00 21.98 ? 118 ASN A ND2 1 
ATOM   909  N  N   . LEU A 1 119 ? -1.363  -8.892  14.221  1.00 16.78 ? 119 LEU A N   1 
ATOM   910  C  CA  . LEU A 1 119 ? -2.637  -8.804  13.515  1.00 16.51 ? 119 LEU A CA  1 
ATOM   911  C  C   . LEU A 1 119 ? -2.788  -9.914  12.485  1.00 15.17 ? 119 LEU A C   1 
ATOM   912  O  O   . LEU A 1 119 ? -1.797  -10.521 12.064  1.00 15.34 ? 119 LEU A O   1 
ATOM   913  C  CB  . LEU A 1 119 ? -2.746  -7.472  12.761  1.00 16.91 ? 119 LEU A CB  1 
ATOM   914  C  CG  . LEU A 1 119 ? -2.652  -6.124  13.474  1.00 17.79 ? 119 LEU A CG  1 
ATOM   915  C  CD1 . LEU A 1 119 ? -2.459  -5.015  12.439  1.00 18.76 ? 119 LEU A CD1 1 
ATOM   916  C  CD2 . LEU A 1 119 ? -3.889  -5.873  14.316  1.00 19.69 ? 119 LEU A CD2 1 
ATOM   917  N  N   . ASN A 1 120 ? -4.030  -10.144 12.056  1.00 14.24 ? 120 ASN A N   1 
ATOM   918  C  CA  . ASN A 1 120 ? -4.299  -10.955 10.874  1.00 14.07 ? 120 ASN A CA  1 
ATOM   919  C  C   . ASN A 1 120 ? -3.999  -10.089 9.661   1.00 13.85 ? 120 ASN A C   1 
ATOM   920  O  O   . ASN A 1 120 ? -4.823  -9.291  9.235   1.00 15.27 ? 120 ASN A O   1 
ATOM   921  C  CB  . ASN A 1 120 ? -5.762  -11.426 10.827  1.00 13.16 ? 120 ASN A CB  1 
ATOM   922  C  CG  . ASN A 1 120 ? -6.053  -12.574 11.789  1.00 13.23 ? 120 ASN A CG  1 
ATOM   923  O  OD1 . ASN A 1 120 ? -7.014  -12.518 12.568  1.00 15.98 ? 120 ASN A OD1 1 
ATOM   924  N  ND2 . ASN A 1 120 ? -5.240  -13.615 11.738  1.00 11.00 ? 120 ASN A ND2 1 
ATOM   925  N  N   . LEU A 1 121 ? -2.793  -10.233 9.137   1.00 13.90 ? 121 LEU A N   1 
ATOM   926  C  CA  . LEU A 1 121 ? -2.315  -9.375  8.062   1.00 13.89 ? 121 LEU A CA  1 
ATOM   927  C  C   . LEU A 1 121 ? -2.595  -9.946  6.684   1.00 13.77 ? 121 LEU A C   1 
ATOM   928  O  O   . LEU A 1 121 ? -2.612  -11.162 6.488   1.00 14.26 ? 121 LEU A O   1 
ATOM   929  C  CB  . LEU A 1 121 ? -0.809  -9.178  8.207   1.00 14.35 ? 121 LEU A CB  1 
ATOM   930  C  CG  . LEU A 1 121 ? -0.329  -8.449  9.459   1.00 14.38 ? 121 LEU A CG  1 
ATOM   931  C  CD1 . LEU A 1 121 ? 1.164   -8.561  9.582   1.00 16.70 ? 121 LEU A CD1 1 
ATOM   932  C  CD2 . LEU A 1 121 ? -0.749  -6.979  9.396   1.00 15.38 ? 121 LEU A CD2 1 
ATOM   933  N  N   . ALA A 1 122 ? -2.775  -9.049  5.721   1.00 14.03 ? 122 ALA A N   1 
ATOM   934  C  CA  . ALA A 1 122 ? -2.777  -9.448  4.331   1.00 14.42 ? 122 ALA A CA  1 
ATOM   935  C  C   . ALA A 1 122 ? -1.476  -10.175 3.991   1.00 14.43 ? 122 ALA A C   1 
ATOM   936  O  O   . ALA A 1 122 ? -0.420  -9.934  4.589   1.00 14.23 ? 122 ALA A O   1 
ATOM   937  C  CB  . ALA A 1 122 ? -2.956  -8.238  3.450   1.00 15.69 ? 122 ALA A CB  1 
ATOM   938  N  N   . TYR A 1 123 ? -1.559  -11.064 3.014   1.00 14.86 ? 123 TYR A N   1 
ATOM   939  C  CA  . TYR A 1 123 ? -0.415  -11.835 2.577   1.00 15.21 ? 123 TYR A CA  1 
ATOM   940  C  C   . TYR A 1 123 ? 0.778   -10.926 2.268   1.00 14.51 ? 123 TYR A C   1 
ATOM   941  O  O   . TYR A 1 123 ? 0.652   -9.925  1.558   1.00 14.81 ? 123 TYR A O   1 
ATOM   942  C  CB  . TYR A 1 123 ? -0.809  -12.670 1.356   1.00 16.96 ? 123 TYR A CB  1 
ATOM   943  C  CG  . TYR A 1 123 ? 0.257   -13.627 0.902   1.00 18.69 ? 123 TYR A CG  1 
ATOM   944  C  CD1 . TYR A 1 123 ? 0.491   -14.816 1.592   1.00 19.93 ? 123 TYR A CD1 1 
ATOM   945  C  CD2 . TYR A 1 123 ? 1.029   -13.352 -0.220  1.00 20.44 ? 123 TYR A CD2 1 
ATOM   946  C  CE1 . TYR A 1 123 ? 1.481   -15.702 1.175   1.00 22.00 ? 123 TYR A CE1 1 
ATOM   947  C  CE2 . TYR A 1 123 ? 2.016   -14.230 -0.641  1.00 21.77 ? 123 TYR A CE2 1 
ATOM   948  C  CZ  . TYR A 1 123 ? 2.232   -15.399 0.063   1.00 20.92 ? 123 TYR A CZ  1 
ATOM   949  O  OH  . TYR A 1 123 ? 3.214   -16.271 -0.355  1.00 22.35 ? 123 TYR A OH  1 
ATOM   950  N  N   . ASP A 1 124 ? 1.931   -11.282 2.824   1.00 13.27 ? 124 ASP A N   1 
ATOM   951  C  CA  . ASP A 1 124 ? 3.215   -10.602 2.570   1.00 13.99 ? 124 ASP A CA  1 
ATOM   952  C  C   . ASP A 1 124 ? 3.315   -9.169  3.109   1.00 13.73 ? 124 ASP A C   1 
ATOM   953  O  O   . ASP A 1 124 ? 4.217   -8.420  2.740   1.00 14.35 ? 124 ASP A O   1 
ATOM   954  C  CB  . ASP A 1 124 ? 3.605   -10.671 1.077   1.00 13.83 ? 124 ASP A CB  1 
ATOM   955  C  CG  . ASP A 1 124 ? 4.398   -11.922 0.728   1.00 14.85 ? 124 ASP A CG  1 
ATOM   956  O  OD1 . ASP A 1 124 ? 4.894   -12.642 1.628   1.00 12.66 ? 124 ASP A OD1 1 
ATOM   957  O  OD2 . ASP A 1 124 ? 4.538   -12.198 -0.483  1.00 16.27 ? 124 ASP A OD2 1 
ATOM   958  N  N   . MET A 1 125 ? 2.408   -8.786  4.002   1.00 13.61 ? 125 MET A N   1 
ATOM   959  C  CA  . MET A 1 125 ? 2.485   -7.466  4.611   1.00 14.59 ? 125 MET A CA  1 
ATOM   960  C  C   . MET A 1 125 ? 3.812   -7.175  5.298   1.00 14.92 ? 125 MET A C   1 
ATOM   961  O  O   . MET A 1 125 ? 4.351   -6.080  5.156   1.00 14.99 ? 125 MET A O   1 
ATOM   962  C  CB  . MET A 1 125 ? 1.322   -7.241  5.576   1.00 15.31 ? 125 MET A CB  1 
ATOM   963  C  CG  . MET A 1 125 ? 0.148   -6.469  4.960   1.00 16.14 ? 125 MET A CG  1 
ATOM   964  S  SD  . MET A 1 125 ? 0.487   -4.740  4.454   1.00 15.56 ? 125 MET A SD  1 
ATOM   965  C  CE  . MET A 1 125 ? 1.278   -4.139  5.906   1.00 19.89 ? 125 MET A CE  1 
ATOM   966  N  N   . LEU A 1 126 ? 4.349   -8.136  6.044   1.00 15.27 ? 126 LEU A N   1 
ATOM   967  C  CA  . LEU A 1 126 ? 5.591   -7.872  6.765   1.00 15.41 ? 126 LEU A CA  1 
ATOM   968  C  C   . LEU A 1 126 ? 6.813   -7.669  5.849   1.00 15.94 ? 126 LEU A C   1 
ATOM   969  O  O   . LEU A 1 126 ? 7.539   -6.689  6.020   1.00 16.18 ? 126 LEU A O   1 
ATOM   970  C  CB  . LEU A 1 126 ? 5.848   -8.931  7.845   1.00 15.83 ? 126 LEU A CB  1 
ATOM   971  C  CG  . LEU A 1 126 ? 4.784   -8.897  8.941   1.00 16.72 ? 126 LEU A CG  1 
ATOM   972  C  CD1 . LEU A 1 126 ? 4.981   -10.050 9.901   1.00 18.63 ? 126 LEU A CD1 1 
ATOM   973  C  CD2 . LEU A 1 126 ? 4.792   -7.554  9.690   1.00 18.85 ? 126 LEU A CD2 1 
ATOM   974  N  N   . PRO A 1 127 ? 7.055   -8.588  4.891   1.00 15.63 ? 127 PRO A N   1 
ATOM   975  C  CA  . PRO A 1 127 ? 8.159   -8.321  3.946   1.00 15.90 ? 127 PRO A CA  1 
ATOM   976  C  C   . PRO A 1 127 ? 7.946   -7.074  3.090   1.00 16.16 ? 127 PRO A C   1 
ATOM   977  O  O   . PRO A 1 127 ? 8.920   -6.426  2.698   1.00 16.11 ? 127 PRO A O   1 
ATOM   978  C  CB  . PRO A 1 127 ? 8.216   -9.586  3.070   1.00 16.39 ? 127 PRO A CB  1 
ATOM   979  C  CG  . PRO A 1 127 ? 6.922   -10.261 3.260   1.00 17.23 ? 127 PRO A CG  1 
ATOM   980  C  CD  . PRO A 1 127 ? 6.446   -9.916  4.658   1.00 15.87 ? 127 PRO A CD  1 
ATOM   981  N  N   . LEU A 1 128 ? 6.690   -6.743  2.791   1.00 14.64 ? 128 LEU A N   1 
ATOM   982  C  CA  . LEU A 1 128 ? 6.388   -5.502  2.062   1.00 14.75 ? 128 LEU A CA  1 
ATOM   983  C  C   . LEU A 1 128 ? 6.774   -4.291  2.903   1.00 14.83 ? 128 LEU A C   1 
ATOM   984  O  O   . LEU A 1 128 ? 7.451   -3.377  2.421   1.00 14.56 ? 128 LEU A O   1 
ATOM   985  C  CB  . LEU A 1 128 ? 4.907   -5.430  1.675   1.00 14.42 ? 128 LEU A CB  1 
ATOM   986  C  CG  . LEU A 1 128 ? 4.418   -4.100  1.079   1.00 14.56 ? 128 LEU A CG  1 
ATOM   987  C  CD1 . LEU A 1 128 ? 5.130   -3.771  -0.236  1.00 17.14 ? 128 LEU A CD1 1 
ATOM   988  C  CD2 . LEU A 1 128 ? 2.916   -4.145  0.859   1.00 15.88 ? 128 LEU A CD2 1 
ATOM   989  N  N   . MET A 1 129 ? 6.347   -4.270  4.166   1.00 15.04 ? 129 MET A N   1 
ATOM   990  C  CA  . MET A 1 129 ? 6.705   -3.178  5.066   1.00 15.99 ? 129 MET A CA  1 
ATOM   991  C  C   . MET A 1 129 ? 8.233   -3.085  5.230   1.00 15.89 ? 129 MET A C   1 
ATOM   992  O  O   . MET A 1 129 ? 8.799   -1.991  5.253   1.00 15.74 ? 129 MET A O   1 
ATOM   993  C  CB  . MET A 1 129 ? 5.978   -3.304  6.424   1.00 16.46 ? 129 MET A CB  1 
ATOM   994  C  CG  . MET A 1 129 ? 6.206   -2.123  7.358   1.00 17.20 ? 129 MET A CG  1 
ATOM   995  S  SD  . MET A 1 129 ? 5.166   -2.154  8.864   1.00 17.46 ? 129 MET A SD  1 
ATOM   996  C  CE  . MET A 1 129 ? 6.287   -1.386  10.005  1.00 21.82 ? 129 MET A CE  1 
ATOM   997  N  N   . GLU A 1 130 ? 8.900   -4.235  5.308   1.00 16.33 ? 130 GLU A N   1 
ATOM   998  C  CA  . GLU A 1 130 ? 10.361  -4.284  5.381   1.00 17.62 ? 130 GLU A CA  1 
ATOM   999  C  C   . GLU A 1 130 ? 11.026  -3.662  4.139   1.00 16.32 ? 130 GLU A C   1 
ATOM   1000 O  O   . GLU A 1 130 ? 11.970  -2.877  4.262   1.00 16.89 ? 130 GLU A O   1 
ATOM   1001 C  CB  . GLU A 1 130 ? 10.797  -5.739  5.581   1.00 17.13 ? 130 GLU A CB  1 
ATOM   1002 C  CG  . GLU A 1 130 ? 12.274  -5.977  5.800   1.00 20.34 ? 130 GLU A CG  1 
ATOM   1003 C  CD  . GLU A 1 130 ? 12.623  -7.467  5.803   1.00 21.87 ? 130 GLU A CD  1 
ATOM   1004 O  OE1 . GLU A 1 130 ? 11.758  -8.301  6.180   1.00 27.65 ? 130 GLU A OE1 1 
ATOM   1005 O  OE2 . GLU A 1 130 ? 13.765  -7.808  5.424   1.00 28.28 ? 130 GLU A OE2 1 
ATOM   1006 N  N   . MET A 1 131 ? 10.526  -3.993  2.953   1.00 15.89 ? 131 MET A N   1 
ATOM   1007 C  CA  . MET A 1 131 ? 11.053  -3.400  1.715   1.00 15.40 ? 131 MET A CA  1 
ATOM   1008 C  C   . MET A 1 131 ? 10.865  -1.883  1.743   1.00 15.27 ? 131 MET A C   1 
ATOM   1009 O  O   . MET A 1 131 ? 11.777  -1.122  1.391   1.00 16.17 ? 131 MET A O   1 
ATOM   1010 C  CB  . MET A 1 131 ? 10.381  -3.993  0.471   1.00 15.54 ? 131 MET A CB  1 
ATOM   1011 C  CG  . MET A 1 131 ? 10.814  -3.325  -0.884  1.00 14.81 ? 131 MET A CG  1 
ATOM   1012 S  SD  . MET A 1 131 ? 9.992   -1.710  -1.312  1.00 11.32 ? 131 MET A SD  1 
ATOM   1013 C  CE  . MET A 1 131 ? 8.436   -2.336  -1.908  1.00 16.27 ? 131 MET A CE  1 
ATOM   1014 N  N   . MET A 1 132 ? 9.692   -1.445  2.178   1.00 14.94 ? 132 MET A N   1 
ATOM   1015 C  CA  . MET A 1 132 ? 9.378   -0.021  2.183   1.00 14.35 ? 132 MET A CA  1 
ATOM   1016 C  C   . MET A 1 132 ? 10.317  0.719   3.132   1.00 15.33 ? 132 MET A C   1 
ATOM   1017 O  O   . MET A 1 132 ? 10.901  1.731   2.750   1.00 16.47 ? 132 MET A O   1 
ATOM   1018 C  CB  . MET A 1 132 ? 7.908   0.200   2.559   1.00 14.57 ? 132 MET A CB  1 
ATOM   1019 C  CG  . MET A 1 132 ? 6.908   -0.292  1.495   1.00 14.74 ? 132 MET A CG  1 
ATOM   1020 S  SD  . MET A 1 132 ? 5.130   -0.295  2.010   1.00 10.14 ? 132 MET A SD  1 
ATOM   1021 C  CE  . MET A 1 132 ? 4.798   1.471   2.368   1.00 14.83 ? 132 MET A CE  1 
ATOM   1022 N  N   . GLU A 1 133 ? 10.482  0.180   4.343   1.00 15.50 ? 133 GLU A N   1 
ATOM   1023 C  CA  . GLU A 1 133 ? 11.290  0.789   5.398   1.00 16.56 ? 133 GLU A CA  1 
ATOM   1024 C  C   . GLU A 1 133 ? 12.794  0.765   5.122   1.00 16.81 ? 133 GLU A C   1 
ATOM   1025 O  O   . GLU A 1 133 ? 13.539  1.596   5.656   1.00 18.20 ? 133 GLU A O   1 
ATOM   1026 C  CB  . GLU A 1 133 ? 10.985  0.113   6.740   1.00 16.67 ? 133 GLU A CB  1 
ATOM   1027 C  CG  . GLU A 1 133 ? 9.590   0.423   7.273   1.00 19.03 ? 133 GLU A CG  1 
ATOM   1028 C  CD  . GLU A 1 133 ? 9.506   1.768   7.955   1.00 20.52 ? 133 GLU A CD  1 
ATOM   1029 O  OE1 . GLU A 1 133 ? 9.953   1.892   9.118   1.00 20.79 ? 133 GLU A OE1 1 
ATOM   1030 O  OE2 . GLU A 1 133 ? 9.004   2.707   7.326   1.00 22.55 ? 133 GLU A OE2 1 
ATOM   1031 N  N   . ALA A 1 134 ? 13.250  -0.188  4.314   1.00 16.91 ? 134 ALA A N   1 
ATOM   1032 C  CA  . ALA A 1 134 ? 14.670  -0.299  4.000   1.00 17.37 ? 134 ALA A CA  1 
ATOM   1033 C  C   . ALA A 1 134 ? 15.079  0.829   3.056   1.00 17.79 ? 134 ALA A C   1 
ATOM   1034 O  O   . ALA A 1 134 ? 14.478  0.998   2.012   1.00 17.60 ? 134 ALA A O   1 
ATOM   1035 C  CB  . ALA A 1 134 ? 14.961  -1.646  3.372   1.00 17.55 ? 134 ALA A CB  1 
ATOM   1036 N  N   . PRO A 1 135 ? 16.110  1.606   3.419   1.00 18.41 ? 135 PRO A N   1 
ATOM   1037 C  CA  . PRO A 1 135 ? 16.499  2.728   2.561   1.00 18.93 ? 135 PRO A CA  1 
ATOM   1038 C  C   . PRO A 1 135 ? 17.126  2.293   1.239   1.00 18.87 ? 135 PRO A C   1 
ATOM   1039 O  O   . PRO A 1 135 ? 17.188  3.096   0.299   1.00 20.19 ? 135 PRO A O   1 
ATOM   1040 C  CB  . PRO A 1 135 ? 17.547  3.462   3.403   1.00 19.01 ? 135 PRO A CB  1 
ATOM   1041 C  CG  . PRO A 1 135 ? 18.117  2.405   4.295   1.00 20.12 ? 135 PRO A CG  1 
ATOM   1042 C  CD  . PRO A 1 135 ? 16.952  1.514   4.623   1.00 18.87 ? 135 PRO A CD  1 
ATOM   1043 N  N   . ASP A 1 136 ? 17.586  1.046   1.164   1.00 18.52 ? 136 ASP A N   1 
ATOM   1044 C  CA  . ASP A 1 136 ? 18.299  0.552   -0.015  1.00 18.47 ? 136 ASP A CA  1 
ATOM   1045 C  C   . ASP A 1 136 ? 17.524  -0.484  -0.812  1.00 17.63 ? 136 ASP A C   1 
ATOM   1046 O  O   . ASP A 1 136 ? 18.100  -1.147  -1.676  1.00 18.04 ? 136 ASP A O   1 
ATOM   1047 C  CB  . ASP A 1 136 ? 19.668  -0.023  0.378   1.00 19.23 ? 136 ASP A CB  1 
ATOM   1048 C  CG  . ASP A 1 136 ? 19.565  -1.232  1.310   1.00 20.76 ? 136 ASP A CG  1 
ATOM   1049 O  OD1 . ASP A 1 136 ? 18.509  -1.437  1.946   1.00 22.98 ? 136 ASP A OD1 1 
ATOM   1050 O  OD2 . ASP A 1 136 ? 20.566  -1.978  1.427   1.00 24.87 ? 136 ASP A OD2 1 
ATOM   1051 N  N   . LYS A 1 137 ? 16.231  -0.625  -0.525  1.00 15.50 ? 137 LYS A N   1 
ATOM   1052 C  CA  . LYS A 1 137 ? 15.364  -1.516  -1.294  1.00 15.40 ? 137 LYS A CA  1 
ATOM   1053 C  C   . LYS A 1 137 ? 14.182  -0.728  -1.792  1.00 15.09 ? 137 LYS A C   1 
ATOM   1054 O  O   . LYS A 1 137 ? 13.640  0.116   -1.069  1.00 15.85 ? 137 LYS A O   1 
ATOM   1055 C  CB  . LYS A 1 137 ? 14.865  -2.690  -0.446  1.00 15.36 ? 137 LYS A CB  1 
ATOM   1056 C  CG  . LYS A 1 137 ? 15.957  -3.552  0.194   1.00 16.11 ? 137 LYS A CG  1 
ATOM   1057 C  CD  . LYS A 1 137 ? 16.811  -4.274  -0.845  1.00 17.57 ? 137 LYS A CD  1 
ATOM   1058 C  CE  . LYS A 1 137 ? 17.963  -4.991  -0.157  1.00 18.93 ? 137 LYS A CE  1 
ATOM   1059 N  NZ  . LYS A 1 137 ? 18.835  -5.702  -1.117  1.00 21.10 ? 137 LYS A NZ  1 
ATOM   1060 N  N   . SER A 1 138 ? 13.746  -1.024  -3.011  1.00 14.45 ? 138 SER A N   1 
ATOM   1061 C  CA  . SER A 1 138 ? 12.668  -0.258  -3.617  1.00 15.20 ? 138 SER A CA  1 
ATOM   1062 C  C   . SER A 1 138 ? 11.689  -1.032  -4.485  1.00 14.32 ? 138 SER A C   1 
ATOM   1063 O  O   . SER A 1 138 ? 10.785  -0.414  -5.069  1.00 15.72 ? 138 SER A O   1 
ATOM   1064 C  CB  . SER A 1 138 ? 13.206  0.937   -4.407  1.00 15.88 ? 138 SER A CB  1 
ATOM   1065 O  OG  . SER A 1 138 ? 14.228  0.554   -5.296  1.00 20.62 ? 138 SER A OG  1 
ATOM   1066 N  N   . GLU A 1 139 ? 11.836  -2.351  -4.581  1.00 12.70 ? 139 GLU A N   1 
ATOM   1067 C  CA  . GLU A 1 139 ? 10.889  -3.102  -5.381  1.00 12.36 ? 139 GLU A CA  1 
ATOM   1068 C  C   . GLU A 1 139 ? 10.580  -4.436  -4.736  1.00 12.44 ? 139 GLU A C   1 
ATOM   1069 O  O   . GLU A 1 139 ? 11.470  -5.132  -4.240  1.00 13.26 ? 139 GLU A O   1 
ATOM   1070 C  CB  . GLU A 1 139 ? 11.382  -3.296  -6.829  1.00 12.23 ? 139 GLU A CB  1 
ATOM   1071 C  CG  . GLU A 1 139 ? 10.351  -4.006  -7.742  1.00 11.99 ? 139 GLU A CG  1 
ATOM   1072 C  CD  . GLU A 1 139 ? 10.806  -4.192  -9.178  1.00 12.25 ? 139 GLU A CD  1 
ATOM   1073 O  OE1 . GLU A 1 139 ? 11.972  -3.838  -9.485  1.00 12.38 ? 139 GLU A OE1 1 
ATOM   1074 O  OE2 . GLU A 1 139 ? 9.978   -4.719  -9.969  1.00 12.34 ? 139 GLU A OE2 1 
ATOM   1075 N  N   . PHE A 1 140 ? 9.296   -4.757  -4.742  1.00 12.33 ? 140 PHE A N   1 
ATOM   1076 C  CA  . PHE A 1 140 ? 8.783   -6.042  -4.309  1.00 12.55 ? 140 PHE A CA  1 
ATOM   1077 C  C   . PHE A 1 140 ? 8.094   -6.617  -5.540  1.00 12.77 ? 140 PHE A C   1 
ATOM   1078 O  O   . PHE A 1 140 ? 7.108   -6.044  -6.026  1.00 13.71 ? 140 PHE A O   1 
ATOM   1079 C  CB  . PHE A 1 140 ? 7.788   -5.814  -3.156  1.00 13.67 ? 140 PHE A CB  1 
ATOM   1080 C  CG  . PHE A 1 140 ? 7.248   -7.079  -2.544  1.00 16.14 ? 140 PHE A CG  1 
ATOM   1081 C  CD1 . PHE A 1 140 ? 7.457   -7.358  -1.203  1.00 17.51 ? 140 PHE A CD1 1 
ATOM   1082 C  CD2 . PHE A 1 140 ? 6.512   -7.984  -3.315  1.00 17.80 ? 140 PHE A CD2 1 
ATOM   1083 C  CE1 . PHE A 1 140 ? 6.952   -8.534  -0.633  1.00 19.15 ? 140 PHE A CE1 1 
ATOM   1084 C  CE2 . PHE A 1 140 ? 6.004   -9.150  -2.753  1.00 20.05 ? 140 PHE A CE2 1 
ATOM   1085 C  CZ  . PHE A 1 140 ? 6.226   -9.420  -1.414  1.00 18.48 ? 140 PHE A CZ  1 
ATOM   1086 N  N   . PHE A 1 141 ? 8.621   -7.715  -6.064  1.00 12.19 ? 141 PHE A N   1 
ATOM   1087 C  CA  . PHE A 1 141 ? 8.148   -8.250  -7.332  1.00 12.38 ? 141 PHE A CA  1 
ATOM   1088 C  C   . PHE A 1 141 ? 7.759   -9.709  -7.190  1.00 12.90 ? 141 PHE A C   1 
ATOM   1089 O  O   . PHE A 1 141 ? 8.505   -10.483 -6.602  1.00 13.80 ? 141 PHE A O   1 
ATOM   1090 C  CB  . PHE A 1 141 ? 9.282   -8.111  -8.353  1.00 12.47 ? 141 PHE A CB  1 
ATOM   1091 C  CG  . PHE A 1 141 ? 8.983   -8.669  -9.707  1.00 12.03 ? 141 PHE A CG  1 
ATOM   1092 C  CD1 . PHE A 1 141 ? 8.053   -8.074  -10.547 1.00 11.94 ? 141 PHE A CD1 1 
ATOM   1093 C  CD2 . PHE A 1 141 ? 9.692   -9.769  -10.184 1.00 12.40 ? 141 PHE A CD2 1 
ATOM   1094 C  CE1 . PHE A 1 141 ? 7.810   -8.571  -11.827 1.00 12.91 ? 141 PHE A CE1 1 
ATOM   1095 C  CE2 . PHE A 1 141 ? 9.455   -10.265 -11.467 1.00 12.70 ? 141 PHE A CE2 1 
ATOM   1096 C  CZ  . PHE A 1 141 ? 8.517   -9.672  -12.284 1.00 12.18 ? 141 PHE A CZ  1 
ATOM   1097 N  N   . TYR A 1 142 ? 6.606   -10.080 -7.746  1.00 12.31 ? 142 TYR A N   1 
ATOM   1098 C  CA  . TYR A 1 142 ? 6.252   -11.503 -7.870  1.00 12.66 ? 142 TYR A CA  1 
ATOM   1099 C  C   . TYR A 1 142 ? 6.492   -11.897 -9.315  1.00 13.72 ? 142 TYR A C   1 
ATOM   1100 O  O   . TYR A 1 142 ? 5.791   -11.402 -10.184 1.00 13.75 ? 142 TYR A O   1 
ATOM   1101 C  CB  . TYR A 1 142 ? 4.771   -11.753 -7.562  1.00 14.15 ? 142 TYR A CB  1 
ATOM   1102 C  CG  . TYR A 1 142 ? 4.313   -11.560 -6.151  1.00 14.79 ? 142 TYR A CG  1 
ATOM   1103 C  CD1 . TYR A 1 142 ? 4.797   -12.350 -5.107  1.00 15.45 ? 142 TYR A CD1 1 
ATOM   1104 C  CD2 . TYR A 1 142 ? 3.329   -10.626 -5.872  1.00 17.00 ? 142 TYR A CD2 1 
ATOM   1105 C  CE1 . TYR A 1 142 ? 4.327   -12.176 -3.809  1.00 16.06 ? 142 TYR A CE1 1 
ATOM   1106 C  CE2 . TYR A 1 142 ? 2.855   -10.450 -4.587  1.00 17.98 ? 142 TYR A CE2 1 
ATOM   1107 C  CZ  . TYR A 1 142 ? 3.353   -11.236 -3.566  1.00 17.31 ? 142 TYR A CZ  1 
ATOM   1108 O  OH  . TYR A 1 142 ? 2.871   -11.043 -2.288  1.00 18.94 ? 142 TYR A OH  1 
ATOM   1109 N  N   . PRO A 1 143 ? 7.486   -12.769 -9.592  1.00 14.13 ? 143 PRO A N   1 
ATOM   1110 C  CA  . PRO A 1 143 ? 7.718   -13.165 -10.987 1.00 15.35 ? 143 PRO A CA  1 
ATOM   1111 C  C   . PRO A 1 143 ? 6.569   -13.936 -11.632 1.00 16.21 ? 143 PRO A C   1 
ATOM   1112 O  O   . PRO A 1 143 ? 6.453   -13.927 -12.862 1.00 16.46 ? 143 PRO A O   1 
ATOM   1113 C  CB  . PRO A 1 143 ? 8.986   -14.028 -10.921 1.00 15.64 ? 143 PRO A CB  1 
ATOM   1114 C  CG  . PRO A 1 143 ? 9.608   -13.730 -9.600  1.00 16.72 ? 143 PRO A CG  1 
ATOM   1115 C  CD  . PRO A 1 143 ? 8.502   -13.333 -8.684  1.00 14.58 ? 143 PRO A CD  1 
ATOM   1116 N  N   . ARG A 1 144 ? 5.740   -14.604 -10.823 1.00 16.47 ? 144 ARG A N   1 
ATOM   1117 C  CA  . ARG A 1 144 ? 4.599   -15.374 -11.336 1.00 17.82 ? 144 ARG A CA  1 
ATOM   1118 C  C   . ARG A 1 144 ? 5.040   -16.309 -12.465 1.00 18.55 ? 144 ARG A C   1 
ATOM   1119 O  O   . ARG A 1 144 ? 4.436   -16.319 -13.541 1.00 18.94 ? 144 ARG A O   1 
ATOM   1120 C  CB  . ARG A 1 144 ? 3.486   -14.427 -11.822 1.00 17.96 ? 144 ARG A CB  1 
ATOM   1121 C  CG  . ARG A 1 144 ? 3.009   -13.387 -10.791 1.00 18.56 ? 144 ARG A CG  1 
ATOM   1122 C  CD  . ARG A 1 144 ? 2.158   -14.000 -9.683  1.00 21.52 ? 144 ARG A CD  1 
ATOM   1123 N  NE  . ARG A 1 144 ? 0.922   -14.581 -10.214 1.00 23.80 ? 144 ARG A NE  1 
ATOM   1124 C  CZ  . ARG A 1 144 ? 0.551   -15.854 -10.078 1.00 24.48 ? 144 ARG A CZ  1 
ATOM   1125 N  NH1 . ARG A 1 144 ? 1.299   -16.720 -9.405  1.00 25.22 ? 144 ARG A NH1 1 
ATOM   1126 N  NH2 . ARG A 1 144 ? -0.592  -16.261 -10.611 1.00 26.33 ? 144 ARG A NH2 1 
ATOM   1127 N  N   . ARG A 1 145 ? 6.099   -17.080 -12.208 1.00 19.34 ? 145 ARG A N   1 
ATOM   1128 C  CA  . ARG A 1 145 ? 6.713   -17.950 -13.219 1.00 20.91 ? 145 ARG A CA  1 
ATOM   1129 C  C   . ARG A 1 145 ? 5.821   -19.135 -13.541 1.00 21.72 ? 145 ARG A C   1 
ATOM   1130 O  O   . ARG A 1 145 ? 5.755   -19.583 -14.687 1.00 21.85 ? 145 ARG A O   1 
ATOM   1131 C  CB  . ARG A 1 145 ? 8.089   -18.448 -12.753 1.00 20.80 ? 145 ARG A CB  1 
ATOM   1132 C  CG  . ARG A 1 145 ? 9.158   -17.367 -12.631 1.00 23.00 ? 145 ARG A CG  1 
ATOM   1133 C  CD  . ARG A 1 145 ? 10.335  -17.856 -11.790 1.00 25.54 ? 145 ARG A CD  1 
ATOM   1134 N  NE  . ARG A 1 145 ? 9.979   -17.947 -10.374 1.00 27.56 ? 145 ARG A NE  1 
ATOM   1135 C  CZ  . ARG A 1 145 ? 10.799  -18.349 -9.406  1.00 28.51 ? 145 ARG A CZ  1 
ATOM   1136 N  NH1 . ARG A 1 145 ? 12.048  -18.710 -9.687  1.00 28.26 ? 145 ARG A NH1 1 
ATOM   1137 N  NH2 . ARG A 1 145 ? 10.364  -18.386 -8.148  1.00 29.45 ? 145 ARG A NH2 1 
ATOM   1138 N  N   . THR A 1 146 ? 5.157   -19.654 -12.513 1.00 22.75 ? 146 THR A N   1 
ATOM   1139 C  CA  . THR A 1 146 ? 4.134   -20.684 -12.677 1.00 23.76 ? 146 THR A CA  1 
ATOM   1140 C  C   . THR A 1 146 ? 2.846   -20.150 -12.050 1.00 24.25 ? 146 THR A C   1 
ATOM   1141 O  O   . THR A 1 146 ? 2.875   -19.151 -11.327 1.00 24.08 ? 146 THR A O   1 
ATOM   1142 C  CB  . THR A 1 146 ? 4.559   -22.046 -12.063 1.00 23.64 ? 146 THR A CB  1 
ATOM   1143 O  OG1 . THR A 1 146 ? 4.999   -21.854 -10.714 1.00 25.05 ? 146 THR A OG1 1 
ATOM   1144 C  CG2 . THR A 1 146 ? 5.686   -22.679 -12.872 1.00 24.30 ? 146 THR A CG2 1 
ATOM   1145 N  N   A GLU A 1 147 ? 1.727   -20.813 -12.327 0.50 24.55 ? 147 GLU A N   1 
ATOM   1146 N  N   B GLU A 1 147 ? 1.720   -20.808 -12.324 0.50 24.71 ? 147 GLU A N   1 
ATOM   1147 C  CA  A GLU A 1 147 ? 0.402   -20.320 -11.919 0.50 25.08 ? 147 GLU A CA  1 
ATOM   1148 C  CA  B GLU A 1 147 ? 0.411   -20.290 -11.909 0.50 25.39 ? 147 GLU A CA  1 
ATOM   1149 C  C   A GLU A 1 147 ? 0.185   -20.210 -10.407 0.50 25.29 ? 147 GLU A C   1 
ATOM   1150 C  C   B GLU A 1 147 ? 0.278   -20.127 -10.391 0.50 25.45 ? 147 GLU A C   1 
ATOM   1151 O  O   A GLU A 1 147 ? -0.592  -19.371 -9.949  0.50 25.37 ? 147 GLU A O   1 
ATOM   1152 O  O   B GLU A 1 147 ? -0.351  -19.179 -9.916  0.50 25.48 ? 147 GLU A O   1 
ATOM   1153 C  CB  A GLU A 1 147 ? -0.719  -21.144 -12.579 0.50 25.17 ? 147 GLU A CB  1 
ATOM   1154 C  CB  B GLU A 1 147 ? -0.724  -21.169 -12.449 0.50 25.62 ? 147 GLU A CB  1 
ATOM   1155 C  CG  A GLU A 1 147 ? -0.320  -22.547 -13.033 0.50 25.32 ? 147 GLU A CG  1 
ATOM   1156 C  CG  B GLU A 1 147 ? -1.890  -20.398 -13.089 0.50 26.76 ? 147 GLU A CG  1 
ATOM   1157 C  CD  A GLU A 1 147 ? 0.564   -22.543 -14.275 0.50 25.51 ? 147 GLU A CD  1 
ATOM   1158 C  CD  B GLU A 1 147 ? -2.526  -19.366 -12.168 0.50 28.04 ? 147 GLU A CD  1 
ATOM   1159 O  OE1 A GLU A 1 147 ? 1.728   -22.984 -14.174 0.50 24.73 ? 147 GLU A OE1 1 
ATOM   1160 O  OE1 B GLU A 1 147 ? -2.057  -18.209 -12.154 0.50 29.06 ? 147 GLU A OE1 1 
ATOM   1161 O  OE2 A GLU A 1 147 ? 0.104   -22.093 -15.348 0.50 26.36 ? 147 GLU A OE2 1 
ATOM   1162 O  OE2 B GLU A 1 147 ? -3.508  -19.708 -11.474 0.50 29.11 ? 147 GLU A OE2 1 
ATOM   1163 N  N   . ASP A 1 148 ? 0.889   -21.042 -9.642  1.00 25.62 ? 148 ASP A N   1 
ATOM   1164 C  CA  . ASP A 1 148 ? 0.808   -21.020 -8.178  1.00 26.22 ? 148 ASP A CA  1 
ATOM   1165 C  C   . ASP A 1 148 ? 2.016   -20.344 -7.518  1.00 26.07 ? 148 ASP A C   1 
ATOM   1166 O  O   . ASP A 1 148 ? 2.109   -20.298 -6.287  1.00 26.93 ? 148 ASP A O   1 
ATOM   1167 C  CB  . ASP A 1 148 ? 0.638   -22.444 -7.641  1.00 26.81 ? 148 ASP A CB  1 
ATOM   1168 C  CG  . ASP A 1 148 ? 1.845   -23.325 -7.920  1.00 28.63 ? 148 ASP A CG  1 
ATOM   1169 O  OD1 . ASP A 1 148 ? 2.440   -23.216 -9.020  1.00 30.62 ? 148 ASP A OD1 1 
ATOM   1170 O  OD2 . ASP A 1 148 ? 2.193   -24.140 -7.038  1.00 31.72 ? 148 ASP A OD2 1 
ATOM   1171 N  N   . ASP A 1 149 ? 2.922   -19.810 -8.337  1.00 25.26 ? 149 ASP A N   1 
ATOM   1172 C  CA  . ASP A 1 149 ? 4.157   -19.186 -7.859  1.00 24.44 ? 149 ASP A CA  1 
ATOM   1173 C  C   . ASP A 1 149 ? 3.900   -17.810 -7.254  1.00 23.20 ? 149 ASP A C   1 
ATOM   1174 O  O   . ASP A 1 149 ? 3.667   -16.848 -7.983  1.00 22.74 ? 149 ASP A O   1 
ATOM   1175 C  CB  . ASP A 1 149 ? 5.164   -19.068 -9.015  1.00 24.67 ? 149 ASP A CB  1 
ATOM   1176 C  CG  . ASP A 1 149 ? 6.441   -18.331 -8.626  1.00 25.77 ? 149 ASP A CG  1 
ATOM   1177 O  OD1 . ASP A 1 149 ? 6.871   -18.453 -7.457  1.00 26.83 ? 149 ASP A OD1 1 
ATOM   1178 O  OD2 . ASP A 1 149 ? 7.023   -17.636 -9.500  1.00 24.39 ? 149 ASP A OD2 1 
ATOM   1179 N  N   . TRP A 1 150 ? 3.921   -17.725 -5.922  1.00 22.07 ? 150 TRP A N   1 
ATOM   1180 C  CA  . TRP A 1 150 ? 3.859   -16.430 -5.243  1.00 21.09 ? 150 TRP A CA  1 
ATOM   1181 C  C   . TRP A 1 150 ? 5.140   -16.151 -4.456  1.00 20.19 ? 150 TRP A C   1 
ATOM   1182 O  O   . TRP A 1 150 ? 5.148   -15.375 -3.499  1.00 19.69 ? 150 TRP A O   1 
ATOM   1183 C  CB  . TRP A 1 150 ? 2.593   -16.294 -4.393  1.00 22.48 ? 150 TRP A CB  1 
ATOM   1184 C  CG  . TRP A 1 150 ? 1.363   -16.155 -5.246  1.00 22.75 ? 150 TRP A CG  1 
ATOM   1185 C  CD1 . TRP A 1 150 ? 0.501   -17.153 -5.614  1.00 24.13 ? 150 TRP A CD1 1 
ATOM   1186 C  CD2 . TRP A 1 150 ? 0.870   -14.954 -5.856  1.00 23.36 ? 150 TRP A CD2 1 
ATOM   1187 N  NE1 . TRP A 1 150 ? -0.499  -16.645 -6.410  1.00 24.72 ? 150 TRP A NE1 1 
ATOM   1188 C  CE2 . TRP A 1 150 ? -0.297  -15.300 -6.578  1.00 24.34 ? 150 TRP A CE2 1 
ATOM   1189 C  CE3 . TRP A 1 150 ? 1.304   -13.620 -5.870  1.00 23.51 ? 150 TRP A CE3 1 
ATOM   1190 C  CZ2 . TRP A 1 150 ? -1.043  -14.359 -7.295  1.00 24.15 ? 150 TRP A CZ2 1 
ATOM   1191 C  CZ3 . TRP A 1 150 ? 0.560   -12.681 -6.584  1.00 24.31 ? 150 TRP A CZ3 1 
ATOM   1192 C  CH2 . TRP A 1 150 ? -0.601  -13.059 -7.286  1.00 24.10 ? 150 TRP A CH2 1 
ATOM   1193 N  N   . GLU A 1 151 ? 6.223   -16.780 -4.898  1.00 19.16 ? 151 GLU A N   1 
ATOM   1194 C  CA  . GLU A 1 151 ? 7.563   -16.439 -4.448  1.00 19.00 ? 151 GLU A CA  1 
ATOM   1195 C  C   . GLU A 1 151 ? 7.849   -14.995 -4.852  1.00 17.92 ? 151 GLU A C   1 
ATOM   1196 O  O   . GLU A 1 151 ? 7.336   -14.506 -5.857  1.00 17.09 ? 151 GLU A O   1 
ATOM   1197 C  CB  . GLU A 1 151 ? 8.585   -17.364 -5.102  1.00 19.88 ? 151 GLU A CB  1 
ATOM   1198 C  CG  . GLU A 1 151 ? 9.868   -17.555 -4.317  1.00 24.31 ? 151 GLU A CG  1 
ATOM   1199 C  CD  . GLU A 1 151 ? 9.809   -18.692 -3.302  1.00 27.06 ? 151 GLU A CD  1 
ATOM   1200 O  OE1 . GLU A 1 151 ? 10.621  -19.640 -3.432  1.00 30.72 ? 151 GLU A OE1 1 
ATOM   1201 O  OE2 . GLU A 1 151 ? 8.965   -18.642 -2.378  1.00 29.39 ? 151 GLU A OE2 1 
ATOM   1202 N  N   . LYS A 1 152 ? 8.658   -14.315 -4.057  1.00 16.90 ? 152 LYS A N   1 
ATOM   1203 C  CA  . LYS A 1 152 ? 8.892   -12.888 -4.271  1.00 16.70 ? 152 LYS A CA  1 
ATOM   1204 C  C   . LYS A 1 152 ? 10.373  -12.601 -4.458  1.00 16.12 ? 152 LYS A C   1 
ATOM   1205 O  O   . LYS A 1 152 ? 11.233  -13.395 -4.070  1.00 16.15 ? 152 LYS A O   1 
ATOM   1206 C  CB  . LYS A 1 152 ? 8.351   -12.081 -3.084  1.00 17.65 ? 152 LYS A CB  1 
ATOM   1207 C  CG  . LYS A 1 152 ? 9.221   -12.215 -1.827  1.00 21.02 ? 152 LYS A CG  1 
ATOM   1208 C  CD  . LYS A 1 152 ? 8.447   -12.035 -0.539  1.00 25.63 ? 152 LYS A CD  1 
ATOM   1209 C  CE  . LYS A 1 152 ? 9.361   -12.205 0.665   1.00 28.09 ? 152 LYS A CE  1 
ATOM   1210 N  NZ  . LYS A 1 152 ? 9.679   -13.633 0.965   1.00 29.53 ? 152 LYS A NZ  1 
ATOM   1211 N  N   . LYS A 1 153 ? 10.646  -11.451 -5.060  1.00 14.96 ? 153 LYS A N   1 
ATOM   1212 C  CA  . LYS A 1 153 ? 11.993  -10.917 -5.182  1.00 15.74 ? 153 LYS A CA  1 
ATOM   1213 C  C   . LYS A 1 153 ? 11.944  -9.498  -4.635  1.00 14.81 ? 153 LYS A C   1 
ATOM   1214 O  O   . LYS A 1 153 ? 10.989  -8.751  -4.900  1.00 15.35 ? 153 LYS A O   1 
ATOM   1215 C  CB  . LYS A 1 153 ? 12.407  -10.864 -6.646  1.00 16.46 ? 153 LYS A CB  1 
ATOM   1216 C  CG  . LYS A 1 153 ? 12.763  -12.208 -7.240  1.00 19.07 ? 153 LYS A CG  1 
ATOM   1217 C  CD  . LYS A 1 153 ? 13.274  -12.046 -8.670  1.00 23.95 ? 153 LYS A CD  1 
ATOM   1218 C  CE  . LYS A 1 153 ? 14.387  -13.033 -9.005  1.00 26.18 ? 153 LYS A CE  1 
ATOM   1219 N  NZ  . LYS A 1 153 ? 14.155  -14.363 -8.419  1.00 29.00 ? 153 LYS A NZ  1 
ATOM   1220 N  N   . ILE A 1 154 ? 12.963  -9.133  -3.872  1.00 14.22 ? 154 ILE A N   1 
ATOM   1221 C  CA  . ILE A 1 154 ? 13.122  -7.770  -3.375  1.00 14.56 ? 154 ILE A CA  1 
ATOM   1222 C  C   . ILE A 1 154 ? 14.374  -7.190  -4.007  1.00 14.30 ? 154 ILE A C   1 
ATOM   1223 O  O   . ILE A 1 154 ? 15.454  -7.791  -3.923  1.00 14.53 ? 154 ILE A O   1 
ATOM   1224 C  CB  . ILE A 1 154 ? 13.283  -7.728  -1.837  1.00 15.21 ? 154 ILE A CB  1 
ATOM   1225 C  CG1 . ILE A 1 154 ? 12.155  -8.501  -1.131  1.00 17.53 ? 154 ILE A CG1 1 
ATOM   1226 C  CG2 . ILE A 1 154 ? 13.397  -6.284  -1.352  1.00 15.61 ? 154 ILE A CG2 1 
ATOM   1227 C  CD1 . ILE A 1 154 ? 10.758  -8.003  -1.421  1.00 19.37 ? 154 ILE A CD1 1 
ATOM   1228 N  N   . PHE A 1 155 ? 14.223  -6.030  -4.642  1.00 13.64 ? 155 PHE A N   1 
ATOM   1229 C  CA  . PHE A 1 155 ? 15.347  -5.314  -5.262  1.00 13.67 ? 155 PHE A CA  1 
ATOM   1230 C  C   . PHE A 1 155 ? 15.566  -3.959  -4.618  1.00 14.45 ? 155 PHE A C   1 
ATOM   1231 O  O   . PHE A 1 155 ? 14.622  -3.375  -4.095  1.00 15.15 ? 155 PHE A O   1 
ATOM   1232 C  CB  . PHE A 1 155 ? 15.074  -5.074  -6.747  1.00 13.00 ? 155 PHE A CB  1 
ATOM   1233 C  CG  . PHE A 1 155 ? 14.780  -6.317  -7.530  1.00 13.05 ? 155 PHE A CG  1 
ATOM   1234 C  CD1 . PHE A 1 155 ? 13.472  -6.668  -7.812  1.00 13.92 ? 155 PHE A CD1 1 
ATOM   1235 C  CD2 . PHE A 1 155 ? 15.802  -7.114  -8.020  1.00 15.51 ? 155 PHE A CD2 1 
ATOM   1236 C  CE1 . PHE A 1 155 ? 13.192  -7.785  -8.562  1.00 12.88 ? 155 PHE A CE1 1 
ATOM   1237 C  CE2 . PHE A 1 155 ? 15.507  -8.255  -8.768  1.00 17.27 ? 155 PHE A CE2 1 
ATOM   1238 C  CZ  . PHE A 1 155 ? 14.198  -8.582  -9.034  1.00 14.44 ? 155 PHE A CZ  1 
ATOM   1239 O  OXT . PHE A 1 155 ? 16.676  -3.402  -4.648  1.00 16.09 ? 155 PHE A OXT 1 
HETATM 1240 MG MG  . MG  B 2 .   ? -8.282  1.667   -1.200  1.00 15.63 ? 300 MG  A MG  1 
HETATM 1241 O  O   . HOH C 3 .   ? -1.405  17.582  1.271   1.00 16.26 ? 301 HOH A O   1 
HETATM 1242 O  O   . HOH C 3 .   ? -1.947  19.487  3.208   0.50 15.97 ? 302 HOH A O   1 
HETATM 1243 O  O   . HOH C 3 .   ? -3.183  -1.682  -4.278  1.00 14.64 ? 303 HOH A O   1 
HETATM 1244 O  O   . HOH C 3 .   ? -7.473  0.482   0.378   1.00 16.23 ? 304 HOH A O   1 
HETATM 1245 O  O   . HOH C 3 .   ? -4.311  0.305   -2.682  1.00 13.95 ? 305 HOH A O   1 
HETATM 1246 O  O   . HOH C 3 .   ? 4.860   10.453  -6.181  1.00 16.19 ? 306 HOH A O   1 
HETATM 1247 O  O   . HOH C 3 .   ? -11.439 3.335   4.839   1.00 17.81 ? 307 HOH A O   1 
HETATM 1248 O  O   . HOH C 3 .   ? 12.501  1.053   0.691   1.00 11.16 ? 308 HOH A O   1 
HETATM 1249 O  O   . HOH C 3 .   ? -4.223  12.467  2.644   1.00 16.82 ? 309 HOH A O   1 
HETATM 1250 O  O   . HOH C 3 .   ? -0.789  3.553   6.955   1.00 14.32 ? 310 HOH A O   1 
HETATM 1251 O  O   . HOH C 3 .   ? 4.332   -4.985  -18.088 1.00 18.44 ? 311 HOH A O   1 
HETATM 1252 O  O   . HOH C 3 .   ? -6.258  -9.189  13.739  1.00 22.85 ? 312 HOH A O   1 
HETATM 1253 O  O   . HOH C 3 .   ? 4.926   13.066  5.393   1.00 18.29 ? 313 HOH A O   1 
HETATM 1254 O  O   . HOH C 3 .   ? -7.726  15.931  6.935   1.00 18.82 ? 314 HOH A O   1 
HETATM 1255 O  O   . HOH C 3 .   ? -4.571  15.175  -3.916  1.00 15.45 ? 315 HOH A O   1 
HETATM 1256 O  O   . HOH C 3 .   ? -6.850  14.276  -7.837  1.00 15.88 ? 316 HOH A O   1 
HETATM 1257 O  O   . HOH C 3 .   ? -3.865  -12.464 14.749  1.00 24.23 ? 317 HOH A O   1 
HETATM 1258 O  O   . HOH C 3 .   ? -9.269  2.506   -2.852  1.00 17.99 ? 318 HOH A O   1 
HETATM 1259 O  O   . HOH C 3 .   ? -1.164  -2.804  1.711   1.00 20.39 ? 319 HOH A O   1 
HETATM 1260 O  O   . HOH C 3 .   ? 11.446  -7.528  2.664   1.00 24.35 ? 320 HOH A O   1 
HETATM 1261 O  O   . HOH C 3 .   ? 8.364   7.882   16.552  1.00 24.01 ? 321 HOH A O   1 
HETATM 1262 O  O   . HOH C 3 .   ? -1.717  -1.364  19.109  1.00 21.67 ? 322 HOH A O   1 
HETATM 1263 O  O   . HOH C 3 .   ? 5.672   -15.042 -7.972  1.00 17.15 ? 323 HOH A O   1 
HETATM 1264 O  O   . HOH C 3 .   ? -4.879  -0.542  -0.057  1.00 16.06 ? 324 HOH A O   1 
HETATM 1265 O  O   . HOH C 3 .   ? 7.278   5.583   15.356  1.00 19.82 ? 325 HOH A O   1 
HETATM 1266 O  O   . HOH C 3 .   ? 7.074   -14.175 2.127   1.00 26.09 ? 326 HOH A O   1 
HETATM 1267 O  O   . HOH C 3 .   ? 6.544   -4.033  13.261  1.00 28.61 ? 327 HOH A O   1 
HETATM 1268 O  O   . HOH C 3 .   ? -0.016  6.898   -6.720  1.00 19.23 ? 328 HOH A O   1 
HETATM 1269 O  O   . HOH C 3 .   ? -5.420  16.034  -9.479  1.00 23.61 ? 329 HOH A O   1 
HETATM 1270 O  O   . HOH C 3 .   ? -10.338 18.877  3.514   1.00 23.30 ? 330 HOH A O   1 
HETATM 1271 O  O   . HOH C 3 .   ? 4.265   12.120  12.947  1.00 21.75 ? 331 HOH A O   1 
HETATM 1272 O  O   . HOH C 3 .   ? -13.209 5.713   0.759   1.00 23.68 ? 332 HOH A O   1 
HETATM 1273 O  O   . HOH C 3 .   ? 14.834  -11.244 -3.051  1.00 19.32 ? 333 HOH A O   1 
HETATM 1274 O  O   . HOH C 3 .   ? 1.065   4.498   21.308  1.00 36.05 ? 334 HOH A O   1 
HETATM 1275 O  O   . HOH C 3 .   ? 13.778  -13.667 -3.197  1.00 20.73 ? 335 HOH A O   1 
HETATM 1276 O  O   . HOH C 3 .   ? -8.959  -10.278 12.312  1.00 26.77 ? 336 HOH A O   1 
HETATM 1277 O  O   . HOH C 3 .   ? -1.269  -5.979  -3.016  1.00 27.62 ? 337 HOH A O   1 
HETATM 1278 O  O   . HOH C 3 .   ? 0.420   13.476  20.759  1.00 32.23 ? 338 HOH A O   1 
HETATM 1279 O  O   . HOH C 3 .   ? -6.058  12.557  -18.115 1.00 39.11 ? 339 HOH A O   1 
HETATM 1280 O  O   . HOH C 3 .   ? -5.527  5.703   -14.322 1.00 21.69 ? 340 HOH A O   1 
HETATM 1281 O  O   . HOH C 3 .   ? 2.268   14.940  11.570  1.00 28.23 ? 341 HOH A O   1 
HETATM 1282 O  O   . HOH C 3 .   ? 7.697   -13.271 -15.085 1.00 30.70 ? 342 HOH A O   1 
HETATM 1283 O  O   . HOH C 3 .   ? 8.787   3.337   15.943  1.00 19.58 ? 343 HOH A O   1 
HETATM 1284 O  O   . HOH C 3 .   ? 17.968  -2.809  -7.140  1.00 23.53 ? 344 HOH A O   1 
HETATM 1285 O  O   . HOH C 3 .   ? -12.292 12.836  9.707   1.00 22.76 ? 345 HOH A O   1 
HETATM 1286 O  O   . HOH C 3 .   ? 9.814   -15.821 -1.816  1.00 24.20 ? 346 HOH A O   1 
HETATM 1287 O  O   . HOH C 3 .   ? -11.820 13.090  -2.939  1.00 21.86 ? 347 HOH A O   1 
HETATM 1288 O  O   . HOH C 3 .   ? 7.307   13.520  4.457   1.00 26.79 ? 348 HOH A O   1 
HETATM 1289 O  O   . HOH C 3 .   ? 9.162   3.324   4.460   1.00 34.26 ? 349 HOH A O   1 
HETATM 1290 O  O   . HOH C 3 .   ? -6.416  -8.357  -13.939 1.00 25.30 ? 350 HOH A O   1 
HETATM 1291 O  O   . HOH C 3 .   ? 16.274  1.697   -4.023  1.00 23.43 ? 351 HOH A O   1 
HETATM 1292 O  O   . HOH C 3 .   ? 15.604  -5.257  4.189   1.00 29.80 ? 352 HOH A O   1 
HETATM 1293 O  O   . HOH C 3 .   ? 10.035  2.579   13.676  1.00 25.84 ? 353 HOH A O   1 
HETATM 1294 O  O   . HOH C 3 .   ? 16.974  -7.881  -1.639  1.00 24.77 ? 354 HOH A O   1 
HETATM 1295 O  O   . HOH C 3 .   ? 3.474   15.964  -2.219  1.00 22.45 ? 355 HOH A O   1 
HETATM 1296 O  O   . HOH C 3 .   ? 1.330   17.519  -3.000  1.00 20.16 ? 356 HOH A O   1 
HETATM 1297 O  O   . HOH C 3 .   ? -9.462  5.564   -7.332  1.00 18.27 ? 357 HOH A O   1 
HETATM 1298 O  O   . HOH C 3 .   ? 1.658   -12.181 11.480  0.50 30.40 ? 358 HOH A O   1 
HETATM 1299 O  O   . HOH C 3 .   ? -3.116  17.329  -4.199  1.00 22.76 ? 359 HOH A O   1 
HETATM 1300 O  O   . HOH C 3 .   ? -6.478  16.159  -2.419  1.00 26.25 ? 360 HOH A O   1 
HETATM 1301 O  O   . HOH C 3 .   ? -0.388  -5.536  1.559   1.00 29.50 ? 361 HOH A O   1 
HETATM 1302 O  O   . HOH C 3 .   ? -5.712  -11.112 -13.982 1.00 24.86 ? 362 HOH A O   1 
HETATM 1303 O  O   . HOH C 3 .   ? -1.959  -3.294  -2.336  1.00 23.95 ? 363 HOH A O   1 
HETATM 1304 O  O   . HOH C 3 .   ? 12.987  3.079   -0.098  1.00 22.24 ? 364 HOH A O   1 
HETATM 1305 O  O   . HOH C 3 .   ? 12.996  -21.267 -3.140  1.00 27.76 ? 365 HOH A O   1 
HETATM 1306 O  O   . HOH C 3 .   ? -1.554  7.910   16.485  1.00 22.22 ? 366 HOH A O   1 
HETATM 1307 O  O   . HOH C 3 .   ? -11.799 -4.858  -22.429 1.00 21.54 ? 367 HOH A O   1 
HETATM 1308 O  O   . HOH C 3 .   ? -8.711  -1.179  11.355  1.00 23.20 ? 368 HOH A O   1 
HETATM 1309 O  O   . HOH C 3 .   ? -6.101  -11.126 15.655  1.00 26.41 ? 369 HOH A O   1 
HETATM 1310 O  O   . HOH C 3 .   ? -12.476 14.226  -0.818  1.00 26.36 ? 370 HOH A O   1 
HETATM 1311 O  O   . HOH C 3 .   ? -11.239 14.552  7.796   1.00 27.87 ? 371 HOH A O   1 
HETATM 1312 O  O   . HOH C 3 .   ? -0.528  12.439  17.533  1.00 24.12 ? 372 HOH A O   1 
HETATM 1313 O  O   . HOH C 3 .   ? -12.888 8.390   5.702   1.00 23.30 ? 373 HOH A O   1 
HETATM 1314 O  O   . HOH C 3 .   ? -6.807  15.586  -5.477  1.00 23.34 ? 374 HOH A O   1 
HETATM 1315 O  O   . HOH C 3 .   ? -3.272  -4.068  18.002  1.00 33.16 ? 375 HOH A O   1 
HETATM 1316 O  O   . HOH C 3 .   ? -5.571  18.754  1.149   1.00 27.56 ? 376 HOH A O   1 
HETATM 1317 O  O   . HOH C 3 .   ? -3.606  -9.922  -9.679  1.00 32.75 ? 377 HOH A O   1 
HETATM 1318 O  O   . HOH C 3 .   ? -3.351  -12.517 -14.214 1.00 26.46 ? 378 HOH A O   1 
HETATM 1319 O  O   . HOH C 3 .   ? 3.362   -10.907 6.526   1.00 23.26 ? 379 HOH A O   1 
HETATM 1320 O  O   . HOH C 3 .   ? 13.556  -2.637  6.610   1.00 26.97 ? 380 HOH A O   1 
HETATM 1321 O  O   . HOH C 3 .   ? 1.638   -7.427  0.739   1.00 21.10 ? 381 HOH A O   1 
HETATM 1322 O  O   . HOH C 3 .   ? 7.795   0.985   16.900  1.00 22.41 ? 382 HOH A O   1 
HETATM 1323 O  O   . HOH C 3 .   ? 15.658  -8.096  0.863   1.00 28.12 ? 383 HOH A O   1 
HETATM 1324 O  O   . HOH C 3 .   ? 13.783  -6.084  2.175   1.00 24.30 ? 384 HOH A O   1 
HETATM 1325 O  O   . HOH C 3 .   ? 4.610   -3.044  22.847  1.00 30.30 ? 385 HOH A O   1 
HETATM 1326 O  O   . HOH C 3 .   ? 5.376   0.901   18.203  1.00 24.90 ? 386 HOH A O   1 
HETATM 1327 O  O   . HOH C 3 .   ? -6.847  -2.090  15.368  1.00 37.46 ? 387 HOH A O   1 
HETATM 1328 O  O   . HOH C 3 .   ? 18.576  -9.401  -7.645  1.00 28.29 ? 388 HOH A O   1 
HETATM 1329 O  O   . HOH C 3 .   ? 15.465  2.979   -1.792  1.00 34.80 ? 389 HOH A O   1 
HETATM 1330 O  O   . HOH C 3 .   ? -11.460 9.193   15.110  1.00 35.56 ? 390 HOH A O   1 
HETATM 1331 O  O   . HOH C 3 .   ? 8.150   -5.732  8.586   1.00 24.30 ? 391 HOH A O   1 
HETATM 1332 O  O   . HOH C 3 .   ? 14.919  -1.307  -7.195  1.00 26.68 ? 392 HOH A O   1 
HETATM 1333 O  O   . HOH C 3 .   ? -6.057  -1.993  2.809   1.00 24.68 ? 393 HOH A O   1 
HETATM 1334 O  O   . HOH C 3 .   ? -17.740 5.847   3.138   1.00 30.85 ? 394 HOH A O   1 
HETATM 1335 O  O   . HOH C 3 .   ? -3.183  -14.659 10.316  1.00 31.64 ? 395 HOH A O   1 
HETATM 1336 O  O   . HOH C 3 .   ? -9.546  14.280  -8.289  1.00 32.22 ? 396 HOH A O   1 
HETATM 1337 O  O   . HOH C 3 .   ? -7.126  16.750  1.918   1.00 24.48 ? 397 HOH A O   1 
HETATM 1338 O  O   . HOH C 3 .   ? -8.971  16.312  -4.385  0.50 21.53 ? 398 HOH A O   1 
HETATM 1339 O  O   . HOH C 3 .   ? -7.621  15.039  -0.386  1.00 21.07 ? 399 HOH A O   1 
HETATM 1340 O  O   . HOH C 3 .   ? 10.366  2.850   19.689  1.00 17.11 ? 400 HOH A O   1 
HETATM 1341 O  O   . HOH C 3 .   ? -14.046 2.080   -5.075  1.00 20.27 ? 401 HOH A O   1 
HETATM 1342 O  O   . HOH C 3 .   ? -11.434 6.887   -5.613  1.00 23.31 ? 402 HOH A O   1 
HETATM 1343 O  O   . HOH C 3 .   ? -14.585 9.102   2.716   1.00 29.40 ? 403 HOH A O   1 
HETATM 1344 O  O   . HOH C 3 .   ? -1.701  -6.167  17.213  1.00 29.44 ? 404 HOH A O   1 
HETATM 1345 O  O   . HOH C 3 .   ? -12.528 11.447  4.351   1.00 28.10 ? 405 HOH A O   1 
HETATM 1346 O  O   . HOH C 3 .   ? 13.468  5.219   1.373   1.00 29.80 ? 406 HOH A O   1 
HETATM 1347 O  O   . HOH C 3 .   ? 9.461   0.352   18.861  1.00 23.43 ? 407 HOH A O   1 
HETATM 1348 O  O   . HOH C 3 .   ? -14.054 4.890   -4.573  1.00 24.34 ? 408 HOH A O   1 
HETATM 1349 O  O   . HOH C 3 .   ? -6.275  19.412  4.689   1.00 24.54 ? 409 HOH A O   1 
HETATM 1350 O  O   . HOH C 3 .   ? -10.269 15.967  -0.572  1.00 25.13 ? 410 HOH A O   1 
HETATM 1351 O  O   . HOH C 3 .   ? 9.448   -3.275  8.980   1.00 28.31 ? 411 HOH A O   1 
HETATM 1352 O  O   . HOH C 3 .   ? -10.696 15.851  10.336  1.00 26.21 ? 412 HOH A O   1 
HETATM 1353 O  O   . HOH C 3 .   ? 11.322  5.598   19.420  1.00 17.88 ? 413 HOH A O   1 
HETATM 1354 O  O   . HOH C 3 .   ? 7.780   0.249   21.170  1.00 30.08 ? 414 HOH A O   1 
HETATM 1355 O  O   . HOH C 3 .   ? 8.361   -1.210  15.260  1.00 30.01 ? 415 HOH A O   1 
HETATM 1356 O  O   . HOH C 3 .   ? 5.632   -14.646 -0.907  1.00 25.67 ? 416 HOH A O   1 
HETATM 1357 O  O   . HOH C 3 .   ? 5.186   -10.192 17.420  1.00 30.95 ? 417 HOH A O   1 
HETATM 1358 O  O   . HOH C 3 .   ? 6.177   2.303   20.538  1.00 28.55 ? 418 HOH A O   1 
HETATM 1359 O  O   . HOH C 3 .   ? 16.531  -0.621  -5.125  1.00 26.16 ? 419 HOH A O   1 
HETATM 1360 O  O   . HOH C 3 .   ? -3.318  16.816  -12.216 1.00 30.29 ? 420 HOH A O   1 
HETATM 1361 O  O   . HOH C 3 .   ? 2.228   13.130  14.622  1.00 30.13 ? 421 HOH A O   1 
HETATM 1362 O  O   . HOH C 3 .   ? 7.474   17.285  -1.861  1.00 30.63 ? 422 HOH A O   1 
HETATM 1363 O  O   . HOH C 3 .   ? 2.505   -12.509 19.320  1.00 33.72 ? 423 HOH A O   1 
HETATM 1364 O  O   . HOH C 3 .   ? 1.779   -4.270  -18.659 1.00 27.78 ? 424 HOH A O   1 
HETATM 1365 O  O   . HOH C 3 .   ? -9.745  9.650   -19.295 1.00 36.73 ? 425 HOH A O   1 
HETATM 1366 O  O   . HOH C 3 .   ? 17.617  -8.689  -5.269  1.00 27.57 ? 426 HOH A O   1 
HETATM 1367 O  O   . HOH C 3 .   ? 9.317   -9.905  6.761   1.00 42.49 ? 427 HOH A O   1 
HETATM 1368 O  O   . HOH C 3 .   ? -11.644 1.495   13.772  1.00 32.39 ? 428 HOH A O   1 
HETATM 1369 O  O   . HOH C 3 .   ? 7.232   10.836  5.325   1.00 42.64 ? 429 HOH A O   1 
HETATM 1370 O  O   . HOH C 3 .   ? -11.058 14.482  -5.504  1.00 38.29 ? 430 HOH A O   1 
HETATM 1371 O  O   . HOH C 3 .   ? -0.974  -13.260 12.141  1.00 29.09 ? 431 HOH A O   1 
HETATM 1372 O  O   . HOH C 3 .   ? 10.923  5.273   4.761   1.00 32.96 ? 432 HOH A O   1 
HETATM 1373 O  O   . HOH C 3 .   ? -9.311  3.429   -5.221  1.00 15.76 ? 433 HOH A O   1 
HETATM 1374 O  O   . HOH C 3 .   ? -15.988 0.658   7.262   1.00 36.43 ? 434 HOH A O   1 
HETATM 1375 O  O   . HOH C 3 .   ? -12.768 16.401  14.411  1.00 30.23 ? 435 HOH A O   1 
HETATM 1376 O  O   . HOH C 3 .   ? -2.798  2.061   -16.379 1.00 29.40 ? 436 HOH A O   1 
HETATM 1377 O  O   . HOH C 3 .   ? -8.738  0.830   -4.606  1.00 21.79 ? 437 HOH A O   1 
HETATM 1378 O  O   . HOH C 3 .   ? -6.587  18.120  8.328   1.00 46.77 ? 438 HOH A O   1 
HETATM 1379 O  O   . HOH C 3 .   ? 2.103   18.025  0.554   1.00 29.81 ? 439 HOH A O   1 
HETATM 1380 O  O   . HOH C 3 .   ? -0.109  -12.047 19.975  1.00 45.45 ? 440 HOH A O   1 
HETATM 1381 O  O   . HOH C 3 .   ? 9.291   15.093  7.328   1.00 53.16 ? 441 HOH A O   1 
HETATM 1382 O  O   . HOH C 3 .   ? 7.698   10.146  19.735  1.00 28.43 ? 442 HOH A O   1 
HETATM 1383 O  O   . HOH C 3 .   ? -5.176  1.706   -13.536 1.00 29.10 ? 443 HOH A O   1 
HETATM 1384 O  O   . HOH C 3 .   ? 10.316  7.820   3.828   1.00 35.80 ? 444 HOH A O   1 
HETATM 1385 O  O   . HOH C 3 .   ? -11.957 12.095  -7.305  1.00 41.96 ? 445 HOH A O   1 
HETATM 1386 O  O   . HOH C 3 .   ? -12.967 10.353  -5.506  1.00 30.64 ? 446 HOH A O   1 
HETATM 1387 O  O   . HOH C 3 .   ? -1.547  -12.722 9.810   1.00 28.27 ? 447 HOH A O   1 
HETATM 1388 O  O   . HOH C 3 .   ? -4.109  -13.056 7.914   1.00 29.74 ? 448 HOH A O   1 
HETATM 1389 O  O   . HOH C 3 .   ? -6.229  2.443   -11.340 1.00 48.22 ? 449 HOH A O   1 
HETATM 1390 O  O   . HOH C 3 .   ? -9.150  17.276  13.037  1.00 30.72 ? 450 HOH A O   1 
HETATM 1391 O  O   . HOH C 3 .   ? -10.107 -16.462 -14.373 1.00 31.59 ? 451 HOH A O   1 
HETATM 1392 O  O   . HOH C 3 .   ? -1.175  -3.154  -20.368 1.00 29.86 ? 452 HOH A O   1 
HETATM 1393 O  O   . HOH C 3 .   ? -6.973  15.655  -11.574 1.00 39.89 ? 453 HOH A O   1 
HETATM 1394 O  O   . HOH C 3 .   ? -1.342  20.891  8.874   1.00 35.02 ? 454 HOH A O   1 
HETATM 1395 O  O   . HOH C 3 .   ? -10.432 -2.977  12.312  1.00 33.60 ? 455 HOH A O   1 
HETATM 1396 O  O   . HOH C 3 .   ? -5.358  -3.176  -4.838  1.00 28.00 ? 456 HOH A O   1 
HETATM 1397 O  O   . HOH C 3 .   ? 4.917   -19.794 -3.988  1.00 33.99 ? 457 HOH A O   1 
HETATM 1398 O  O   . HOH C 3 .   ? 15.201  -4.555  6.590   1.00 41.91 ? 458 HOH A O   1 
HETATM 1399 O  O   . HOH C 3 .   ? -1.084  -6.836  19.720  1.00 44.39 ? 459 HOH A O   1 
HETATM 1400 O  O   . HOH C 3 .   ? 0.323   -9.982  -2.225  1.00 31.19 ? 460 HOH A O   1 
HETATM 1401 O  O   . HOH C 3 .   ? -15.197 -0.107  -3.929  1.00 38.69 ? 461 HOH A O   1 
HETATM 1402 O  O   . HOH C 3 .   ? -6.979  -6.923  15.472  1.00 42.63 ? 462 HOH A O   1 
HETATM 1403 O  O   . HOH C 3 .   ? -10.012 0.660   -0.723  1.00 21.82 ? 463 HOH A O   1 
HETATM 1404 O  O   . HOH C 3 .   ? -5.730  -3.858  16.881  1.00 40.71 ? 464 HOH A O   1 
HETATM 1405 O  O   . HOH C 3 .   ? -0.448  -12.992 -12.024 1.00 32.96 ? 465 HOH A O   1 
HETATM 1406 O  O   . HOH C 3 .   ? -4.843  9.989   -18.793 1.00 32.67 ? 466 HOH A O   1 
HETATM 1407 O  O   . HOH C 3 .   ? -1.514  -9.422  -0.296  1.00 31.10 ? 467 HOH A O   1 
HETATM 1408 O  O   . HOH C 3 .   ? 7.596   -5.649  15.480  1.00 38.07 ? 468 HOH A O   1 
HETATM 1409 O  O   . HOH C 3 .   ? -10.099 15.212  -10.589 1.00 30.61 ? 469 HOH A O   1 
HETATM 1410 O  O   . HOH C 3 .   ? 2.195   -22.652 -17.813 1.00 35.68 ? 470 HOH A O   1 
HETATM 1411 O  O   . HOH C 3 .   ? -8.021  -12.380 -18.134 1.00 40.61 ? 471 HOH A O   1 
HETATM 1412 O  O   . HOH C 3 .   ? 4.413   -21.953 -16.381 1.00 51.10 ? 472 HOH A O   1 
HETATM 1413 O  O   . HOH C 3 .   ? 9.803   5.555   11.395  1.00 31.92 ? 473 HOH A O   1 
HETATM 1414 O  O   . HOH C 3 .   ? -3.382  9.014   -17.068 1.00 35.97 ? 474 HOH A O   1 
HETATM 1415 O  O   . HOH C 3 .   ? 5.700   -5.464  23.929  1.00 45.14 ? 475 HOH A O   1 
HETATM 1416 O  O   . HOH C 3 .   ? -4.309  -7.700  17.570  1.00 42.56 ? 476 HOH A O   1 
HETATM 1417 O  O   . HOH C 3 .   ? -7.334  -12.823 -15.483 1.00 31.35 ? 477 HOH A O   1 
HETATM 1418 O  O   . HOH C 3 .   ? 17.955  -3.637  3.505   1.00 36.15 ? 478 HOH A O   1 
HETATM 1419 O  O   . HOH C 3 .   ? 9.519   9.679   5.622   1.00 41.86 ? 479 HOH A O   1 
HETATM 1420 O  O   . HOH C 3 .   ? -14.635 12.303  14.035  1.00 38.70 ? 480 HOH A O   1 
HETATM 1421 O  O   . HOH C 3 .   ? 9.649   17.268  -0.215  1.00 41.74 ? 481 HOH A O   1 
HETATM 1422 O  O   . HOH C 3 .   ? -3.199  20.126  7.171   1.00 41.46 ? 482 HOH A O   1 
HETATM 1423 O  O   . HOH C 3 .   ? 11.244  -0.202  10.392  1.00 35.99 ? 483 HOH A O   1 
HETATM 1424 O  O   . HOH C 3 .   ? -11.053 5.963   -1.079  1.00 19.41 ? 484 HOH A O   1 
HETATM 1425 O  O   . HOH C 3 .   ? -4.262  -0.785  -19.231 1.00 38.02 ? 485 HOH A O   1 
HETATM 1426 O  O   . HOH C 3 .   ? -5.084  -7.178  -6.402  1.00 38.19 ? 486 HOH A O   1 
HETATM 1427 O  O   . HOH C 3 .   ? 12.595  -19.587 -14.235 1.00 40.50 ? 487 HOH A O   1 
HETATM 1428 O  O   . HOH C 3 .   ? -10.145 4.311   -1.911  1.00 9.92  ? 488 HOH A O   1 
HETATM 1429 O  O   . HOH C 3 .   ? 5.155   -13.973 -15.512 1.00 44.31 ? 489 HOH A O   1 
HETATM 1430 O  O   . HOH C 3 .   ? -6.178  -12.388 6.481   1.00 38.94 ? 490 HOH A O   1 
HETATM 1431 O  O   . HOH C 3 .   ? 17.917  -8.415  2.603   1.00 46.89 ? 491 HOH A O   1 
HETATM 1432 O  O   . HOH C 3 .   ? -8.661  -11.459 7.224   1.00 40.79 ? 492 HOH A O   1 
HETATM 1433 O  O   . HOH C 3 .   ? -2.426  -9.542  -3.405  1.00 44.94 ? 493 HOH A O   1 
HETATM 1434 O  O   . HOH C 3 .   ? -4.635  -10.174 -6.883  1.00 44.29 ? 494 HOH A O   1 
HETATM 1435 O  O   . HOH C 3 .   ? -7.010  17.700  14.498  1.00 35.76 ? 495 HOH A O   1 
HETATM 1436 O  O   . HOH C 3 .   ? 0.658   -13.821 -14.265 1.00 45.24 ? 496 HOH A O   1 
HETATM 1437 O  O   . HOH C 3 .   ? -13.910 12.759  0.128   1.00 48.63 ? 497 HOH A O   1 
HETATM 1438 O  O   . HOH C 3 .   ? 12.801  3.897   3.504   1.00 37.76 ? 498 HOH A O   1 
HETATM 1439 O  O   . HOH C 3 .   ? -13.214 10.702  6.680   1.00 43.13 ? 499 HOH A O   1 
HETATM 1440 O  O   . HOH C 3 .   ? -8.827  17.602  -11.212 1.00 54.86 ? 500 HOH A O   1 
HETATM 1441 O  O   . HOH C 3 .   ? -1.225  17.760  12.570  1.00 41.31 ? 501 HOH A O   1 
HETATM 1442 O  O   . HOH C 3 .   ? 0.531   14.994  13.596  1.00 48.10 ? 502 HOH A O   1 
HETATM 1443 O  O   . HOH C 3 .   ? -5.667  -5.818  -2.189  1.00 54.53 ? 503 HOH A O   1 
HETATM 1444 O  O   . HOH C 3 .   ? -11.431 7.855   -7.980  1.00 49.09 ? 504 HOH A O   1 
HETATM 1445 O  O   . HOH C 3 .   ? -12.320 -4.835  -25.186 1.00 40.09 ? 505 HOH A O   1 
HETATM 1446 O  O   . HOH C 3 .   ? -2.160  -6.534  0.168   1.00 33.44 ? 506 HOH A O   1 
HETATM 1447 O  O   . HOH C 3 .   ? -2.891  -12.307 -10.816 1.00 59.14 ? 507 HOH A O   1 
HETATM 1448 O  O   . HOH C 3 .   ? -11.236 4.806   -3.651  1.00 18.21 ? 508 HOH A O   1 
HETATM 1449 O  O   . HOH C 3 .   ? -13.348 7.421   -4.072  1.00 34.65 ? 509 HOH A O   1 
HETATM 1450 O  O   . HOH C 3 .   ? 16.123  5.739   0.737   1.00 40.25 ? 510 HOH A O   1 
HETATM 1451 O  O   . HOH C 3 .   ? -13.751 13.713  -8.316  1.00 47.88 ? 511 HOH A O   1 
HETATM 1452 O  O   . HOH C 3 .   ? -10.046 11.575  -17.376 1.00 59.66 ? 512 HOH A O   1 
HETATM 1453 O  O   . HOH C 3 .   ? -6.501  10.742  14.387  1.00 13.57 ? 513 HOH A O   1 
HETATM 1454 O  O   . HOH C 3 .   ? -2.445  -13.386 -3.004  1.00 54.97 ? 514 HOH A O   1 
HETATM 1455 O  O   . HOH C 3 .   ? -11.928 -0.072  -2.596  1.00 33.84 ? 515 HOH A O   1 
HETATM 1456 O  O   . HOH C 3 .   ? 13.931  -15.215 -12.439 1.00 40.10 ? 516 HOH A O   1 
HETATM 1457 O  O   . HOH C 3 .   ? 8.117   -21.375 -10.018 1.00 46.06 ? 517 HOH A O   1 
HETATM 1458 O  O   . HOH C 3 .   ? -10.237 -1.800  0.814   1.00 39.94 ? 518 HOH A O   1 
HETATM 1459 O  O   . HOH C 3 .   ? -11.474 -13.338 3.024   1.00 66.96 ? 519 HOH A O   1 
HETATM 1460 O  O   . HOH C 3 .   ? -1.291  -2.749  21.420  1.00 48.00 ? 520 HOH A O   1 
HETATM 1461 O  O   . HOH C 3 .   ? 20.923  -6.687  0.618   1.00 43.04 ? 521 HOH A O   1 
HETATM 1462 O  O   . HOH C 3 .   ? 8.688   18.850  3.446   1.00 75.72 ? 522 HOH A O   1 
HETATM 1463 O  O   . HOH C 3 .   ? -7.069  19.173  -12.423 1.00 50.18 ? 523 HOH A O   1 
HETATM 1464 O  O   . HOH C 3 .   ? 6.371   -4.695  10.626  1.00 93.23 ? 524 HOH A O   1 
HETATM 1465 O  O   . HOH C 3 .   ? -7.458  0.169   -2.499  1.00 19.13 ? 525 HOH A O   1 
HETATM 1466 O  O   . HOH C 3 .   ? 12.372  -12.734 -11.819 1.00 32.61 ? 526 HOH A O   1 
HETATM 1467 O  O   . HOH C 3 .   ? 6.662   20.810  1.501   1.00 94.34 ? 527 HOH A O   1 
# 
